data_4G5E
#
_entry.id   4G5E
#
_cell.length_a   107.072
_cell.length_b   180.050
_cell.length_c   110.197
_cell.angle_alpha   90.00
_cell.angle_beta   97.87
_cell.angle_gamma   90.00
#
_symmetry.space_group_name_H-M   'C 1 2 1'
#
loop_
_entity.id
_entity.type
_entity.pdbx_description
1 polymer '2,4,6-Trichlorophenol 4-monooxygenase'
2 water water
#
_entity_poly.entity_id   1
_entity_poly.type   'polypeptide(L)'
_entity_poly.pdbx_seq_one_letter_code
;MIRTGKQYLESLNDGRNVWVGNEKIDNVATHPKTRDYAQRHADFYDLHHRPDLQDVMTFVDKDGERRTMQWFGHYDKEQL
RRKRKYHETIMREMAGASFPRTPDVNNYVLQTYIDDPSPWETQTIGAEGKVKAKNIVDFVNFAKKHDLNCAPQFVDPQMD
RSNPDAQQRSPGLRVIEKNDKGIVVSGVKAIGTGVAFADWIHIGVFFRPGIPGDQIIFAATPVNTPGVTIVCRESVVKED
PIEHPLASQGDELDGMTVFDNVFIPWSHVFHLGNPEHAKLYPQRVFDWLHYHALIRQSVRAELMAGLAILITEHIGTNKI
PAVQTRVAKLIGFHQAMLAHIVASEELGFHTPGGAYKPNILIYDFGRALYLENFSQMIYELVDLSGRSALIFASEDQWND
EALNGWFERMNNGPVGQPHDRVKIGRVIRDLFLTDWGNRLFVFENFNGTPLQAIRMLTMQRAEFSAAGPYGTLARKVCGI
ELTEGHDSEYKATAGYAQALDSARHQEKLALSGTMTV
;
_entity_poly.pdbx_strand_id   A,B,C,D
#
# COMPACT_ATOMS: atom_id res chain seq x y z
N ILE A 2 63.47 6.72 -11.21
CA ILE A 2 64.66 6.11 -10.61
C ILE A 2 64.80 6.38 -9.09
N ARG A 3 64.40 7.57 -8.63
CA ARG A 3 64.44 7.92 -7.20
C ARG A 3 63.69 6.93 -6.32
N THR A 4 64.19 6.67 -5.12
CA THR A 4 63.55 5.71 -4.22
C THR A 4 62.99 6.41 -2.98
N GLY A 5 62.02 5.76 -2.33
CA GLY A 5 61.52 6.24 -1.06
C GLY A 5 62.62 6.46 -0.04
N LYS A 6 63.63 5.59 -0.05
CA LYS A 6 64.78 5.69 0.84
C LYS A 6 65.55 7.00 0.64
N GLN A 7 65.90 7.28 -0.60
CA GLN A 7 66.54 8.56 -0.94
C GLN A 7 65.66 9.72 -0.48
N TYR A 8 64.38 9.62 -0.81
CA TYR A 8 63.42 10.66 -0.42
C TYR A 8 63.40 10.86 1.09
N LEU A 9 63.21 9.77 1.83
CA LEU A 9 63.23 9.86 3.29
C LEU A 9 64.54 10.49 3.79
N GLU A 10 65.67 10.02 3.27
CA GLU A 10 66.97 10.66 3.48
C GLU A 10 66.93 12.18 3.33
N SER A 11 66.41 12.65 2.21
CA SER A 11 66.43 14.06 1.87
C SER A 11 65.63 14.90 2.86
N LEU A 12 64.68 14.26 3.54
CA LEU A 12 63.83 14.97 4.50
C LEU A 12 64.63 15.68 5.59
N ASN A 13 65.75 15.08 5.98
CA ASN A 13 66.49 15.60 7.12
C ASN A 13 67.57 16.58 6.65
N ASP A 14 67.14 17.81 6.37
CA ASP A 14 67.95 18.77 5.63
C ASP A 14 67.96 20.18 6.27
N GLY A 15 67.64 20.25 7.55
CA GLY A 15 67.63 21.52 8.26
C GLY A 15 66.35 22.33 8.18
N ARG A 16 65.44 21.96 7.26
CA ARG A 16 64.23 22.73 7.00
C ARG A 16 63.51 23.13 8.29
N ASN A 17 62.95 24.34 8.28
CA ASN A 17 62.37 24.93 9.48
C ASN A 17 60.85 24.81 9.52
N VAL A 18 60.35 23.89 10.33
CA VAL A 18 58.94 23.48 10.27
C VAL A 18 58.26 23.46 11.62
N TRP A 19 57.11 24.15 11.72
CA TRP A 19 56.21 24.01 12.87
C TRP A 19 55.05 23.11 12.43
N VAL A 20 54.64 22.21 13.31
CA VAL A 20 53.39 21.49 13.15
C VAL A 20 52.71 21.67 14.48
N GLY A 21 51.64 22.45 14.49
CA GLY A 21 50.99 22.86 15.72
C GLY A 21 51.97 23.61 16.63
N ASN A 22 51.92 23.28 17.91
CA ASN A 22 52.79 23.94 18.87
C ASN A 22 54.22 23.42 18.82
N GLU A 23 54.50 22.53 17.89
CA GLU A 23 55.81 21.90 17.90
C GLU A 23 56.72 22.16 16.69
N LYS A 24 58.01 22.21 16.97
CA LYS A 24 59.06 22.29 15.97
C LYS A 24 59.40 20.87 15.58
N ILE A 25 59.64 20.65 14.29
CA ILE A 25 59.93 19.31 13.83
C ILE A 25 61.40 19.17 13.47
N ASP A 26 62.08 18.29 14.18
CA ASP A 26 63.51 18.08 14.02
C ASP A 26 63.80 17.39 12.70
N ASN A 27 63.02 16.36 12.41
CA ASN A 27 63.18 15.54 11.22
C ASN A 27 61.81 15.03 10.82
N VAL A 28 61.32 15.54 9.68
CA VAL A 28 59.99 15.23 9.18
C VAL A 28 59.81 13.73 8.90
N ALA A 29 60.89 13.04 8.58
CA ALA A 29 60.78 11.62 8.25
C ALA A 29 60.52 10.73 9.47
N THR A 30 60.86 11.20 10.66
CA THR A 30 60.82 10.32 11.83
C THR A 30 59.92 10.82 12.95
N HIS A 31 59.63 12.11 12.92
CA HIS A 31 58.78 12.68 13.97
C HIS A 31 57.38 12.05 13.88
N PRO A 32 56.81 11.69 15.05
CA PRO A 32 55.52 10.99 15.20
C PRO A 32 54.34 11.74 14.56
N LYS A 33 54.48 13.04 14.37
CA LYS A 33 53.39 13.83 13.84
C LYS A 33 53.39 13.85 12.30
N THR A 34 54.53 13.47 11.71
CA THR A 34 54.75 13.67 10.28
C THR A 34 55.25 12.42 9.55
N ARG A 35 55.68 11.42 10.31
CA ARG A 35 56.37 10.29 9.72
C ARG A 35 55.48 9.46 8.79
N ASP A 36 54.22 9.29 9.18
CA ASP A 36 53.30 8.49 8.37
C ASP A 36 53.04 9.13 7.00
N TYR A 37 52.67 10.41 7.00
CA TYR A 37 52.47 11.02 5.72
C TYR A 37 53.77 11.01 4.89
N ALA A 38 54.92 11.17 5.53
CA ALA A 38 56.20 11.11 4.82
C ALA A 38 56.42 9.74 4.19
N GLN A 39 56.06 8.68 4.90
CA GLN A 39 56.15 7.33 4.39
C GLN A 39 55.22 7.11 3.18
N ARG A 40 54.08 7.82 3.15
CA ARG A 40 53.18 7.77 2.01
C ARG A 40 53.85 8.31 0.76
N HIS A 41 54.61 9.40 0.92
CA HIS A 41 55.41 9.91 -0.21
C HIS A 41 56.55 8.95 -0.58
N ALA A 42 57.08 8.26 0.43
CA ALA A 42 58.06 7.20 0.19
C ALA A 42 57.38 6.15 -0.67
N ASP A 43 56.17 5.75 -0.28
CA ASP A 43 55.47 4.70 -0.99
C ASP A 43 55.23 5.10 -2.46
N PHE A 44 55.03 6.39 -2.67
CA PHE A 44 54.79 6.95 -4.01
C PHE A 44 55.98 6.64 -4.93
N TYR A 45 57.18 6.96 -4.47
CA TYR A 45 58.39 6.68 -5.25
C TYR A 45 58.56 5.18 -5.47
N ASP A 46 58.41 4.40 -4.40
CA ASP A 46 58.52 2.94 -4.48
C ASP A 46 57.58 2.32 -5.53
N LEU A 47 56.39 2.87 -5.63
CA LEU A 47 55.36 2.35 -6.50
C LEU A 47 55.75 2.41 -7.97
N HIS A 48 56.68 3.32 -8.28
CA HIS A 48 57.21 3.48 -9.63
C HIS A 48 58.30 2.43 -9.96
N HIS A 49 58.69 1.64 -8.96
CA HIS A 49 59.71 0.63 -9.16
C HIS A 49 59.06 -0.74 -9.15
N ARG A 50 57.74 -0.76 -9.00
CA ARG A 50 57.02 -2.02 -9.03
C ARG A 50 57.01 -2.62 -10.45
N PRO A 51 57.65 -3.79 -10.61
CA PRO A 51 57.90 -4.38 -11.93
C PRO A 51 56.62 -4.57 -12.73
N ASP A 52 55.58 -5.05 -12.08
CA ASP A 52 54.28 -5.19 -12.74
C ASP A 52 53.62 -3.85 -13.09
N LEU A 53 54.24 -2.73 -12.71
CA LEU A 53 53.62 -1.41 -12.93
C LEU A 53 54.40 -0.52 -13.88
N GLN A 54 55.55 -1.00 -14.34
CA GLN A 54 56.44 -0.20 -15.17
C GLN A 54 55.74 0.34 -16.43
N ASP A 55 54.81 -0.45 -16.95
CA ASP A 55 54.01 -0.07 -18.09
C ASP A 55 53.29 1.25 -17.82
N VAL A 56 52.74 1.36 -16.60
CA VAL A 56 51.90 2.49 -16.24
C VAL A 56 52.68 3.63 -15.57
N MET A 57 53.67 3.27 -14.75
CA MET A 57 54.33 4.25 -13.90
C MET A 57 55.45 5.00 -14.59
N THR A 58 56.05 4.38 -15.61
CA THR A 58 57.23 4.94 -16.25
C THR A 58 57.14 4.95 -17.77
N PHE A 59 58.02 5.76 -18.37
CA PHE A 59 58.15 5.81 -19.81
C PHE A 59 59.62 6.11 -20.13
N VAL A 60 59.98 6.04 -21.41
CA VAL A 60 61.36 6.28 -21.85
C VAL A 60 61.51 7.62 -22.59
N ASP A 61 62.29 8.52 -22.00
CA ASP A 61 62.50 9.87 -22.53
C ASP A 61 63.20 9.84 -23.89
N LYS A 62 63.35 11.01 -24.52
CA LYS A 62 63.99 11.12 -25.82
C LYS A 62 65.45 10.65 -25.73
N ASP A 63 66.10 11.06 -24.66
CA ASP A 63 67.51 10.75 -24.41
C ASP A 63 67.73 9.28 -24.07
N GLY A 64 66.67 8.47 -24.19
CA GLY A 64 66.74 7.06 -23.86
C GLY A 64 66.57 6.74 -22.38
N GLU A 65 66.58 7.76 -21.54
CA GLU A 65 66.49 7.54 -20.10
C GLU A 65 65.07 7.16 -19.68
N ARG A 66 64.95 6.26 -18.70
CA ARG A 66 63.63 5.99 -18.11
C ARG A 66 63.25 7.10 -17.11
N ARG A 67 62.01 7.56 -17.16
CA ARG A 67 61.52 8.55 -16.21
C ARG A 67 60.13 8.19 -15.69
N THR A 68 59.73 8.81 -14.58
CA THR A 68 58.39 8.56 -14.02
C THR A 68 57.35 9.30 -14.84
N MET A 69 56.15 8.74 -14.91
CA MET A 69 55.09 9.27 -15.75
C MET A 69 54.60 10.66 -15.33
N GLN A 70 54.99 11.13 -14.15
CA GLN A 70 54.60 12.45 -13.70
C GLN A 70 55.30 13.58 -14.48
N TRP A 71 56.25 13.23 -15.35
CA TRP A 71 56.93 14.21 -16.20
C TRP A 71 56.52 14.03 -17.68
N PHE A 72 55.56 13.15 -17.89
CA PHE A 72 55.15 12.76 -19.24
C PHE A 72 54.21 13.75 -19.97
N GLY A 73 54.69 14.37 -21.04
CA GLY A 73 53.83 15.15 -21.92
C GLY A 73 52.92 14.29 -22.80
N HIS A 74 51.65 14.68 -22.87
CA HIS A 74 50.66 14.02 -23.73
C HIS A 74 50.25 14.95 -24.89
N TYR A 75 50.38 14.45 -26.12
CA TYR A 75 50.14 15.29 -27.29
C TYR A 75 48.87 14.93 -28.04
N ASP A 76 48.28 13.79 -27.69
CA ASP A 76 46.98 13.44 -28.24
C ASP A 76 46.08 12.85 -27.14
N LYS A 77 44.85 12.52 -27.52
CA LYS A 77 43.85 12.02 -26.59
C LYS A 77 44.29 10.76 -25.85
N GLU A 78 44.84 9.81 -26.58
CA GLU A 78 45.21 8.52 -26.03
C GLU A 78 46.39 8.65 -25.05
N GLN A 79 47.22 9.67 -25.25
CA GLN A 79 48.34 9.93 -24.35
C GLN A 79 47.82 10.60 -23.09
N LEU A 80 46.86 11.51 -23.29
CA LEU A 80 46.14 12.12 -22.19
C LEU A 80 45.58 11.01 -21.28
N ARG A 81 44.84 10.07 -21.87
CA ARG A 81 44.26 8.97 -21.12
C ARG A 81 45.34 8.09 -20.45
N ARG A 82 46.52 8.02 -21.06
CA ARG A 82 47.65 7.34 -20.40
C ARG A 82 48.06 8.06 -19.11
N LYS A 83 48.03 9.39 -19.17
CA LYS A 83 48.40 10.21 -18.02
C LYS A 83 47.39 10.01 -16.88
N ARG A 84 46.11 9.98 -17.23
CA ARG A 84 45.06 9.78 -16.24
C ARG A 84 45.12 8.39 -15.62
N LYS A 85 45.45 7.39 -16.42
CA LYS A 85 45.56 6.02 -15.93
C LYS A 85 46.67 5.96 -14.88
N TYR A 86 47.76 6.69 -15.14
CA TYR A 86 48.81 6.88 -14.15
C TYR A 86 48.30 7.55 -12.85
N HIS A 87 47.65 8.70 -12.95
CA HIS A 87 47.17 9.40 -11.76
C HIS A 87 46.18 8.57 -10.95
N GLU A 88 45.26 7.91 -11.67
CA GLU A 88 44.28 7.02 -11.04
C GLU A 88 44.92 5.87 -10.28
N THR A 89 45.91 5.24 -10.91
CA THR A 89 46.57 4.08 -10.35
C THR A 89 47.17 4.48 -9.02
N ILE A 90 47.83 5.62 -9.02
CA ILE A 90 48.43 6.14 -7.81
C ILE A 90 47.37 6.34 -6.74
N MET A 91 46.32 7.08 -7.07
CA MET A 91 45.35 7.41 -6.03
C MET A 91 44.52 6.20 -5.62
N ARG A 92 44.41 5.23 -6.52
CA ARG A 92 43.77 3.97 -6.18
C ARG A 92 44.57 3.12 -5.18
N GLU A 93 45.89 3.15 -5.28
CA GLU A 93 46.74 2.42 -4.35
C GLU A 93 46.80 3.13 -2.99
N MET A 94 46.68 4.45 -2.99
CA MET A 94 46.92 5.19 -1.76
C MET A 94 45.66 5.63 -1.03
N ALA A 95 44.97 4.67 -0.41
CA ALA A 95 43.88 4.96 0.52
C ALA A 95 42.69 5.61 -0.18
N GLY A 96 42.38 5.14 -1.38
CA GLY A 96 41.30 5.70 -2.16
C GLY A 96 41.30 7.22 -2.18
N ALA A 97 42.28 7.79 -2.89
CA ALA A 97 42.36 9.24 -3.09
C ALA A 97 42.33 10.08 -1.82
N SER A 98 42.80 9.52 -0.71
CA SER A 98 42.84 10.27 0.53
C SER A 98 43.94 11.35 0.55
N PHE A 99 44.91 11.25 -0.34
CA PHE A 99 46.00 12.21 -0.38
C PHE A 99 46.08 12.96 -1.69
N PRO A 100 45.34 14.06 -1.79
CA PRO A 100 45.17 14.85 -3.03
C PRO A 100 46.41 15.60 -3.49
N ARG A 101 47.47 15.68 -2.71
CA ARG A 101 48.64 16.40 -3.19
C ARG A 101 49.92 15.56 -3.21
N THR A 102 49.84 14.37 -3.78
CA THR A 102 51.05 13.61 -4.02
C THR A 102 51.87 14.40 -5.05
N PRO A 103 53.15 14.04 -5.23
CA PRO A 103 53.99 14.90 -6.08
C PRO A 103 53.53 14.93 -7.54
N ASP A 104 52.89 13.85 -8.00
CA ASP A 104 52.40 13.83 -9.39
C ASP A 104 51.42 14.99 -9.62
N VAL A 105 50.71 15.39 -8.59
CA VAL A 105 49.75 16.48 -8.71
C VAL A 105 50.51 17.81 -8.64
N ASN A 106 51.31 17.97 -7.59
CA ASN A 106 52.18 19.13 -7.46
C ASN A 106 52.97 19.47 -8.72
N ASN A 107 53.56 18.47 -9.37
CA ASN A 107 54.47 18.72 -10.48
C ASN A 107 53.78 18.80 -11.84
N TYR A 108 52.54 18.32 -11.90
CA TYR A 108 51.78 18.28 -13.16
C TYR A 108 51.71 19.67 -13.76
N VAL A 109 51.54 20.61 -12.86
CA VAL A 109 51.34 22.01 -13.16
C VAL A 109 52.51 22.61 -13.96
N LEU A 110 53.72 22.09 -13.74
CA LEU A 110 54.90 22.63 -14.41
C LEU A 110 54.96 22.32 -15.92
N GLN A 111 54.00 21.52 -16.41
CA GLN A 111 53.92 21.22 -17.83
C GLN A 111 53.62 22.47 -18.64
N THR A 112 52.96 23.44 -18.01
CA THR A 112 52.64 24.70 -18.70
C THR A 112 53.88 25.51 -19.04
N TYR A 113 54.87 25.53 -18.14
CA TYR A 113 56.12 26.22 -18.42
C TYR A 113 56.79 25.55 -19.60
N ILE A 114 57.04 24.24 -19.47
CA ILE A 114 57.64 23.44 -20.53
C ILE A 114 57.05 23.74 -21.90
N ASP A 115 55.71 23.71 -21.96
CA ASP A 115 54.97 23.87 -23.19
C ASP A 115 55.18 25.24 -23.85
N ASP A 116 55.50 26.24 -23.05
CA ASP A 116 55.58 27.60 -23.58
C ASP A 116 56.33 28.51 -22.60
N PRO A 117 57.66 28.35 -22.53
CA PRO A 117 58.50 29.09 -21.56
C PRO A 117 58.59 30.60 -21.84
N SER A 118 58.74 30.95 -23.12
CA SER A 118 59.05 32.33 -23.55
C SER A 118 58.28 33.51 -22.93
N PRO A 119 56.94 33.49 -22.98
CA PRO A 119 56.20 34.65 -22.49
C PRO A 119 56.56 35.00 -21.05
N TRP A 120 57.03 34.01 -20.30
CA TRP A 120 57.39 34.24 -18.91
C TRP A 120 58.62 35.14 -18.88
N GLU A 121 59.53 34.88 -19.81
CA GLU A 121 60.71 35.73 -20.02
C GLU A 121 60.35 37.07 -20.62
N THR A 122 59.68 37.06 -21.78
CA THR A 122 59.47 38.29 -22.54
C THR A 122 58.55 39.28 -21.83
N GLN A 123 57.65 38.78 -21.00
CA GLN A 123 56.66 39.67 -20.39
C GLN A 123 57.14 40.21 -19.07
N THR A 124 58.35 39.81 -18.66
CA THR A 124 58.84 40.21 -17.36
C THR A 124 59.31 41.67 -17.34
N ILE A 125 58.73 42.43 -16.44
CA ILE A 125 58.95 43.86 -16.36
C ILE A 125 60.04 44.20 -15.36
N GLY A 126 61.05 44.92 -15.84
CA GLY A 126 62.03 45.51 -14.96
C GLY A 126 62.92 44.52 -14.25
N ALA A 127 63.52 43.63 -15.02
CA ALA A 127 64.49 42.68 -14.49
C ALA A 127 65.75 42.76 -15.35
N GLU A 128 65.79 43.76 -16.23
CA GLU A 128 66.91 43.98 -17.14
C GLU A 128 67.38 42.69 -17.82
N GLY A 129 66.41 41.92 -18.29
CA GLY A 129 66.70 40.67 -18.99
C GLY A 129 67.58 39.75 -18.18
N LYS A 130 67.28 39.61 -16.90
CA LYS A 130 67.95 38.65 -16.04
C LYS A 130 67.10 37.39 -15.87
N VAL A 131 65.79 37.53 -16.12
CA VAL A 131 64.89 36.39 -16.18
C VAL A 131 65.12 35.73 -17.53
N LYS A 132 65.35 34.42 -17.53
CA LYS A 132 65.66 33.74 -18.78
C LYS A 132 64.88 32.46 -18.92
N ALA A 133 63.93 32.44 -19.86
CA ALA A 133 63.11 31.27 -20.11
C ALA A 133 63.89 29.94 -20.00
N LYS A 134 65.10 29.90 -20.56
CA LYS A 134 65.93 28.70 -20.54
C LYS A 134 66.18 28.19 -19.12
N ASN A 135 66.11 29.09 -18.15
CA ASN A 135 66.26 28.75 -16.74
C ASN A 135 65.10 27.90 -16.23
N ILE A 136 63.89 28.40 -16.44
CA ILE A 136 62.69 27.62 -16.18
C ILE A 136 62.86 26.22 -16.76
N VAL A 137 63.16 26.18 -18.05
CA VAL A 137 63.24 24.90 -18.76
C VAL A 137 64.24 23.96 -18.10
N ASP A 138 65.40 24.49 -17.74
CA ASP A 138 66.42 23.68 -17.10
C ASP A 138 65.96 23.21 -15.72
N PHE A 139 65.38 24.12 -14.95
CA PHE A 139 64.87 23.73 -13.66
C PHE A 139 63.94 22.52 -13.77
N VAL A 140 62.95 22.58 -14.65
CA VAL A 140 62.03 21.47 -14.84
C VAL A 140 62.74 20.19 -15.26
N ASN A 141 63.61 20.26 -16.26
CA ASN A 141 64.45 19.12 -16.60
C ASN A 141 65.16 18.56 -15.35
N PHE A 142 65.69 19.45 -14.55
CA PHE A 142 66.37 19.09 -13.31
C PHE A 142 65.41 18.34 -12.38
N ALA A 143 64.25 18.95 -12.14
CA ALA A 143 63.18 18.31 -11.37
C ALA A 143 62.78 16.97 -11.98
N LYS A 144 62.70 16.91 -13.31
CA LYS A 144 62.40 15.65 -13.96
C LYS A 144 63.49 14.63 -13.73
N LYS A 145 64.74 15.08 -13.79
CA LYS A 145 65.86 14.16 -13.66
C LYS A 145 65.88 13.49 -12.28
N HIS A 146 65.67 14.29 -11.24
CA HIS A 146 65.71 13.76 -9.88
C HIS A 146 64.35 13.41 -9.26
N ASP A 147 63.26 13.72 -9.98
CA ASP A 147 61.92 13.53 -9.44
C ASP A 147 61.72 14.35 -8.17
N LEU A 148 62.06 15.62 -8.26
CA LEU A 148 61.85 16.53 -7.18
C LEU A 148 60.36 16.83 -6.99
N ASN A 149 59.97 17.09 -5.76
CA ASN A 149 58.57 17.40 -5.50
C ASN A 149 58.45 18.90 -5.24
N CYS A 150 57.89 19.61 -6.22
CA CYS A 150 57.80 21.07 -6.14
C CYS A 150 56.39 21.51 -5.72
N ALA A 151 56.18 21.63 -4.41
CA ALA A 151 54.90 22.11 -3.88
C ALA A 151 54.60 23.54 -4.35
N PRO A 152 53.44 23.73 -5.01
CA PRO A 152 53.05 25.04 -5.55
C PRO A 152 52.42 25.94 -4.50
N GLN A 153 52.82 27.21 -4.48
CA GLN A 153 52.19 28.16 -3.58
C GLN A 153 51.89 29.49 -4.24
N PHE A 154 50.64 29.64 -4.69
CA PHE A 154 50.20 30.82 -5.43
C PHE A 154 49.16 31.61 -4.66
N VAL A 155 48.63 31.05 -3.58
CA VAL A 155 47.59 31.74 -2.84
C VAL A 155 48.14 32.71 -1.80
N ASP A 156 47.62 33.93 -1.83
CA ASP A 156 48.08 35.02 -0.95
C ASP A 156 47.05 35.28 0.15
N PRO A 157 47.47 35.99 1.22
CA PRO A 157 46.56 36.44 2.28
C PRO A 157 45.29 37.16 1.75
N GLN A 158 44.28 37.29 2.61
CA GLN A 158 43.07 38.02 2.29
C GLN A 158 43.33 39.52 2.49
N MET A 159 42.29 40.35 2.34
CA MET A 159 42.45 41.81 2.43
C MET A 159 41.94 42.37 3.76
N PRO A 171 50.81 41.83 3.73
CA PRO A 171 51.62 40.71 4.21
C PRO A 171 52.04 39.81 3.04
N GLY A 172 51.45 40.05 1.87
CA GLY A 172 51.75 39.27 0.69
C GLY A 172 53.22 39.29 0.36
N LEU A 173 53.69 38.21 -0.24
CA LEU A 173 55.10 38.07 -0.58
C LEU A 173 55.52 39.11 -1.60
N ARG A 174 56.67 39.73 -1.38
CA ARG A 174 57.13 40.80 -2.25
C ARG A 174 58.64 40.83 -2.36
N VAL A 175 59.13 41.33 -3.50
CA VAL A 175 60.54 41.60 -3.66
C VAL A 175 60.88 42.86 -2.88
N ILE A 176 61.90 42.76 -2.04
CA ILE A 176 62.34 43.92 -1.27
C ILE A 176 63.64 44.47 -1.85
N GLU A 177 64.36 43.61 -2.58
CA GLU A 177 65.62 44.03 -3.19
C GLU A 177 65.98 43.20 -4.41
N LYS A 178 66.51 43.88 -5.43
CA LYS A 178 67.03 43.23 -6.63
C LYS A 178 68.51 43.56 -6.80
N ASN A 179 69.26 42.64 -7.38
CA ASN A 179 70.65 42.91 -7.73
C ASN A 179 71.20 41.96 -8.78
N ASP A 180 72.52 41.92 -8.91
CA ASP A 180 73.12 41.20 -10.00
C ASP A 180 73.14 39.70 -9.74
N LYS A 181 73.00 39.34 -8.47
CA LYS A 181 72.97 37.93 -8.07
C LYS A 181 71.56 37.31 -8.13
N GLY A 182 70.55 38.11 -7.82
CA GLY A 182 69.17 37.63 -7.80
C GLY A 182 68.22 38.58 -7.09
N ILE A 183 67.36 38.01 -6.24
CA ILE A 183 66.41 38.82 -5.48
C ILE A 183 66.33 38.39 -4.02
N VAL A 184 65.81 39.29 -3.19
CA VAL A 184 65.43 38.99 -1.83
C VAL A 184 63.93 39.25 -1.68
N VAL A 185 63.20 38.29 -1.12
CA VAL A 185 61.76 38.46 -0.91
C VAL A 185 61.40 38.35 0.56
N SER A 186 60.28 38.98 0.91
CA SER A 186 59.80 38.93 2.28
C SER A 186 58.29 38.84 2.26
N GLY A 187 57.76 38.04 3.16
CA GLY A 187 56.32 37.93 3.28
C GLY A 187 55.83 36.52 3.48
N VAL A 188 54.53 36.35 3.32
CA VAL A 188 53.90 35.08 3.62
C VAL A 188 53.12 34.53 2.42
N LYS A 189 53.28 33.23 2.16
CA LYS A 189 52.41 32.52 1.25
C LYS A 189 51.34 31.80 2.08
N ALA A 190 50.10 32.27 1.97
CA ALA A 190 49.03 31.97 2.93
C ALA A 190 48.58 30.51 2.98
N ILE A 191 48.56 29.86 1.83
CA ILE A 191 48.10 28.47 1.79
C ILE A 191 49.05 27.56 1.02
N GLY A 192 49.33 26.42 1.64
CA GLY A 192 50.25 25.46 1.08
C GLY A 192 49.95 24.11 1.65
N THR A 193 50.04 23.08 0.81
CA THR A 193 49.66 21.74 1.23
C THR A 193 50.82 20.77 1.11
N GLY A 194 51.23 20.17 2.23
CA GLY A 194 52.32 19.22 2.25
C GLY A 194 53.68 19.81 1.89
N VAL A 195 53.88 21.08 2.15
CA VAL A 195 55.13 21.72 1.80
C VAL A 195 56.31 21.19 2.63
N ALA A 196 56.04 20.91 3.89
CA ALA A 196 57.02 20.32 4.79
C ALA A 196 57.57 18.99 4.23
N PHE A 197 56.87 18.42 3.26
CA PHE A 197 57.22 17.10 2.72
C PHE A 197 57.77 17.18 1.31
N ALA A 198 57.87 18.40 0.80
CA ALA A 198 58.34 18.62 -0.56
C ALA A 198 59.86 18.84 -0.64
N ASP A 199 60.36 18.99 -1.86
CA ASP A 199 61.75 19.36 -2.09
C ASP A 199 61.88 20.85 -2.39
N TRP A 200 61.07 21.34 -3.31
CA TRP A 200 61.10 22.75 -3.66
C TRP A 200 59.76 23.42 -3.37
N ILE A 201 59.82 24.71 -3.07
CA ILE A 201 58.63 25.55 -3.04
C ILE A 201 58.54 26.24 -4.39
N HIS A 202 57.43 26.03 -5.09
CA HIS A 202 57.14 26.66 -6.38
C HIS A 202 56.28 27.88 -6.13
N ILE A 203 56.90 29.06 -6.21
CA ILE A 203 56.23 30.33 -5.93
C ILE A 203 55.45 30.80 -7.13
N GLY A 204 54.24 31.27 -6.86
CA GLY A 204 53.39 31.84 -7.88
C GLY A 204 52.42 32.83 -7.28
N VAL A 205 51.63 33.46 -8.13
CA VAL A 205 50.63 34.42 -7.70
C VAL A 205 49.50 34.51 -8.73
N PHE A 206 48.29 34.80 -8.27
CA PHE A 206 47.18 35.05 -9.18
C PHE A 206 46.87 36.54 -9.21
N PHE A 207 46.51 37.07 -10.38
CA PHE A 207 46.10 38.47 -10.46
C PHE A 207 44.92 38.80 -9.53
N ARG A 208 45.02 39.95 -8.87
CA ARG A 208 43.89 40.52 -8.16
C ARG A 208 43.82 42.00 -8.48
N PRO A 209 42.59 42.57 -8.52
CA PRO A 209 42.39 43.99 -8.75
C PRO A 209 43.29 44.83 -7.85
N GLY A 210 44.17 45.63 -8.45
CA GLY A 210 45.06 46.51 -7.73
C GLY A 210 46.21 45.81 -7.03
N ILE A 211 46.82 44.86 -7.71
CA ILE A 211 48.00 44.16 -7.18
C ILE A 211 49.28 44.84 -7.65
N PRO A 212 50.22 45.04 -6.74
CA PRO A 212 51.50 45.71 -7.05
C PRO A 212 52.53 44.77 -7.66
N GLY A 213 53.26 45.27 -8.66
CA GLY A 213 54.19 44.46 -9.44
C GLY A 213 55.37 43.90 -8.67
N ASP A 214 55.63 44.45 -7.49
CA ASP A 214 56.70 43.88 -6.66
C ASP A 214 56.19 42.61 -5.98
N GLN A 215 54.87 42.40 -6.03
CA GLN A 215 54.25 41.15 -5.57
C GLN A 215 54.00 40.12 -6.70
N ILE A 216 54.28 40.49 -7.95
CA ILE A 216 54.14 39.55 -9.06
C ILE A 216 55.41 38.74 -9.18
N ILE A 217 55.38 37.52 -8.66
CA ILE A 217 56.59 36.74 -8.50
C ILE A 217 56.41 35.25 -8.83
N PHE A 218 57.26 34.76 -9.72
CA PHE A 218 57.26 33.34 -10.04
C PHE A 218 58.67 32.80 -9.91
N ALA A 219 58.81 31.75 -9.12
CA ALA A 219 60.14 31.27 -8.78
C ALA A 219 60.10 29.95 -8.03
N ALA A 220 61.28 29.40 -7.82
CA ALA A 220 61.45 28.16 -7.08
C ALA A 220 62.55 28.35 -6.04
N THR A 221 62.38 27.71 -4.89
CA THR A 221 63.41 27.70 -3.86
C THR A 221 63.28 26.45 -3.00
N PRO A 222 64.42 25.91 -2.52
CA PRO A 222 64.34 24.66 -1.74
C PRO A 222 63.55 24.86 -0.45
N VAL A 223 62.98 23.79 0.07
CA VAL A 223 62.13 23.91 1.24
C VAL A 223 62.96 24.44 2.42
N ASN A 224 64.23 24.03 2.46
CA ASN A 224 65.11 24.38 3.57
C ASN A 224 65.92 25.66 3.33
N THR A 225 65.44 26.52 2.43
CA THR A 225 66.09 27.80 2.20
C THR A 225 66.20 28.65 3.46
N PRO A 226 67.41 29.14 3.75
CA PRO A 226 67.59 30.13 4.84
C PRO A 226 66.55 31.25 4.77
N GLY A 227 65.81 31.46 5.86
CA GLY A 227 64.77 32.48 5.92
C GLY A 227 63.36 31.94 5.75
N VAL A 228 63.23 30.73 5.22
CA VAL A 228 61.93 30.08 5.04
C VAL A 228 61.45 29.33 6.29
N THR A 229 60.24 29.61 6.74
CA THR A 229 59.63 28.84 7.82
C THR A 229 58.27 28.29 7.38
N ILE A 230 58.08 26.98 7.50
CA ILE A 230 56.82 26.35 7.21
C ILE A 230 56.02 26.25 8.49
N VAL A 231 54.80 26.74 8.46
CA VAL A 231 54.00 26.81 9.67
C VAL A 231 52.66 26.12 9.48
N CYS A 232 52.55 24.89 9.98
CA CYS A 232 51.42 24.02 9.67
C CYS A 232 50.47 23.86 10.84
N ARG A 233 49.20 23.62 10.52
CA ARG A 233 48.19 23.21 11.50
C ARG A 233 48.59 21.90 12.22
N GLU A 234 48.01 21.64 13.38
CA GLU A 234 48.34 20.43 14.17
C GLU A 234 47.99 19.16 13.39
N SER A 235 48.85 18.16 13.48
CA SER A 235 48.59 16.90 12.77
C SER A 235 47.48 16.10 13.47
N VAL A 236 46.57 15.53 12.68
CA VAL A 236 45.45 14.82 13.27
C VAL A 236 45.47 13.34 12.92
N VAL A 237 46.66 12.82 12.61
CA VAL A 237 46.89 11.41 12.30
C VAL A 237 46.58 10.54 13.53
N LYS A 238 46.00 9.38 13.29
CA LYS A 238 45.60 8.51 14.41
C LYS A 238 46.70 7.52 14.80
N GLU A 239 46.70 7.15 16.08
CA GLU A 239 47.69 6.21 16.61
C GLU A 239 47.37 4.76 16.24
N ASP A 240 46.15 4.34 16.52
CA ASP A 240 45.74 2.94 16.39
C ASP A 240 45.27 2.59 14.97
N PRO A 241 46.08 1.81 14.24
CA PRO A 241 45.83 1.51 12.82
C PRO A 241 44.74 0.45 12.61
N ILE A 242 44.39 -0.29 13.65
CA ILE A 242 43.22 -1.17 13.56
C ILE A 242 41.87 -0.40 13.65
N GLU A 243 41.74 0.45 14.66
CA GLU A 243 40.53 1.28 14.81
C GLU A 243 40.43 2.30 13.68
N HIS A 244 41.59 2.78 13.23
CA HIS A 244 41.63 3.79 12.18
C HIS A 244 42.55 3.37 11.04
N PRO A 245 42.03 2.48 10.18
CA PRO A 245 42.83 1.92 9.09
C PRO A 245 43.26 2.97 8.06
N LEU A 246 42.51 4.09 7.95
CA LEU A 246 42.90 5.15 7.02
C LEU A 246 43.57 6.34 7.69
N ALA A 247 42.94 6.86 8.75
CA ALA A 247 43.42 8.08 9.40
C ALA A 247 44.80 7.89 10.03
N SER A 248 45.22 6.63 10.17
CA SER A 248 46.52 6.32 10.78
C SER A 248 47.67 6.38 9.78
N GLN A 249 47.34 6.55 8.50
CA GLN A 249 48.33 6.50 7.41
C GLN A 249 49.01 7.82 7.11
N GLY A 250 48.63 8.87 7.83
CA GLY A 250 49.31 10.14 7.71
C GLY A 250 48.40 11.31 7.39
N ASP A 251 48.83 12.50 7.80
CA ASP A 251 48.02 13.71 7.65
C ASP A 251 48.66 14.67 6.63
N GLU A 252 48.01 14.89 5.51
CA GLU A 252 48.55 15.83 4.54
C GLU A 252 48.43 17.26 5.07
N LEU A 253 49.48 17.75 5.71
CA LEU A 253 49.42 19.02 6.44
C LEU A 253 49.28 20.27 5.57
N ASP A 254 48.44 21.18 6.04
CA ASP A 254 48.26 22.46 5.39
C ASP A 254 48.82 23.54 6.31
N GLY A 255 49.32 24.61 5.72
CA GLY A 255 49.84 25.72 6.49
C GLY A 255 50.25 26.87 5.59
N MET A 256 51.07 27.78 6.13
CA MET A 256 51.57 28.89 5.35
C MET A 256 53.07 28.82 5.31
N THR A 257 53.67 29.60 4.41
CA THR A 257 55.12 29.69 4.41
C THR A 257 55.54 31.13 4.61
N VAL A 258 56.57 31.33 5.41
CA VAL A 258 57.01 32.66 5.81
C VAL A 258 58.39 32.91 5.24
N PHE A 259 58.57 34.08 4.64
CA PHE A 259 59.85 34.43 4.03
C PHE A 259 60.49 35.63 4.70
N ASP A 260 61.58 35.36 5.39
CA ASP A 260 62.35 36.42 6.01
C ASP A 260 63.59 36.66 5.16
N ASN A 261 63.55 37.77 4.40
CA ASN A 261 64.68 38.19 3.60
C ASN A 261 65.29 36.99 2.91
N VAL A 262 64.49 36.28 2.14
CA VAL A 262 64.97 35.06 1.46
C VAL A 262 65.54 35.37 0.07
N PHE A 263 66.74 34.88 -0.19
CA PHE A 263 67.39 35.13 -1.46
C PHE A 263 67.10 34.06 -2.51
N ILE A 264 66.71 34.50 -3.70
CA ILE A 264 66.53 33.59 -4.83
C ILE A 264 67.42 34.03 -6.00
N PRO A 265 68.37 33.17 -6.40
CA PRO A 265 69.23 33.49 -7.55
C PRO A 265 68.41 33.62 -8.84
N TRP A 266 68.83 34.51 -9.74
CA TRP A 266 68.10 34.72 -10.99
C TRP A 266 67.71 33.44 -11.74
N SER A 267 68.51 32.37 -11.59
CA SER A 267 68.31 31.13 -12.36
C SER A 267 67.11 30.32 -11.88
N HIS A 268 66.55 30.73 -10.75
CA HIS A 268 65.36 30.09 -10.25
C HIS A 268 64.23 31.10 -10.22
N VAL A 269 64.38 32.19 -10.97
CA VAL A 269 63.31 33.16 -11.16
C VAL A 269 62.67 32.91 -12.51
N PHE A 270 61.34 32.99 -12.55
CA PHE A 270 60.57 32.60 -13.72
C PHE A 270 59.90 33.80 -14.40
N HIS A 271 59.47 34.76 -13.59
CA HIS A 271 58.87 35.96 -14.10
C HIS A 271 58.64 36.96 -12.97
N LEU A 272 58.75 38.24 -13.28
CA LEU A 272 58.53 39.32 -12.31
C LEU A 272 57.76 40.49 -12.90
N GLY A 273 56.97 41.15 -12.06
CA GLY A 273 56.48 42.49 -12.36
C GLY A 273 55.18 42.69 -13.11
N ASN A 274 54.97 41.94 -14.18
CA ASN A 274 53.88 42.20 -15.11
C ASN A 274 52.53 41.66 -14.65
N PRO A 275 51.69 42.50 -14.04
CA PRO A 275 50.37 42.07 -13.57
C PRO A 275 49.47 41.58 -14.71
N GLU A 276 49.72 42.09 -15.92
CA GLU A 276 48.99 41.63 -17.08
C GLU A 276 49.18 40.14 -17.22
N HIS A 277 50.45 39.73 -17.24
CA HIS A 277 50.81 38.34 -17.35
C HIS A 277 50.05 37.50 -16.31
N ALA A 278 50.04 37.99 -15.08
CA ALA A 278 49.55 37.22 -13.94
C ALA A 278 48.06 36.90 -13.93
N LYS A 279 47.33 37.28 -14.96
CA LYS A 279 45.91 36.97 -14.98
C LYS A 279 45.52 35.77 -15.85
N LEU A 280 46.31 35.47 -16.88
CA LEU A 280 45.99 34.34 -17.74
C LEU A 280 46.94 33.15 -17.56
N TYR A 281 48.23 33.46 -17.40
CA TYR A 281 49.22 32.41 -17.35
C TYR A 281 49.16 31.54 -16.09
N PRO A 282 48.92 32.15 -14.91
CA PRO A 282 48.75 31.37 -13.69
C PRO A 282 47.57 30.39 -13.82
N GLN A 283 46.48 30.85 -14.40
CA GLN A 283 45.38 29.94 -14.70
C GLN A 283 45.82 28.81 -15.62
N ARG A 284 46.58 29.15 -16.66
CA ARG A 284 47.13 28.14 -17.56
C ARG A 284 47.96 27.11 -16.78
N VAL A 285 48.68 27.59 -15.77
CA VAL A 285 49.45 26.71 -14.92
C VAL A 285 48.55 25.76 -14.13
N PHE A 286 47.46 26.31 -13.57
CA PHE A 286 46.61 25.55 -12.67
C PHE A 286 45.57 24.64 -13.34
N ASP A 287 45.30 24.86 -14.62
CA ASP A 287 44.40 23.98 -15.37
C ASP A 287 44.70 22.51 -15.17
N TRP A 288 45.99 22.15 -15.08
CA TRP A 288 46.37 20.74 -14.90
C TRP A 288 45.97 20.21 -13.51
N LEU A 289 46.11 21.05 -12.49
CA LEU A 289 45.66 20.67 -11.15
C LEU A 289 44.12 20.54 -11.10
N HIS A 290 43.42 21.49 -11.72
CA HIS A 290 41.96 21.42 -11.84
C HIS A 290 41.49 20.10 -12.47
N TYR A 291 42.21 19.66 -13.50
CA TYR A 291 41.86 18.44 -14.21
C TYR A 291 42.12 17.23 -13.33
N HIS A 292 43.26 17.21 -12.64
CA HIS A 292 43.54 16.14 -11.71
C HIS A 292 42.46 16.04 -10.64
N ALA A 293 42.00 17.20 -10.18
CA ALA A 293 41.05 17.26 -9.07
C ALA A 293 39.76 16.55 -9.47
N LEU A 294 39.33 16.79 -10.71
CA LEU A 294 38.15 16.11 -11.25
C LEU A 294 38.37 14.60 -11.30
N ILE A 295 39.56 14.18 -11.74
CA ILE A 295 39.91 12.78 -11.78
C ILE A 295 39.78 12.21 -10.38
N ARG A 296 40.43 12.87 -9.44
CA ARG A 296 40.31 12.50 -8.04
C ARG A 296 38.85 12.46 -7.52
N GLN A 297 38.10 13.53 -7.74
CA GLN A 297 36.69 13.57 -7.35
C GLN A 297 35.90 12.34 -7.84
N SER A 298 36.23 11.88 -9.05
CA SER A 298 35.56 10.73 -9.63
C SER A 298 35.84 9.47 -8.79
N VAL A 299 37.10 9.32 -8.39
CA VAL A 299 37.50 8.18 -7.57
C VAL A 299 36.86 8.23 -6.19
N ARG A 300 36.83 9.42 -5.59
CA ARG A 300 36.21 9.57 -4.28
C ARG A 300 34.73 9.24 -4.38
N ALA A 301 34.11 9.64 -5.49
CA ALA A 301 32.71 9.33 -5.72
C ALA A 301 32.48 7.82 -5.86
N GLU A 302 33.36 7.14 -6.62
CA GLU A 302 33.24 5.71 -6.84
C GLU A 302 33.41 4.95 -5.51
N LEU A 303 34.34 5.43 -4.70
CA LEU A 303 34.51 4.94 -3.34
C LEU A 303 33.24 5.07 -2.47
N MET A 304 32.66 6.27 -2.44
CA MET A 304 31.45 6.51 -1.67
C MET A 304 30.32 5.56 -2.11
N ALA A 305 30.13 5.45 -3.42
CA ALA A 305 29.06 4.62 -3.96
C ALA A 305 29.27 3.15 -3.55
N GLY A 306 30.52 2.68 -3.67
CA GLY A 306 30.87 1.34 -3.22
C GLY A 306 30.55 1.13 -1.75
N LEU A 307 30.98 2.05 -0.90
CA LEU A 307 30.64 1.94 0.53
C LEU A 307 29.13 1.84 0.73
N ALA A 308 28.37 2.61 -0.05
CA ALA A 308 26.91 2.60 0.08
C ALA A 308 26.42 1.18 -0.17
N ILE A 309 26.84 0.62 -1.31
CA ILE A 309 26.53 -0.74 -1.68
C ILE A 309 26.89 -1.74 -0.55
N LEU A 310 28.15 -1.71 -0.10
CA LEU A 310 28.60 -2.62 0.95
C LEU A 310 27.79 -2.53 2.22
N ILE A 311 27.54 -1.32 2.68
CA ILE A 311 26.88 -1.19 3.98
C ILE A 311 25.39 -1.57 3.90
N THR A 312 24.72 -1.15 2.85
CA THR A 312 23.30 -1.44 2.74
C THR A 312 23.14 -2.94 2.52
N GLU A 313 24.13 -3.56 1.89
CA GLU A 313 24.09 -4.99 1.67
C GLU A 313 24.32 -5.75 2.97
N HIS A 314 25.33 -5.37 3.74
CA HIS A 314 25.67 -6.12 4.96
C HIS A 314 24.56 -6.05 6.01
N ILE A 315 23.95 -4.89 6.13
CA ILE A 315 22.79 -4.70 7.00
C ILE A 315 21.55 -5.38 6.40
N GLY A 316 21.44 -5.36 5.07
CA GLY A 316 20.34 -6.00 4.37
C GLY A 316 19.16 -5.10 4.07
N THR A 317 19.45 -3.81 3.86
CA THR A 317 18.43 -2.83 3.49
C THR A 317 18.43 -2.52 1.99
N ASN A 318 19.35 -3.14 1.24
CA ASN A 318 19.62 -2.72 -0.14
C ASN A 318 18.44 -2.85 -1.09
N LYS A 319 17.54 -3.78 -0.82
CA LYS A 319 16.43 -4.01 -1.74
C LYS A 319 15.19 -3.22 -1.35
N ILE A 320 15.24 -2.56 -0.21
CA ILE A 320 14.24 -1.55 0.16
C ILE A 320 14.27 -0.41 -0.87
N PRO A 321 13.14 -0.18 -1.54
CA PRO A 321 13.12 0.69 -2.73
C PRO A 321 13.66 2.08 -2.46
N ALA A 322 13.29 2.65 -1.31
CA ALA A 322 13.71 3.99 -0.94
C ALA A 322 15.22 4.05 -0.72
N VAL A 323 15.80 2.92 -0.36
CA VAL A 323 17.23 2.84 -0.16
C VAL A 323 17.92 2.66 -1.51
N GLN A 324 17.32 1.84 -2.37
CA GLN A 324 17.84 1.62 -3.72
C GLN A 324 18.03 2.92 -4.46
N THR A 325 17.02 3.80 -4.40
CA THR A 325 17.08 5.03 -5.19
C THR A 325 18.18 5.93 -4.64
N ARG A 326 18.46 5.76 -3.35
CA ARG A 326 19.47 6.55 -2.68
C ARG A 326 20.87 6.09 -3.10
N VAL A 327 21.06 4.77 -3.17
CA VAL A 327 22.34 4.21 -3.62
C VAL A 327 22.59 4.53 -5.10
N ALA A 328 21.52 4.59 -5.90
CA ALA A 328 21.61 4.92 -7.33
C ALA A 328 22.06 6.34 -7.55
N LYS A 329 21.53 7.24 -6.75
CA LYS A 329 21.93 8.64 -6.82
C LYS A 329 23.44 8.79 -6.53
N LEU A 330 23.95 8.04 -5.56
CA LEU A 330 25.40 8.00 -5.35
C LEU A 330 26.17 7.45 -6.58
N ILE A 331 25.68 6.37 -7.18
CA ILE A 331 26.29 5.85 -8.41
C ILE A 331 26.19 6.87 -9.56
N GLY A 332 25.03 7.50 -9.69
CA GLY A 332 24.84 8.54 -10.68
C GLY A 332 25.87 9.63 -10.46
N PHE A 333 26.10 9.97 -9.21
CA PHE A 333 27.03 11.05 -8.85
C PHE A 333 28.43 10.73 -9.39
N HIS A 334 28.90 9.53 -9.10
CA HIS A 334 30.11 9.00 -9.73
C HIS A 334 30.07 9.15 -11.25
N GLN A 335 29.01 8.62 -11.86
CA GLN A 335 28.89 8.67 -13.32
C GLN A 335 28.96 10.11 -13.87
N ALA A 336 28.40 11.07 -13.14
CA ALA A 336 28.47 12.47 -13.59
C ALA A 336 29.91 12.99 -13.68
N MET A 337 30.74 12.66 -12.68
CA MET A 337 32.16 12.99 -12.76
C MET A 337 32.80 12.30 -13.98
N LEU A 338 32.61 10.99 -14.05
CA LEU A 338 33.21 10.19 -15.10
C LEU A 338 32.85 10.78 -16.46
N ALA A 339 31.59 11.15 -16.62
CA ALA A 339 31.11 11.62 -17.91
C ALA A 339 31.77 12.92 -18.32
N HIS A 340 32.02 13.81 -17.37
CA HIS A 340 32.67 15.09 -17.66
C HIS A 340 34.15 14.88 -17.99
N ILE A 341 34.75 13.89 -17.33
CA ILE A 341 36.15 13.61 -17.61
C ILE A 341 36.27 13.13 -19.04
N VAL A 342 35.46 12.14 -19.38
CA VAL A 342 35.51 11.53 -20.69
C VAL A 342 35.11 12.50 -21.79
N ALA A 343 34.07 13.29 -21.56
CA ALA A 343 33.69 14.29 -22.54
C ALA A 343 34.82 15.32 -22.74
N SER A 344 35.36 15.83 -21.63
CA SER A 344 36.40 16.84 -21.71
C SER A 344 37.59 16.36 -22.56
N GLU A 345 37.94 15.09 -22.41
CA GLU A 345 39.06 14.52 -23.12
C GLU A 345 38.71 14.35 -24.59
N GLU A 346 37.47 13.93 -24.82
CA GLU A 346 36.93 13.78 -26.17
C GLU A 346 36.96 15.12 -26.91
N LEU A 347 36.67 16.21 -26.22
CA LEU A 347 36.57 17.50 -26.90
C LEU A 347 37.71 18.47 -26.52
N GLY A 348 38.92 17.93 -26.41
CA GLY A 348 40.07 18.73 -26.01
C GLY A 348 40.67 19.56 -27.12
N PHE A 349 41.77 20.24 -26.82
CA PHE A 349 42.48 21.04 -27.82
C PHE A 349 44.00 21.01 -27.62
N HIS A 350 44.73 21.73 -28.47
CA HIS A 350 46.18 21.80 -28.34
C HIS A 350 46.64 23.17 -27.84
N THR A 351 47.62 23.14 -26.93
CA THR A 351 48.24 24.36 -26.42
C THR A 351 49.37 24.83 -27.33
N PRO A 352 49.86 26.07 -27.10
CA PRO A 352 50.94 26.61 -27.93
C PRO A 352 52.04 25.60 -28.24
N GLY A 353 52.52 24.88 -27.24
CA GLY A 353 53.60 23.93 -27.44
C GLY A 353 53.13 22.62 -28.04
N GLY A 354 51.84 22.51 -28.31
CA GLY A 354 51.28 21.36 -28.99
C GLY A 354 50.80 20.22 -28.11
N ALA A 355 50.84 20.43 -26.79
CA ALA A 355 50.28 19.45 -25.85
C ALA A 355 48.74 19.38 -25.95
N TYR A 356 48.19 18.19 -25.75
CA TYR A 356 46.75 18.00 -25.81
C TYR A 356 46.12 18.27 -24.45
N LYS A 357 45.19 19.23 -24.40
CA LYS A 357 44.52 19.56 -23.15
C LYS A 357 43.03 19.24 -23.23
N PRO A 358 42.48 18.65 -22.16
CA PRO A 358 41.04 18.36 -22.15
C PRO A 358 40.25 19.66 -22.08
N ASN A 359 38.97 19.60 -22.44
CA ASN A 359 38.14 20.78 -22.49
C ASN A 359 38.02 21.42 -21.11
N ILE A 360 38.62 22.61 -20.98
CA ILE A 360 38.61 23.37 -19.74
C ILE A 360 37.20 23.67 -19.24
N LEU A 361 36.34 24.09 -20.15
CA LEU A 361 34.98 24.44 -19.77
C LEU A 361 34.27 23.23 -19.18
N ILE A 362 34.43 22.09 -19.82
CA ILE A 362 33.73 20.88 -19.38
C ILE A 362 34.25 20.30 -18.05
N TYR A 363 35.57 20.13 -17.89
CA TYR A 363 36.06 19.55 -16.65
C TYR A 363 35.89 20.46 -15.41
N ASP A 364 35.97 21.77 -15.60
CA ASP A 364 35.65 22.68 -14.50
C ASP A 364 34.18 22.58 -14.08
N PHE A 365 33.30 22.44 -15.05
CA PHE A 365 31.90 22.20 -14.75
C PHE A 365 31.70 20.87 -14.04
N GLY A 366 32.54 19.90 -14.37
CA GLY A 366 32.54 18.64 -13.65
C GLY A 366 32.89 18.88 -12.18
N ARG A 367 33.87 19.76 -11.95
CA ARG A 367 34.25 20.17 -10.61
C ARG A 367 33.14 20.93 -9.91
N ALA A 368 32.47 21.82 -10.65
CA ALA A 368 31.39 22.60 -10.06
C ALA A 368 30.33 21.64 -9.55
N LEU A 369 29.99 20.66 -10.39
CA LEU A 369 29.04 19.62 -10.03
C LEU A 369 29.44 18.94 -8.72
N TYR A 370 30.70 18.53 -8.62
CA TYR A 370 31.16 17.86 -7.41
C TYR A 370 31.05 18.78 -6.20
N LEU A 371 31.60 19.98 -6.32
CA LEU A 371 31.67 20.90 -5.18
C LEU A 371 30.28 21.32 -4.71
N GLU A 372 29.32 21.31 -5.63
CA GLU A 372 27.96 21.70 -5.28
C GLU A 372 27.22 20.56 -4.57
N ASN A 373 27.53 19.31 -4.89
CA ASN A 373 26.79 18.21 -4.27
C ASN A 373 27.51 17.30 -3.26
N PHE A 374 28.84 17.34 -3.21
CA PHE A 374 29.57 16.32 -2.42
C PHE A 374 29.13 16.26 -0.94
N SER A 375 28.85 17.42 -0.36
CA SER A 375 28.33 17.52 1.00
C SER A 375 27.06 16.68 1.21
N GLN A 376 26.07 16.83 0.34
CA GLN A 376 24.85 16.06 0.45
C GLN A 376 25.04 14.56 0.21
N MET A 377 25.95 14.23 -0.68
CA MET A 377 26.21 12.84 -1.01
C MET A 377 26.85 12.15 0.19
N ILE A 378 27.78 12.82 0.82
CA ILE A 378 28.37 12.28 2.02
C ILE A 378 27.26 12.07 3.03
N TYR A 379 26.38 13.05 3.15
CA TYR A 379 25.27 12.91 4.05
C TYR A 379 24.46 11.65 3.77
N GLU A 380 24.14 11.41 2.50
CA GLU A 380 23.36 10.25 2.12
C GLU A 380 24.01 8.94 2.58
N LEU A 381 25.33 8.84 2.39
CA LEU A 381 26.06 7.63 2.73
C LEU A 381 26.08 7.40 4.25
N VAL A 382 26.52 8.41 4.97
CA VAL A 382 26.46 8.39 6.43
C VAL A 382 25.08 8.00 6.92
N ASP A 383 24.05 8.70 6.45
CA ASP A 383 22.68 8.39 6.86
C ASP A 383 22.28 6.95 6.55
N LEU A 384 22.52 6.50 5.33
CA LEU A 384 22.31 5.11 4.94
C LEU A 384 23.01 4.12 5.89
N SER A 385 24.14 4.53 6.46
CA SER A 385 24.93 3.61 7.26
C SER A 385 24.37 3.51 8.69
N GLY A 386 23.41 4.37 9.01
CA GLY A 386 22.72 4.29 10.28
C GLY A 386 23.61 4.34 11.51
N ARG A 387 23.34 3.45 12.46
CA ARG A 387 24.06 3.42 13.74
C ARG A 387 25.51 2.93 13.58
N SER A 388 25.81 2.33 12.43
CA SER A 388 27.14 1.80 12.16
C SER A 388 28.10 2.93 11.91
N ALA A 389 27.59 4.16 11.96
CA ALA A 389 28.41 5.36 11.80
C ALA A 389 29.19 5.62 13.10
N LEU A 390 28.45 6.00 14.15
CA LEU A 390 29.02 6.10 15.50
C LEU A 390 29.26 4.76 16.26
N ILE A 391 28.19 4.03 16.59
CA ILE A 391 28.30 2.85 17.45
C ILE A 391 28.68 1.55 16.76
N PHE A 392 29.95 1.15 16.90
CA PHE A 392 30.39 -0.21 16.60
C PHE A 392 31.57 -0.59 17.49
N ALA A 393 31.94 -1.87 17.46
CA ALA A 393 32.96 -2.39 18.36
C ALA A 393 34.39 -1.90 18.11
N SER A 394 35.12 -1.68 19.19
CA SER A 394 36.58 -1.67 19.12
C SER A 394 36.99 -3.15 18.99
N GLU A 395 38.18 -3.40 18.47
CA GLU A 395 38.62 -4.76 18.19
C GLU A 395 38.67 -5.61 19.48
N ASP A 396 39.19 -5.05 20.57
CA ASP A 396 39.22 -5.77 21.83
C ASP A 396 37.83 -6.08 22.36
N GLN A 397 36.87 -5.20 22.11
CA GLN A 397 35.50 -5.49 22.55
C GLN A 397 34.99 -6.67 21.76
N TRP A 398 35.19 -6.61 20.45
CA TRP A 398 34.67 -7.63 19.55
C TRP A 398 35.21 -9.03 19.85
N ASN A 399 36.50 -9.12 20.19
CA ASN A 399 37.12 -10.40 20.44
C ASN A 399 36.95 -10.88 21.89
N ASP A 400 36.43 -10.04 22.77
CA ASP A 400 36.22 -10.48 24.13
C ASP A 400 35.31 -11.70 24.14
N GLU A 401 35.71 -12.71 24.90
CA GLU A 401 34.95 -13.94 24.99
C GLU A 401 33.48 -13.75 25.41
N ALA A 402 33.22 -12.89 26.39
CA ALA A 402 31.85 -12.62 26.84
C ALA A 402 31.00 -11.75 25.87
N LEU A 403 31.63 -10.79 25.20
CA LEU A 403 30.92 -9.92 24.28
C LEU A 403 30.81 -10.48 22.83
N ASN A 404 31.82 -11.22 22.40
CA ASN A 404 31.88 -11.67 21.00
C ASN A 404 30.59 -12.27 20.41
N GLY A 405 29.88 -13.06 21.21
CA GLY A 405 28.69 -13.74 20.74
C GLY A 405 27.51 -12.80 20.53
N TRP A 406 27.27 -11.89 21.47
CA TRP A 406 26.30 -10.83 21.27
C TRP A 406 26.62 -10.00 20.01
N PHE A 407 27.88 -9.58 19.88
CA PHE A 407 28.34 -8.87 18.70
C PHE A 407 28.11 -9.60 17.34
N GLU A 408 28.51 -10.86 17.23
CA GLU A 408 28.26 -11.55 15.97
C GLU A 408 26.75 -11.64 15.70
N ARG A 409 25.96 -11.83 16.75
CA ARG A 409 24.50 -11.88 16.57
C ARG A 409 23.93 -10.57 16.04
N MET A 410 24.47 -9.44 16.49
CA MET A 410 23.97 -8.12 16.11
C MET A 410 24.44 -7.62 14.77
N ASN A 411 25.44 -8.26 14.19
CA ASN A 411 26.01 -7.84 12.90
C ASN A 411 25.91 -8.98 11.88
N ASN A 412 24.98 -9.90 12.11
CA ASN A 412 24.75 -10.98 11.16
C ASN A 412 23.97 -10.48 9.96
N GLY A 413 24.56 -10.58 8.78
CA GLY A 413 23.85 -10.21 7.57
C GLY A 413 23.82 -11.32 6.52
N PRO A 414 23.20 -11.00 5.37
CA PRO A 414 23.10 -11.80 4.15
C PRO A 414 24.44 -11.97 3.42
N VAL A 415 25.47 -11.19 3.78
CA VAL A 415 26.75 -11.27 3.10
C VAL A 415 27.96 -11.17 4.03
N GLY A 416 29.02 -11.89 3.69
CA GLY A 416 30.25 -11.87 4.46
C GLY A 416 30.10 -12.29 5.90
N GLN A 417 31.16 -12.07 6.68
CA GLN A 417 31.13 -12.35 8.11
C GLN A 417 30.62 -11.12 8.84
N PRO A 418 30.01 -11.31 10.01
CA PRO A 418 29.51 -10.18 10.80
C PRO A 418 30.54 -9.07 10.99
N HIS A 419 31.80 -9.47 11.19
CA HIS A 419 32.84 -8.52 11.52
C HIS A 419 33.11 -7.55 10.37
N ASP A 420 32.74 -7.97 9.16
CA ASP A 420 32.83 -7.11 7.98
C ASP A 420 32.13 -5.74 8.15
N ARG A 421 30.97 -5.72 8.81
CA ARG A 421 30.26 -4.46 9.09
C ARG A 421 31.13 -3.45 9.84
N VAL A 422 31.99 -3.97 10.71
CA VAL A 422 32.97 -3.16 11.42
C VAL A 422 34.07 -2.66 10.50
N LYS A 423 34.52 -3.50 9.59
CA LYS A 423 35.49 -3.02 8.61
C LYS A 423 34.93 -1.83 7.82
N ILE A 424 33.65 -1.89 7.51
CA ILE A 424 33.04 -0.88 6.68
C ILE A 424 32.82 0.39 7.50
N GLY A 425 32.45 0.18 8.77
CA GLY A 425 32.23 1.29 9.68
C GLY A 425 33.50 2.06 9.91
N ARG A 426 34.62 1.35 9.98
CA ARG A 426 35.88 2.02 10.25
C ARG A 426 36.28 2.94 9.11
N VAL A 427 35.95 2.55 7.90
CA VAL A 427 36.34 3.34 6.74
C VAL A 427 35.45 4.57 6.64
N ILE A 428 34.15 4.35 6.73
CA ILE A 428 33.20 5.46 6.77
C ILE A 428 33.52 6.48 7.88
N ARG A 429 33.78 5.98 9.10
CA ARG A 429 34.17 6.84 10.22
C ARG A 429 35.41 7.73 9.93
N ASP A 430 36.51 7.10 9.50
CA ASP A 430 37.74 7.80 9.19
C ASP A 430 37.55 8.82 8.06
N LEU A 431 36.81 8.41 7.04
CA LEU A 431 36.65 9.22 5.84
C LEU A 431 35.75 10.44 6.12
N PHE A 432 34.70 10.24 6.91
CA PHE A 432 33.72 11.32 7.04
C PHE A 432 33.43 11.85 8.46
N LEU A 433 34.00 11.22 9.49
CA LEU A 433 33.63 11.55 10.87
C LEU A 433 34.83 11.77 11.79
N THR A 434 35.99 12.05 11.20
CA THR A 434 37.21 12.32 11.98
C THR A 434 37.79 13.65 11.56
N ASP A 435 38.66 14.21 12.39
CA ASP A 435 39.36 15.44 12.02
C ASP A 435 40.03 15.19 10.68
N TRP A 436 40.73 14.06 10.61
CA TRP A 436 41.45 13.63 9.42
C TRP A 436 40.56 13.69 8.18
N GLY A 437 39.44 12.97 8.23
CA GLY A 437 38.51 12.96 7.10
C GLY A 437 37.93 14.34 6.83
N ASN A 438 37.65 15.10 7.88
CA ASN A 438 37.04 16.40 7.69
C ASN A 438 37.98 17.47 7.12
N ARG A 439 39.28 17.31 7.32
CA ARG A 439 40.24 18.18 6.64
C ARG A 439 40.07 18.05 5.13
N LEU A 440 39.98 16.80 4.66
CA LEU A 440 39.84 16.52 3.23
C LEU A 440 38.53 17.15 2.77
N PHE A 441 37.50 16.96 3.58
CA PHE A 441 36.24 17.65 3.36
C PHE A 441 36.47 19.12 3.02
N VAL A 442 37.00 19.88 3.98
CA VAL A 442 37.22 21.32 3.80
C VAL A 442 38.14 21.61 2.63
N PHE A 443 39.16 20.79 2.48
CA PHE A 443 40.15 21.01 1.45
C PHE A 443 39.58 20.95 0.02
N GLU A 444 38.53 20.16 -0.19
CA GLU A 444 37.93 20.08 -1.51
C GLU A 444 37.72 21.46 -2.14
N ASN A 445 37.47 22.46 -1.30
CA ASN A 445 37.17 23.80 -1.78
C ASN A 445 38.41 24.66 -2.01
N PHE A 446 39.58 24.07 -1.79
CA PHE A 446 40.84 24.79 -1.94
C PHE A 446 41.70 24.06 -2.94
N ASN A 447 41.21 22.92 -3.43
CA ASN A 447 41.94 22.15 -4.40
C ASN A 447 41.59 22.60 -5.82
N GLY A 448 41.96 23.84 -6.13
CA GLY A 448 41.53 24.50 -7.35
C GLY A 448 40.55 25.61 -7.01
N THR A 449 40.19 26.40 -8.02
CA THR A 449 39.25 27.50 -7.83
C THR A 449 37.93 26.97 -7.28
N PRO A 450 37.31 27.70 -6.35
CA PRO A 450 36.09 27.17 -5.74
C PRO A 450 34.84 27.37 -6.60
N LEU A 451 33.71 26.80 -6.17
CA LEU A 451 32.46 26.80 -6.93
C LEU A 451 32.08 28.15 -7.51
N GLN A 452 32.01 29.17 -6.66
CA GLN A 452 31.52 30.46 -7.11
C GLN A 452 32.50 31.09 -8.10
N ALA A 453 33.79 30.82 -7.90
CA ALA A 453 34.80 31.33 -8.81
C ALA A 453 34.68 30.64 -10.17
N ILE A 454 34.52 29.32 -10.15
CA ILE A 454 34.30 28.58 -11.39
C ILE A 454 33.17 29.21 -12.21
N ARG A 455 32.04 29.50 -11.55
CA ARG A 455 30.87 30.02 -12.25
C ARG A 455 31.07 31.45 -12.77
N MET A 456 31.84 32.24 -12.01
CA MET A 456 32.14 33.61 -12.39
C MET A 456 32.95 33.70 -13.67
N LEU A 457 34.10 33.02 -13.71
CA LEU A 457 34.99 33.17 -14.86
C LEU A 457 34.39 32.53 -16.10
N THR A 458 33.59 31.50 -15.89
CA THR A 458 32.71 31.01 -16.94
C THR A 458 32.01 32.21 -17.58
N MET A 459 31.38 33.03 -16.73
CA MET A 459 30.59 34.13 -17.27
C MET A 459 31.46 35.25 -17.87
N GLN A 460 32.77 35.07 -17.86
CA GLN A 460 33.67 35.99 -18.54
C GLN A 460 33.93 35.59 -20.00
N ARG A 461 34.02 34.29 -20.25
CA ARG A 461 34.19 33.82 -21.62
C ARG A 461 33.27 34.63 -22.56
N ALA A 462 33.88 35.25 -23.56
CA ALA A 462 33.16 36.09 -24.51
C ALA A 462 32.03 35.32 -25.17
N GLU A 463 32.24 34.02 -25.34
CA GLU A 463 31.29 33.18 -26.04
C GLU A 463 29.88 33.17 -25.43
N PHE A 464 29.76 33.62 -24.18
CA PHE A 464 28.46 33.59 -23.51
C PHE A 464 27.72 34.93 -23.51
N SER A 465 28.23 35.89 -24.28
CA SER A 465 27.56 37.18 -24.43
C SER A 465 26.28 37.01 -25.24
N ALA A 466 25.47 38.06 -25.26
CA ALA A 466 24.23 38.06 -26.02
C ALA A 466 24.50 37.64 -27.45
N ALA A 467 25.36 38.39 -28.13
CA ALA A 467 25.59 38.14 -29.55
C ALA A 467 26.51 36.93 -29.78
N GLY A 468 27.07 36.41 -28.69
CA GLY A 468 27.98 35.28 -28.75
C GLY A 468 27.43 34.02 -29.40
N PRO A 469 28.32 33.12 -29.80
CA PRO A 469 27.88 31.93 -30.53
C PRO A 469 27.05 30.93 -29.70
N TYR A 470 27.18 30.96 -28.38
CA TYR A 470 26.42 30.04 -27.54
C TYR A 470 24.91 30.25 -27.66
N GLY A 471 24.43 31.46 -27.39
CA GLY A 471 23.01 31.79 -27.48
C GLY A 471 22.50 32.02 -28.91
N THR A 472 23.11 31.32 -29.86
CA THR A 472 22.67 31.37 -31.24
C THR A 472 21.27 30.76 -31.38
N LEU A 473 21.06 29.58 -30.81
CA LEU A 473 19.73 28.94 -30.79
C LEU A 473 18.62 29.84 -30.21
N ALA A 474 18.91 30.53 -29.12
CA ALA A 474 17.90 31.36 -28.49
C ALA A 474 17.48 32.54 -29.39
N ARG A 475 18.43 33.16 -30.09
CA ARG A 475 18.10 34.31 -30.91
C ARG A 475 17.25 33.89 -32.12
N LYS A 476 17.50 32.70 -32.62
CA LYS A 476 16.73 32.23 -33.75
C LYS A 476 15.31 31.94 -33.31
N VAL A 477 15.17 31.25 -32.17
CA VAL A 477 13.85 30.91 -31.70
C VAL A 477 13.03 32.17 -31.40
N CYS A 478 13.71 33.24 -30.98
CA CYS A 478 13.04 34.49 -30.66
C CYS A 478 12.90 35.40 -31.87
N GLY A 479 13.58 35.02 -32.95
CA GLY A 479 13.63 35.84 -34.16
C GLY A 479 14.35 37.17 -33.94
N ILE A 480 15.50 37.13 -33.26
CA ILE A 480 16.23 38.35 -32.94
C ILE A 480 17.57 38.49 -33.69
N GLU A 481 17.79 39.70 -34.23
CA GLU A 481 19.05 40.11 -34.84
C GLU A 481 19.39 39.30 -36.11
N LEU A 482 20.63 38.83 -36.16
CA LEU A 482 21.14 37.89 -37.20
C LEU A 482 21.94 38.54 -38.36
N THR A 483 23.26 38.33 -38.30
CA THR A 483 24.23 38.75 -39.32
C THR A 483 24.77 40.18 -39.14
N ILE B 2 -23.05 48.88 3.70
CA ILE B 2 -22.42 47.68 3.11
C ILE B 2 -22.70 47.52 1.60
N ARG B 3 -21.76 47.99 0.78
CA ARG B 3 -21.83 47.88 -0.69
C ARG B 3 -22.26 46.51 -1.19
N THR B 4 -22.97 46.47 -2.31
CA THR B 4 -23.33 45.20 -2.94
C THR B 4 -22.65 45.01 -4.30
N GLY B 5 -22.58 43.76 -4.74
CA GLY B 5 -21.99 43.43 -6.03
C GLY B 5 -22.63 44.21 -7.17
N LYS B 6 -23.96 44.19 -7.21
CA LYS B 6 -24.69 44.95 -8.23
C LYS B 6 -24.23 46.42 -8.29
N GLN B 7 -24.16 47.08 -7.14
CA GLN B 7 -23.68 48.45 -7.09
C GLN B 7 -22.28 48.55 -7.69
N TYR B 8 -21.40 47.61 -7.30
CA TYR B 8 -20.05 47.55 -7.82
C TYR B 8 -20.01 47.47 -9.35
N LEU B 9 -20.79 46.55 -9.93
CA LEU B 9 -20.78 46.34 -11.37
C LEU B 9 -21.22 47.59 -12.13
N GLU B 10 -22.24 48.26 -11.60
CA GLU B 10 -22.68 49.52 -12.15
C GLU B 10 -21.53 50.55 -12.09
N SER B 11 -20.84 50.59 -10.97
CA SER B 11 -19.79 51.58 -10.78
C SER B 11 -18.70 51.45 -11.84
N LEU B 12 -18.64 50.30 -12.48
CA LEU B 12 -17.55 50.04 -13.43
C LEU B 12 -17.68 50.78 -14.75
N ASN B 13 -18.92 51.03 -15.15
CA ASN B 13 -19.16 51.72 -16.40
C ASN B 13 -18.95 53.24 -16.29
N ASP B 14 -17.77 53.65 -15.82
CA ASP B 14 -17.47 55.08 -15.66
C ASP B 14 -16.63 55.71 -16.76
N GLY B 15 -16.43 55.01 -17.87
CA GLY B 15 -15.65 55.53 -18.98
C GLY B 15 -14.14 55.45 -18.82
N ARG B 16 -13.69 54.78 -17.76
CA ARG B 16 -12.27 54.51 -17.57
C ARG B 16 -11.74 53.93 -18.88
N ASN B 17 -10.56 54.35 -19.31
CA ASN B 17 -10.02 53.76 -20.53
C ASN B 17 -8.96 52.71 -20.25
N VAL B 18 -9.17 51.56 -20.90
CA VAL B 18 -8.49 50.34 -20.54
C VAL B 18 -8.11 49.52 -21.75
N TRP B 19 -6.84 49.12 -21.80
CA TRP B 19 -6.41 48.10 -22.74
C TRP B 19 -6.34 46.74 -22.03
N VAL B 20 -7.05 45.75 -22.58
CA VAL B 20 -6.75 44.36 -22.28
C VAL B 20 -6.22 43.69 -23.55
N GLY B 21 -4.90 43.57 -23.64
CA GLY B 21 -4.28 43.05 -24.85
C GLY B 21 -4.43 44.07 -25.98
N ASN B 22 -4.84 43.59 -27.15
CA ASN B 22 -5.02 44.48 -28.28
C ASN B 22 -6.35 45.24 -28.27
N GLU B 23 -7.16 45.05 -27.23
CA GLU B 23 -8.52 45.59 -27.23
C GLU B 23 -8.76 46.65 -26.17
N LYS B 24 -9.44 47.73 -26.55
CA LYS B 24 -9.97 48.67 -25.59
C LYS B 24 -11.23 48.03 -25.01
N ILE B 25 -11.56 48.38 -23.77
CA ILE B 25 -12.71 47.79 -23.12
C ILE B 25 -13.77 48.86 -22.83
N ASP B 26 -14.96 48.69 -23.40
CA ASP B 26 -16.03 49.68 -23.24
C ASP B 26 -16.62 49.65 -21.83
N ASN B 27 -16.90 48.44 -21.34
CA ASN B 27 -17.40 48.24 -19.99
C ASN B 27 -16.79 47.00 -19.38
N VAL B 28 -15.85 47.22 -18.45
CA VAL B 28 -15.17 46.13 -17.77
C VAL B 28 -16.16 45.12 -17.17
N ALA B 29 -17.30 45.61 -16.74
CA ALA B 29 -18.33 44.77 -16.13
C ALA B 29 -18.93 43.74 -17.07
N THR B 30 -18.91 44.02 -18.37
CA THR B 30 -19.62 43.18 -19.35
C THR B 30 -18.75 42.61 -20.45
N HIS B 31 -17.56 43.18 -20.63
CA HIS B 31 -16.69 42.72 -21.69
C HIS B 31 -16.33 41.25 -21.45
N PRO B 32 -16.45 40.42 -22.50
CA PRO B 32 -16.18 38.98 -22.38
C PRO B 32 -14.79 38.64 -21.83
N LYS B 33 -13.85 39.58 -21.94
CA LYS B 33 -12.49 39.37 -21.46
C LYS B 33 -12.29 39.79 -20.02
N THR B 34 -13.33 40.39 -19.42
CA THR B 34 -13.18 41.03 -18.13
C THR B 34 -14.28 40.66 -17.15
N ARG B 35 -15.44 40.29 -17.69
CA ARG B 35 -16.67 40.21 -16.93
C ARG B 35 -16.65 39.16 -15.81
N ASP B 36 -15.91 38.07 -15.99
CA ASP B 36 -15.87 37.03 -14.97
C ASP B 36 -15.18 37.53 -13.72
N TYR B 37 -13.97 38.03 -13.90
CA TYR B 37 -13.23 38.57 -12.78
C TYR B 37 -13.99 39.72 -12.15
N ALA B 38 -14.71 40.49 -12.96
CA ALA B 38 -15.57 41.54 -12.44
C ALA B 38 -16.60 40.92 -11.50
N GLN B 39 -17.21 39.84 -11.97
CA GLN B 39 -18.16 39.10 -11.17
C GLN B 39 -17.53 38.52 -9.89
N ARG B 40 -16.25 38.18 -9.95
CA ARG B 40 -15.58 37.67 -8.75
C ARG B 40 -15.55 38.75 -7.68
N HIS B 41 -15.26 39.98 -8.10
CA HIS B 41 -15.27 41.11 -7.20
C HIS B 41 -16.66 41.41 -6.66
N ALA B 42 -17.67 41.23 -7.52
CA ALA B 42 -19.05 41.47 -7.08
C ALA B 42 -19.46 40.42 -6.06
N ASP B 43 -19.04 39.17 -6.31
CA ASP B 43 -19.20 38.06 -5.36
C ASP B 43 -18.55 38.39 -4.02
N PHE B 44 -17.45 39.14 -4.08
CA PHE B 44 -16.72 39.49 -2.87
C PHE B 44 -17.60 40.40 -1.99
N TYR B 45 -18.19 41.43 -2.59
CA TYR B 45 -19.11 42.28 -1.86
C TYR B 45 -20.30 41.47 -1.33
N ASP B 46 -20.84 40.59 -2.16
CA ASP B 46 -21.99 39.79 -1.76
C ASP B 46 -21.72 38.85 -0.58
N LEU B 47 -20.51 38.34 -0.47
CA LEU B 47 -20.17 37.45 0.65
C LEU B 47 -20.43 38.14 1.99
N HIS B 48 -20.35 39.46 1.99
CA HIS B 48 -20.54 40.21 3.22
C HIS B 48 -22.02 40.31 3.60
N HIS B 49 -22.90 40.02 2.66
CA HIS B 49 -24.33 39.99 2.96
C HIS B 49 -24.79 38.56 3.24
N ARG B 50 -23.87 37.61 3.18
CA ARG B 50 -24.23 36.24 3.51
C ARG B 50 -24.58 36.12 5.00
N PRO B 51 -25.85 35.82 5.29
CA PRO B 51 -26.41 35.73 6.64
C PRO B 51 -25.62 34.80 7.57
N ASP B 52 -25.08 33.73 6.99
CA ASP B 52 -24.33 32.71 7.71
C ASP B 52 -22.82 33.02 7.83
N LEU B 53 -22.42 34.19 7.34
CA LEU B 53 -21.03 34.62 7.38
C LEU B 53 -20.91 35.98 8.05
N GLN B 54 -22.03 36.45 8.59
CA GLN B 54 -22.09 37.77 9.21
C GLN B 54 -21.02 37.95 10.25
N ASP B 55 -20.85 36.90 11.06
CA ASP B 55 -19.94 36.93 12.19
C ASP B 55 -18.48 37.05 11.75
N VAL B 56 -18.14 36.40 10.65
CA VAL B 56 -16.76 36.42 10.18
C VAL B 56 -16.54 37.66 9.32
N MET B 57 -17.56 38.05 8.56
CA MET B 57 -17.39 39.08 7.51
C MET B 57 -17.54 40.53 7.95
N THR B 58 -18.12 40.74 9.13
CA THR B 58 -18.45 42.11 9.51
C THR B 58 -18.10 42.43 10.95
N PHE B 59 -18.04 43.72 11.24
CA PHE B 59 -17.83 44.09 12.61
C PHE B 59 -18.68 45.32 12.90
N VAL B 60 -19.01 45.55 14.17
CA VAL B 60 -19.73 46.75 14.56
C VAL B 60 -18.70 47.68 15.20
N ASP B 61 -18.52 48.87 14.64
CA ASP B 61 -17.49 49.78 15.13
C ASP B 61 -17.91 50.66 16.32
N LYS B 62 -16.98 51.51 16.75
CA LYS B 62 -17.17 52.43 17.86
C LYS B 62 -18.56 53.08 17.87
N ASP B 63 -19.01 53.47 16.69
CA ASP B 63 -20.25 54.21 16.56
C ASP B 63 -21.48 53.35 16.34
N GLY B 64 -21.41 52.06 16.65
CA GLY B 64 -22.50 51.15 16.33
C GLY B 64 -22.70 50.94 14.84
N GLU B 65 -21.86 51.58 14.03
CA GLU B 65 -21.86 51.37 12.59
C GLU B 65 -21.36 49.97 12.20
N ARG B 66 -22.11 49.29 11.35
CA ARG B 66 -21.70 47.99 10.87
C ARG B 66 -20.83 48.20 9.63
N ARG B 67 -19.73 47.45 9.55
CA ARG B 67 -18.83 47.56 8.41
C ARG B 67 -18.15 46.26 8.05
N THR B 68 -17.66 46.20 6.81
CA THR B 68 -16.91 45.05 6.33
C THR B 68 -15.58 44.93 7.07
N MET B 69 -15.23 43.70 7.39
CA MET B 69 -13.99 43.42 8.07
C MET B 69 -12.73 43.89 7.33
N GLN B 70 -12.85 44.28 6.07
CA GLN B 70 -11.63 44.77 5.42
C GLN B 70 -11.21 46.10 6.03
N TRP B 71 -12.12 46.75 6.77
CA TRP B 71 -11.83 48.07 7.34
C TRP B 71 -11.51 48.02 8.83
N PHE B 72 -11.53 46.79 9.35
CA PHE B 72 -11.26 46.49 10.77
C PHE B 72 -9.81 46.77 11.20
N GLY B 73 -9.63 47.53 12.27
CA GLY B 73 -8.32 47.73 12.85
C GLY B 73 -8.12 46.80 14.03
N HIS B 74 -6.93 46.21 14.17
CA HIS B 74 -6.66 45.24 15.23
C HIS B 74 -5.53 45.71 16.17
N TYR B 75 -5.86 45.78 17.46
CA TYR B 75 -4.94 46.27 18.49
C TYR B 75 -4.62 45.13 19.45
N ASP B 76 -5.07 43.94 19.06
CA ASP B 76 -4.96 42.76 19.89
C ASP B 76 -4.43 41.59 19.07
N LYS B 77 -3.79 40.63 19.73
CA LYS B 77 -3.47 39.39 19.05
C LYS B 77 -4.78 38.70 18.65
N GLU B 78 -5.71 38.68 19.59
CA GLU B 78 -7.06 38.17 19.35
C GLU B 78 -7.70 38.84 18.15
N GLN B 79 -7.47 40.15 18.01
CA GLN B 79 -8.13 40.93 16.97
C GLN B 79 -7.53 40.70 15.59
N LEU B 80 -6.20 40.78 15.55
CA LEU B 80 -5.41 40.40 14.40
C LEU B 80 -5.88 39.06 13.91
N ARG B 81 -6.03 38.14 14.86
CA ARG B 81 -6.41 36.77 14.57
C ARG B 81 -7.80 36.76 13.90
N ARG B 82 -8.69 37.61 14.39
CA ARG B 82 -10.03 37.71 13.84
C ARG B 82 -9.96 38.19 12.39
N LYS B 83 -9.03 39.10 12.11
CA LYS B 83 -8.86 39.64 10.77
C LYS B 83 -8.31 38.54 9.85
N ARG B 84 -7.38 37.74 10.39
CA ARG B 84 -6.83 36.62 9.62
C ARG B 84 -7.96 35.70 9.16
N LYS B 85 -8.86 35.39 10.09
CA LYS B 85 -9.93 34.44 9.81
C LYS B 85 -10.84 34.97 8.71
N TYR B 86 -10.94 36.30 8.64
CA TYR B 86 -11.72 36.98 7.63
C TYR B 86 -11.07 36.74 6.27
N HIS B 87 -9.83 37.17 6.17
CA HIS B 87 -9.02 37.01 4.97
C HIS B 87 -9.03 35.56 4.47
N GLU B 88 -8.80 34.62 5.37
CA GLU B 88 -8.82 33.20 5.04
C GLU B 88 -10.18 32.77 4.49
N THR B 89 -11.23 33.31 5.08
CA THR B 89 -12.58 32.87 4.74
C THR B 89 -12.90 33.26 3.31
N ILE B 90 -12.55 34.50 2.97
CA ILE B 90 -12.71 35.04 1.63
C ILE B 90 -11.95 34.18 0.64
N MET B 91 -10.69 33.87 0.98
CA MET B 91 -9.85 33.06 0.11
C MET B 91 -10.36 31.66 -0.14
N ARG B 92 -10.93 31.02 0.88
CA ARG B 92 -11.51 29.70 0.75
C ARG B 92 -12.82 29.71 -0.01
N GLU B 93 -13.48 30.84 -0.02
CA GLU B 93 -14.73 30.93 -0.77
C GLU B 93 -14.43 31.24 -2.23
N MET B 94 -13.26 31.82 -2.49
CA MET B 94 -12.93 32.26 -3.84
C MET B 94 -11.82 31.45 -4.51
N ALA B 95 -12.21 30.35 -5.15
CA ALA B 95 -11.29 29.51 -5.92
C ALA B 95 -10.02 29.16 -5.14
N GLY B 96 -10.16 29.04 -3.83
CA GLY B 96 -9.03 28.74 -2.97
C GLY B 96 -7.81 29.62 -3.23
N ALA B 97 -7.86 30.85 -2.76
CA ALA B 97 -6.72 31.75 -2.81
C ALA B 97 -6.24 32.02 -4.24
N SER B 98 -7.10 31.74 -5.20
CA SER B 98 -6.74 32.01 -6.57
C SER B 98 -6.77 33.48 -6.92
N PHE B 99 -7.43 34.30 -6.09
CA PHE B 99 -7.48 35.73 -6.37
C PHE B 99 -6.74 36.56 -5.33
N PRO B 100 -5.45 36.78 -5.58
CA PRO B 100 -4.50 37.35 -4.62
C PRO B 100 -4.77 38.81 -4.30
N ARG B 101 -5.55 39.50 -5.14
CA ARG B 101 -5.72 40.95 -4.99
C ARG B 101 -7.18 41.38 -4.92
N THR B 102 -7.97 40.62 -4.18
CA THR B 102 -9.30 41.03 -3.76
C THR B 102 -9.19 42.30 -2.90
N PRO B 103 -10.28 43.07 -2.83
CA PRO B 103 -10.14 44.43 -2.26
C PRO B 103 -9.70 44.40 -0.80
N ASP B 104 -10.16 43.42 -0.03
CA ASP B 104 -9.73 43.28 1.35
C ASP B 104 -8.19 43.38 1.46
N VAL B 105 -7.50 42.97 0.41
CA VAL B 105 -6.04 43.02 0.39
C VAL B 105 -5.57 44.43 -0.03
N ASN B 106 -6.08 44.92 -1.14
CA ASN B 106 -5.73 46.28 -1.59
C ASN B 106 -5.92 47.34 -0.50
N ASN B 107 -7.02 47.23 0.23
CA ASN B 107 -7.33 48.21 1.25
C ASN B 107 -6.58 48.00 2.58
N TYR B 108 -6.03 46.80 2.77
CA TYR B 108 -5.33 46.47 3.99
C TYR B 108 -4.23 47.49 4.28
N VAL B 109 -3.57 47.99 3.24
CA VAL B 109 -2.41 48.86 3.45
C VAL B 109 -2.79 50.24 3.96
N LEU B 110 -4.05 50.61 3.77
CA LEU B 110 -4.53 51.91 4.24
C LEU B 110 -4.45 52.06 5.78
N GLN B 111 -4.59 50.95 6.49
CA GLN B 111 -4.42 50.95 7.93
C GLN B 111 -3.23 51.78 8.39
N THR B 112 -2.10 51.64 7.70
CA THR B 112 -0.86 52.33 8.08
C THR B 112 -1.03 53.85 8.14
N TYR B 113 -1.74 54.39 7.15
CA TYR B 113 -2.05 55.80 7.12
C TYR B 113 -2.82 56.24 8.37
N ILE B 114 -4.03 55.70 8.53
CA ILE B 114 -4.86 56.09 9.66
C ILE B 114 -4.29 55.71 11.03
N ASP B 115 -3.24 54.91 11.05
CA ASP B 115 -2.62 54.57 12.31
C ASP B 115 -1.77 55.74 12.79
N ASP B 116 -1.17 56.43 11.82
CA ASP B 116 -0.10 57.35 12.10
C ASP B 116 0.04 58.26 10.89
N PRO B 117 -0.92 59.17 10.70
CA PRO B 117 -1.01 60.00 9.48
C PRO B 117 -0.11 61.24 9.45
N SER B 118 0.19 61.82 10.61
CA SER B 118 0.82 63.13 10.67
C SER B 118 2.20 63.23 10.03
N PRO B 119 3.09 62.25 10.27
CA PRO B 119 4.41 62.36 9.62
C PRO B 119 4.30 62.40 8.10
N TRP B 120 3.23 61.87 7.56
CA TRP B 120 3.00 61.97 6.14
C TRP B 120 2.89 63.43 5.71
N GLU B 121 2.19 64.22 6.50
CA GLU B 121 2.09 65.66 6.28
C GLU B 121 3.35 66.39 6.76
N THR B 122 3.67 66.22 8.04
CA THR B 122 4.90 66.76 8.64
C THR B 122 6.08 66.80 7.68
N GLN B 123 6.27 65.71 6.94
CA GLN B 123 7.54 65.48 6.26
C GLN B 123 7.56 65.93 4.82
N THR B 124 6.41 66.30 4.29
CA THR B 124 6.31 66.76 2.90
C THR B 124 7.23 67.96 2.61
N ILE B 125 7.73 68.02 1.39
CA ILE B 125 8.59 69.11 0.93
C ILE B 125 8.01 69.77 -0.33
N GLY B 126 7.88 71.09 -0.30
CA GLY B 126 7.10 71.81 -1.31
C GLY B 126 5.73 71.99 -0.69
N ALA B 127 5.74 72.01 0.64
CA ALA B 127 4.52 71.90 1.45
C ALA B 127 3.56 73.07 1.28
N GLU B 128 3.86 74.17 1.98
CA GLU B 128 2.94 75.29 2.10
C GLU B 128 1.72 74.85 2.91
N GLY B 129 1.93 73.84 3.77
CA GLY B 129 0.84 73.28 4.54
C GLY B 129 -0.30 72.87 3.62
N LYS B 130 0.01 72.75 2.33
CA LYS B 130 -0.97 72.33 1.33
C LYS B 130 -1.32 70.85 1.51
N VAL B 131 -0.34 70.08 1.99
CA VAL B 131 -0.55 68.66 2.32
C VAL B 131 -1.05 68.54 3.76
N LYS B 132 -2.28 68.03 3.92
CA LYS B 132 -2.91 67.92 5.23
C LYS B 132 -3.26 66.47 5.63
N ALA B 133 -2.78 66.06 6.81
CA ALA B 133 -3.06 64.72 7.33
C ALA B 133 -4.56 64.40 7.35
N LYS B 134 -5.37 65.39 7.73
CA LYS B 134 -6.82 65.18 7.82
C LYS B 134 -7.41 64.69 6.50
N ASN B 135 -6.82 65.12 5.38
CA ASN B 135 -7.32 64.68 4.07
C ASN B 135 -7.12 63.20 3.87
N ILE B 136 -6.02 62.70 4.42
CA ILE B 136 -5.65 61.30 4.30
C ILE B 136 -6.65 60.47 5.08
N VAL B 137 -6.86 60.88 6.32
CA VAL B 137 -7.83 60.24 7.19
C VAL B 137 -9.23 60.40 6.61
N ASP B 138 -9.53 61.59 6.11
CA ASP B 138 -10.85 61.80 5.56
C ASP B 138 -11.07 60.86 4.38
N PHE B 139 -10.03 60.67 3.59
CA PHE B 139 -10.17 59.85 2.39
C PHE B 139 -10.44 58.39 2.73
N VAL B 140 -9.66 57.86 3.66
CA VAL B 140 -9.80 56.47 4.06
C VAL B 140 -11.20 56.26 4.66
N ASN B 141 -11.59 57.18 5.54
CA ASN B 141 -12.92 57.15 6.10
C ASN B 141 -13.99 57.16 5.00
N PHE B 142 -13.78 57.99 3.99
CA PHE B 142 -14.63 58.01 2.82
C PHE B 142 -14.64 56.63 2.12
N ALA B 143 -13.45 56.10 1.88
CA ALA B 143 -13.30 54.79 1.23
C ALA B 143 -13.99 53.74 2.07
N LYS B 144 -13.91 53.94 3.39
CA LYS B 144 -14.54 53.03 4.34
C LYS B 144 -16.07 53.02 4.24
N LYS B 145 -16.68 54.21 4.19
CA LYS B 145 -18.13 54.30 4.20
C LYS B 145 -18.69 53.62 2.98
N HIS B 146 -18.02 53.81 1.85
CA HIS B 146 -18.49 53.32 0.57
C HIS B 146 -17.90 52.00 0.09
N ASP B 147 -17.07 51.36 0.91
CA ASP B 147 -16.44 50.10 0.52
C ASP B 147 -15.73 50.24 -0.83
N LEU B 148 -14.86 51.24 -0.89
CA LEU B 148 -14.12 51.53 -2.12
C LEU B 148 -12.91 50.63 -2.25
N ASN B 149 -12.74 50.06 -3.45
CA ASN B 149 -11.54 49.31 -3.79
C ASN B 149 -10.44 50.27 -4.25
N CYS B 150 -9.38 50.41 -3.45
CA CYS B 150 -8.25 51.27 -3.84
C CYS B 150 -7.00 50.44 -4.17
N ALA B 151 -6.74 50.21 -5.45
CA ALA B 151 -5.60 49.38 -5.84
C ALA B 151 -4.26 50.09 -5.65
N PRO B 152 -3.34 49.46 -4.89
CA PRO B 152 -2.04 50.09 -4.64
C PRO B 152 -1.05 49.93 -5.80
N GLN B 153 -0.40 51.03 -6.17
CA GLN B 153 0.61 51.01 -7.20
C GLN B 153 1.87 51.78 -6.78
N PHE B 154 2.88 51.06 -6.29
CA PHE B 154 4.11 51.71 -5.82
C PHE B 154 5.31 51.37 -6.70
N VAL B 155 5.52 50.07 -6.92
CA VAL B 155 6.61 49.59 -7.76
C VAL B 155 6.82 50.38 -9.05
N ASP B 156 8.09 50.72 -9.31
CA ASP B 156 8.46 51.57 -10.45
C ASP B 156 9.18 50.80 -11.56
N PRO B 157 9.25 51.41 -12.76
CA PRO B 157 10.08 50.88 -13.85
C PRO B 157 11.55 50.72 -13.43
N GLN B 158 12.10 49.54 -13.66
CA GLN B 158 13.50 49.23 -13.36
C GLN B 158 14.47 50.10 -14.18
N MET B 159 15.69 50.28 -13.67
CA MET B 159 16.66 51.20 -14.29
C MET B 159 17.36 50.67 -15.53
N PRO B 171 11.55 57.02 -15.93
CA PRO B 171 10.23 57.05 -16.59
C PRO B 171 9.11 56.87 -15.57
N GLY B 172 9.44 56.69 -14.30
CA GLY B 172 8.43 56.63 -13.25
C GLY B 172 7.48 57.81 -13.24
N LEU B 173 6.71 57.94 -12.16
CA LEU B 173 5.74 59.04 -12.07
C LEU B 173 6.40 60.30 -11.51
N ARG B 174 6.02 61.46 -12.05
CA ARG B 174 6.63 62.73 -11.66
C ARG B 174 5.65 63.90 -11.67
N VAL B 175 5.95 64.90 -10.84
CA VAL B 175 5.13 66.11 -10.76
C VAL B 175 5.60 67.15 -11.76
N ILE B 176 4.79 67.41 -12.77
CA ILE B 176 5.10 68.43 -13.76
C ILE B 176 4.85 69.82 -13.19
N GLU B 177 3.63 70.03 -12.66
CA GLU B 177 3.22 71.31 -12.11
C GLU B 177 2.68 71.14 -10.71
N LYS B 178 2.79 72.19 -9.91
CA LYS B 178 2.00 72.27 -8.69
C LYS B 178 1.52 73.68 -8.40
N ASN B 179 0.20 73.87 -8.48
CA ASN B 179 -0.45 75.11 -8.08
C ASN B 179 -1.23 74.90 -6.79
N ASP B 180 -2.08 75.85 -6.43
CA ASP B 180 -2.80 75.76 -5.16
C ASP B 180 -4.20 75.18 -5.33
N LYS B 181 -4.46 74.60 -6.49
CA LYS B 181 -5.63 73.77 -6.68
C LYS B 181 -5.24 72.30 -6.46
N GLY B 182 -4.05 71.94 -6.92
CA GLY B 182 -3.52 70.59 -6.74
C GLY B 182 -2.16 70.39 -7.41
N ILE B 183 -1.93 69.21 -7.95
CA ILE B 183 -0.70 68.91 -8.69
C ILE B 183 -0.98 68.25 -10.03
N VAL B 184 0.04 68.25 -10.88
CA VAL B 184 -0.05 67.58 -12.17
C VAL B 184 1.09 66.60 -12.32
N VAL B 185 0.75 65.37 -12.67
CA VAL B 185 1.73 64.30 -12.75
C VAL B 185 1.71 63.62 -14.11
N SER B 186 2.90 63.25 -14.59
CA SER B 186 3.05 62.47 -15.81
C SER B 186 4.05 61.35 -15.56
N GLY B 187 3.91 60.27 -16.32
CA GLY B 187 4.76 59.11 -16.14
C GLY B 187 3.93 57.85 -16.10
N VAL B 188 4.51 56.78 -15.57
CA VAL B 188 3.82 55.49 -15.59
C VAL B 188 4.12 54.68 -14.34
N LYS B 189 3.10 54.01 -13.83
CA LYS B 189 3.30 53.03 -12.79
C LYS B 189 3.39 51.65 -13.44
N ALA B 190 4.54 51.01 -13.27
CA ALA B 190 4.90 49.85 -14.08
C ALA B 190 4.08 48.61 -13.77
N ILE B 191 3.81 48.37 -12.48
CA ILE B 191 3.09 47.17 -12.07
C ILE B 191 1.86 47.49 -11.20
N GLY B 192 0.72 47.00 -11.65
CA GLY B 192 -0.53 47.11 -10.93
C GLY B 192 -1.30 45.84 -11.18
N THR B 193 -2.17 45.48 -10.24
CA THR B 193 -2.97 44.27 -10.38
C THR B 193 -4.45 44.58 -10.17
N GLY B 194 -5.27 44.22 -11.15
CA GLY B 194 -6.70 44.46 -11.06
C GLY B 194 -7.08 45.92 -10.92
N VAL B 195 -6.17 46.82 -11.29
CA VAL B 195 -6.47 48.24 -11.27
C VAL B 195 -7.72 48.54 -12.11
N ALA B 196 -7.88 47.82 -13.22
CA ALA B 196 -9.03 48.01 -14.10
C ALA B 196 -10.34 47.67 -13.40
N PHE B 197 -10.25 46.99 -12.25
CA PHE B 197 -11.43 46.56 -11.50
C PHE B 197 -11.60 47.35 -10.19
N ALA B 198 -10.66 48.21 -9.88
CA ALA B 198 -10.70 49.01 -8.66
C ALA B 198 -11.60 50.24 -8.85
N ASP B 199 -11.76 51.00 -7.78
CA ASP B 199 -12.48 52.28 -7.85
C ASP B 199 -11.49 53.45 -7.90
N TRP B 200 -10.36 53.29 -7.20
CA TRP B 200 -9.40 54.37 -7.03
C TRP B 200 -7.99 53.82 -7.16
N ILE B 201 -7.09 54.66 -7.64
CA ILE B 201 -5.69 54.27 -7.69
C ILE B 201 -4.91 54.87 -6.52
N HIS B 202 -4.24 54.00 -5.77
CA HIS B 202 -3.48 54.42 -4.61
C HIS B 202 -2.01 54.64 -5.01
N ILE B 203 -1.63 55.90 -5.23
CA ILE B 203 -0.28 56.24 -5.71
C ILE B 203 0.74 56.25 -4.58
N GLY B 204 1.95 55.76 -4.88
CA GLY B 204 3.03 55.70 -3.91
C GLY B 204 4.34 55.34 -4.59
N VAL B 205 5.42 55.29 -3.81
CA VAL B 205 6.73 54.95 -4.37
C VAL B 205 7.71 54.50 -3.28
N PHE B 206 8.70 53.69 -3.67
CA PHE B 206 9.75 53.28 -2.73
C PHE B 206 11.04 54.06 -2.98
N PHE B 207 11.77 54.36 -1.90
CA PHE B 207 13.06 55.00 -2.07
C PHE B 207 14.00 54.11 -2.87
N ARG B 208 14.90 54.75 -3.58
CA ARG B 208 15.99 54.07 -4.27
C ARG B 208 17.16 55.05 -4.34
N PRO B 209 18.37 54.51 -4.50
CA PRO B 209 19.54 55.39 -4.69
C PRO B 209 19.31 56.46 -5.76
N GLY B 210 19.39 57.72 -5.32
CA GLY B 210 19.32 58.86 -6.22
C GLY B 210 17.94 59.01 -6.83
N ILE B 211 16.97 59.33 -6.00
CA ILE B 211 15.62 59.55 -6.47
C ILE B 211 15.23 61.02 -6.29
N PRO B 212 14.89 61.69 -7.40
CA PRO B 212 14.50 63.10 -7.39
C PRO B 212 13.21 63.30 -6.59
N GLY B 213 13.17 64.35 -5.76
CA GLY B 213 12.03 64.61 -4.91
C GLY B 213 10.72 64.83 -5.65
N ASP B 214 10.80 65.21 -6.91
CA ASP B 214 9.61 65.41 -7.72
C ASP B 214 9.00 64.07 -8.16
N GLN B 215 9.57 62.98 -7.64
CA GLN B 215 9.08 61.63 -7.90
C GLN B 215 8.65 60.96 -6.60
N ILE B 216 8.67 61.73 -5.51
CA ILE B 216 8.17 61.26 -4.21
C ILE B 216 6.71 61.64 -4.08
N ILE B 217 5.81 60.77 -4.54
CA ILE B 217 4.41 61.10 -4.59
C ILE B 217 3.55 60.04 -3.93
N PHE B 218 2.75 60.48 -2.96
CA PHE B 218 1.73 59.61 -2.42
C PHE B 218 0.41 60.32 -2.56
N ALA B 219 -0.53 59.67 -3.22
CA ALA B 219 -1.81 60.29 -3.54
C ALA B 219 -2.81 59.21 -3.92
N ALA B 220 -3.99 59.63 -4.39
CA ALA B 220 -5.00 58.72 -4.89
C ALA B 220 -5.84 59.45 -5.92
N THR B 221 -6.25 58.75 -6.97
CA THR B 221 -7.12 59.32 -7.98
C THR B 221 -8.06 58.23 -8.55
N PRO B 222 -9.29 58.60 -8.90
CA PRO B 222 -10.19 57.60 -9.48
C PRO B 222 -9.55 56.87 -10.67
N VAL B 223 -10.08 55.71 -11.00
CA VAL B 223 -9.54 54.91 -12.08
C VAL B 223 -9.86 55.54 -13.42
N ASN B 224 -10.97 56.28 -13.47
CA ASN B 224 -11.41 56.88 -14.72
C ASN B 224 -10.97 58.33 -14.89
N THR B 225 -10.15 58.81 -13.96
CA THR B 225 -9.52 60.12 -14.08
C THR B 225 -8.98 60.39 -15.49
N PRO B 226 -9.27 61.58 -16.01
CA PRO B 226 -8.74 62.07 -17.30
C PRO B 226 -7.21 62.09 -17.31
N GLY B 227 -6.62 61.43 -18.30
CA GLY B 227 -5.16 61.37 -18.41
C GLY B 227 -4.61 60.02 -17.97
N VAL B 228 -5.51 59.17 -17.47
CA VAL B 228 -5.17 57.85 -16.95
C VAL B 228 -5.55 56.75 -17.94
N THR B 229 -4.61 55.84 -18.20
CA THR B 229 -4.90 54.72 -19.07
C THR B 229 -4.33 53.45 -18.45
N ILE B 230 -5.18 52.46 -18.24
CA ILE B 230 -4.77 51.17 -17.68
C ILE B 230 -4.44 50.23 -18.84
N VAL B 231 -3.23 49.68 -18.82
CA VAL B 231 -2.73 48.89 -19.95
C VAL B 231 -2.40 47.47 -19.51
N CYS B 232 -3.28 46.53 -19.87
CA CYS B 232 -3.21 45.19 -19.30
C CYS B 232 -2.78 44.12 -20.27
N ARG B 233 -2.20 43.07 -19.71
CA ARG B 233 -1.87 41.88 -20.48
C ARG B 233 -3.15 41.26 -20.99
N GLU B 234 -3.05 40.47 -22.06
CA GLU B 234 -4.19 39.73 -22.57
C GLU B 234 -4.79 38.92 -21.44
N SER B 235 -6.08 38.64 -21.56
CA SER B 235 -6.81 37.92 -20.55
C SER B 235 -6.81 36.44 -20.88
N VAL B 236 -6.64 35.60 -19.86
CA VAL B 236 -6.60 34.16 -20.11
C VAL B 236 -7.71 33.38 -19.41
N VAL B 237 -8.84 34.03 -19.17
CA VAL B 237 -10.08 33.33 -18.85
C VAL B 237 -10.33 32.20 -19.82
N LYS B 238 -10.88 31.11 -19.32
CA LYS B 238 -11.27 30.00 -20.16
C LYS B 238 -12.78 30.01 -20.37
N GLU B 239 -13.21 29.62 -21.57
CA GLU B 239 -14.64 29.59 -21.89
C GLU B 239 -15.44 28.49 -21.20
N ASP B 240 -14.98 27.25 -21.34
CA ASP B 240 -15.71 26.09 -20.83
C ASP B 240 -15.49 25.94 -19.33
N PRO B 241 -16.55 26.08 -18.52
CA PRO B 241 -16.36 25.96 -17.07
C PRO B 241 -16.48 24.52 -16.58
N ILE B 242 -16.90 23.61 -17.46
CA ILE B 242 -16.88 22.21 -17.09
C ILE B 242 -15.44 21.76 -17.17
N GLU B 243 -14.80 22.07 -18.28
CA GLU B 243 -13.42 21.67 -18.49
C GLU B 243 -12.49 22.46 -17.59
N HIS B 244 -12.83 23.72 -17.36
CA HIS B 244 -11.97 24.63 -16.62
C HIS B 244 -12.70 25.36 -15.48
N PRO B 245 -12.98 24.64 -14.39
CA PRO B 245 -13.82 25.13 -13.29
C PRO B 245 -13.23 26.35 -12.59
N LEU B 246 -11.91 26.44 -12.61
CA LEU B 246 -11.21 27.55 -11.95
C LEU B 246 -10.79 28.64 -12.92
N ALA B 247 -10.03 28.26 -13.94
CA ALA B 247 -9.53 29.19 -14.94
C ALA B 247 -10.66 29.96 -15.65
N SER B 248 -11.86 29.38 -15.70
CA SER B 248 -13.02 30.05 -16.29
C SER B 248 -13.69 31.08 -15.37
N GLN B 249 -13.23 31.18 -14.14
CA GLN B 249 -13.81 32.12 -13.17
C GLN B 249 -13.25 33.54 -13.32
N GLY B 250 -12.22 33.71 -14.13
CA GLY B 250 -11.77 35.05 -14.46
C GLY B 250 -10.31 35.36 -14.19
N ASP B 251 -9.78 36.35 -14.91
CA ASP B 251 -8.36 36.63 -14.90
C ASP B 251 -8.05 37.95 -14.23
N GLU B 252 -7.36 37.87 -13.10
CA GLU B 252 -6.90 39.04 -12.36
C GLU B 252 -5.76 39.69 -13.12
N LEU B 253 -6.11 40.62 -14.01
CA LEU B 253 -5.13 41.21 -14.92
C LEU B 253 -4.03 42.00 -14.24
N ASP B 254 -2.85 41.97 -14.84
CA ASP B 254 -1.71 42.77 -14.42
C ASP B 254 -1.39 43.72 -15.54
N GLY B 255 -0.68 44.80 -15.23
CA GLY B 255 -0.30 45.73 -16.25
C GLY B 255 0.28 47.00 -15.69
N MET B 256 0.34 48.02 -16.53
CA MET B 256 0.87 49.31 -16.11
C MET B 256 -0.25 50.36 -16.14
N THR B 257 0.03 51.51 -15.54
CA THR B 257 -0.87 52.64 -15.59
C THR B 257 -0.12 53.85 -16.10
N VAL B 258 -0.68 54.50 -17.12
CA VAL B 258 -0.03 55.68 -17.69
C VAL B 258 -0.71 56.97 -17.24
N PHE B 259 0.11 57.92 -16.82
CA PHE B 259 -0.39 59.21 -16.37
C PHE B 259 0.04 60.33 -17.30
N ASP B 260 -0.92 60.88 -18.02
CA ASP B 260 -0.65 61.93 -18.99
C ASP B 260 -1.24 63.25 -18.52
N ASN B 261 -0.44 64.02 -17.79
CA ASN B 261 -0.88 65.29 -17.22
C ASN B 261 -2.08 65.13 -16.28
N VAL B 262 -2.05 64.09 -15.47
CA VAL B 262 -3.19 63.76 -14.63
C VAL B 262 -3.29 64.78 -13.48
N PHE B 263 -4.46 65.39 -13.33
CA PHE B 263 -4.64 66.37 -12.26
C PHE B 263 -5.13 65.73 -10.96
N ILE B 264 -4.51 66.12 -9.85
CA ILE B 264 -4.88 65.65 -8.53
C ILE B 264 -5.06 66.81 -7.54
N PRO B 265 -6.28 66.98 -7.04
CA PRO B 265 -6.59 68.00 -6.03
C PRO B 265 -5.80 67.80 -4.72
N TRP B 266 -5.50 68.88 -4.00
CA TRP B 266 -4.74 68.79 -2.74
C TRP B 266 -5.42 67.92 -1.69
N SER B 267 -6.74 67.80 -1.78
CA SER B 267 -7.50 66.96 -0.88
C SER B 267 -7.02 65.52 -0.97
N HIS B 268 -6.43 65.18 -2.12
CA HIS B 268 -6.09 63.79 -2.39
C HIS B 268 -4.60 63.50 -2.52
N VAL B 269 -3.76 64.42 -2.07
CA VAL B 269 -2.34 64.11 -2.01
C VAL B 269 -1.86 63.91 -0.56
N PHE B 270 -1.11 62.83 -0.34
CA PHE B 270 -0.77 62.37 1.00
C PHE B 270 0.67 62.69 1.42
N HIS B 271 1.53 62.97 0.45
CA HIS B 271 2.93 63.32 0.73
C HIS B 271 3.68 63.65 -0.54
N LEU B 272 4.62 64.57 -0.46
CA LEU B 272 5.44 64.96 -1.60
C LEU B 272 6.86 65.29 -1.18
N GLY B 273 7.83 64.98 -2.04
CA GLY B 273 9.15 65.58 -1.96
C GLY B 273 10.28 64.95 -1.16
N ASN B 274 9.98 64.38 -0.01
CA ASN B 274 11.00 63.93 0.93
C ASN B 274 11.33 62.43 0.81
N PRO B 275 12.41 62.10 0.08
CA PRO B 275 12.83 60.72 -0.18
C PRO B 275 13.38 59.99 1.05
N GLU B 276 13.57 60.71 2.15
CA GLU B 276 13.99 60.07 3.36
C GLU B 276 12.79 59.35 3.94
N HIS B 277 11.66 60.05 3.92
CA HIS B 277 10.37 59.50 4.30
C HIS B 277 10.07 58.24 3.47
N ALA B 278 10.43 58.30 2.20
CA ALA B 278 10.23 57.19 1.29
C ALA B 278 10.94 55.90 1.72
N LYS B 279 11.93 56.02 2.60
CA LYS B 279 12.65 54.82 3.04
C LYS B 279 11.72 53.87 3.79
N LEU B 280 11.40 54.20 5.03
CA LEU B 280 10.76 53.21 5.90
C LEU B 280 9.25 53.29 5.98
N TYR B 281 8.66 54.38 5.50
CA TYR B 281 7.21 54.49 5.58
C TYR B 281 6.47 53.66 4.54
N PRO B 282 6.89 53.73 3.26
CA PRO B 282 6.24 52.87 2.28
C PRO B 282 6.39 51.40 2.68
N GLN B 283 7.48 51.04 3.32
CA GLN B 283 7.61 49.68 3.83
C GLN B 283 6.56 49.37 4.90
N ARG B 284 6.32 50.31 5.82
CA ARG B 284 5.26 50.17 6.82
C ARG B 284 3.88 50.00 6.16
N VAL B 285 3.67 50.70 5.06
CA VAL B 285 2.44 50.57 4.30
C VAL B 285 2.25 49.15 3.78
N PHE B 286 3.35 48.49 3.41
CA PHE B 286 3.28 47.19 2.77
C PHE B 286 3.50 46.00 3.69
N ASP B 287 3.91 46.27 4.92
CA ASP B 287 4.00 45.21 5.91
C ASP B 287 2.70 44.41 5.91
N TRP B 288 1.58 45.09 5.67
CA TRP B 288 0.28 44.43 5.76
C TRP B 288 0.01 43.50 4.57
N LEU B 289 0.32 43.96 3.37
CA LEU B 289 0.25 43.10 2.19
C LEU B 289 1.13 41.84 2.37
N HIS B 290 2.34 42.02 2.88
CA HIS B 290 3.27 40.92 3.08
C HIS B 290 2.70 39.87 4.02
N TYR B 291 2.13 40.32 5.12
CA TYR B 291 1.54 39.41 6.08
C TYR B 291 0.35 38.67 5.46
N HIS B 292 -0.46 39.38 4.68
CA HIS B 292 -1.57 38.73 4.00
C HIS B 292 -1.10 37.67 2.98
N ALA B 293 -0.04 38.00 2.25
CA ALA B 293 0.60 37.06 1.33
C ALA B 293 0.99 35.74 2.01
N LEU B 294 1.42 35.82 3.28
CA LEU B 294 1.70 34.61 4.07
C LEU B 294 0.43 33.84 4.39
N ILE B 295 -0.61 34.55 4.79
CA ILE B 295 -1.87 33.89 5.10
C ILE B 295 -2.31 33.12 3.86
N ARG B 296 -2.28 33.82 2.74
CA ARG B 296 -2.70 33.25 1.48
C ARG B 296 -1.81 32.08 1.10
N GLN B 297 -0.52 32.23 1.33
CA GLN B 297 0.43 31.18 1.02
C GLN B 297 0.10 29.88 1.75
N SER B 298 -0.22 29.94 3.04
CA SER B 298 -0.55 28.70 3.75
C SER B 298 -1.81 28.04 3.20
N VAL B 299 -2.77 28.87 2.79
CA VAL B 299 -4.02 28.37 2.23
C VAL B 299 -3.72 27.66 0.94
N ARG B 300 -2.87 28.28 0.13
CA ARG B 300 -2.40 27.65 -1.09
C ARG B 300 -1.74 26.30 -0.80
N ALA B 301 -0.93 26.25 0.26
CA ALA B 301 -0.19 25.03 0.56
C ALA B 301 -1.11 23.95 1.06
N GLU B 302 -2.16 24.38 1.74
CA GLU B 302 -3.16 23.49 2.31
C GLU B 302 -3.97 22.87 1.18
N LEU B 303 -4.29 23.67 0.18
CA LEU B 303 -4.95 23.18 -1.01
C LEU B 303 -4.06 22.17 -1.76
N MET B 304 -2.79 22.52 -1.97
CA MET B 304 -1.84 21.64 -2.66
C MET B 304 -1.74 20.27 -1.96
N ALA B 305 -1.52 20.30 -0.65
CA ALA B 305 -1.40 19.06 0.10
C ALA B 305 -2.70 18.26 0.01
N GLY B 306 -3.84 18.96 0.12
CA GLY B 306 -5.15 18.34 -0.05
C GLY B 306 -5.23 17.58 -1.36
N LEU B 307 -4.86 18.26 -2.44
CA LEU B 307 -4.92 17.63 -3.76
C LEU B 307 -4.01 16.42 -3.85
N ALA B 308 -2.81 16.51 -3.28
CA ALA B 308 -1.93 15.35 -3.32
C ALA B 308 -2.62 14.15 -2.68
N ILE B 309 -3.23 14.36 -1.52
CA ILE B 309 -3.94 13.30 -0.81
C ILE B 309 -5.10 12.72 -1.62
N LEU B 310 -5.85 13.58 -2.29
CA LEU B 310 -6.97 13.11 -3.07
C LEU B 310 -6.50 12.25 -4.25
N ILE B 311 -5.50 12.75 -4.97
CA ILE B 311 -5.07 12.08 -6.19
C ILE B 311 -4.35 10.74 -5.93
N THR B 312 -3.50 10.68 -4.92
CA THR B 312 -2.83 9.43 -4.59
C THR B 312 -3.80 8.42 -3.98
N GLU B 313 -4.76 8.92 -3.19
CA GLU B 313 -5.80 8.05 -2.64
C GLU B 313 -6.68 7.48 -3.74
N HIS B 314 -7.08 8.33 -4.68
CA HIS B 314 -7.98 7.89 -5.74
C HIS B 314 -7.28 6.95 -6.72
N ILE B 315 -6.02 7.23 -6.98
CA ILE B 315 -5.22 6.36 -7.83
C ILE B 315 -4.82 5.08 -7.10
N GLY B 316 -4.78 5.14 -5.76
CA GLY B 316 -4.37 4.01 -4.93
C GLY B 316 -2.86 3.90 -4.70
N THR B 317 -2.11 4.97 -4.88
CA THR B 317 -0.67 4.95 -4.64
C THR B 317 -0.32 5.40 -3.22
N ASN B 318 -1.34 5.88 -2.51
CA ASN B 318 -1.14 6.63 -1.27
C ASN B 318 -0.40 5.89 -0.17
N LYS B 319 -0.39 4.56 -0.24
CA LYS B 319 0.26 3.78 0.80
C LYS B 319 1.65 3.26 0.42
N ILE B 320 2.11 3.62 -0.77
CA ILE B 320 3.49 3.37 -1.11
C ILE B 320 4.39 4.27 -0.28
N PRO B 321 5.27 3.69 0.52
CA PRO B 321 6.15 4.48 1.39
C PRO B 321 6.76 5.72 0.73
N ALA B 322 7.35 5.52 -0.43
CA ALA B 322 8.03 6.62 -1.09
C ALA B 322 7.03 7.66 -1.56
N VAL B 323 5.78 7.25 -1.73
CA VAL B 323 4.70 8.20 -1.96
C VAL B 323 4.25 8.88 -0.66
N GLN B 324 4.01 8.10 0.40
CA GLN B 324 3.68 8.64 1.73
C GLN B 324 4.61 9.77 2.10
N THR B 325 5.90 9.46 1.98
CA THR B 325 6.96 10.41 2.25
C THR B 325 6.72 11.74 1.54
N ARG B 326 6.31 11.69 0.27
CA ARG B 326 6.17 12.92 -0.49
C ARG B 326 4.96 13.73 -0.09
N VAL B 327 3.86 13.04 0.24
CA VAL B 327 2.66 13.73 0.69
C VAL B 327 2.90 14.37 2.06
N ALA B 328 3.66 13.69 2.91
CA ALA B 328 4.00 14.23 4.23
C ALA B 328 4.88 15.48 4.05
N LYS B 329 5.71 15.45 3.01
CA LYS B 329 6.54 16.59 2.64
C LYS B 329 5.65 17.82 2.34
N LEU B 330 4.57 17.61 1.61
CA LEU B 330 3.63 18.69 1.28
C LEU B 330 2.83 19.18 2.50
N ILE B 331 2.41 18.24 3.35
CA ILE B 331 1.74 18.61 4.59
C ILE B 331 2.67 19.46 5.48
N GLY B 332 3.94 19.07 5.53
CA GLY B 332 4.95 19.81 6.24
C GLY B 332 5.12 21.23 5.71
N PHE B 333 5.03 21.40 4.39
CA PHE B 333 5.19 22.71 3.79
C PHE B 333 4.10 23.66 4.33
N HIS B 334 2.88 23.15 4.42
CA HIS B 334 1.74 23.88 4.96
C HIS B 334 1.91 24.21 6.45
N GLN B 335 2.32 23.22 7.23
CA GLN B 335 2.52 23.43 8.65
C GLN B 335 3.63 24.46 8.91
N ALA B 336 4.57 24.54 7.99
CA ALA B 336 5.68 25.49 8.14
C ALA B 336 5.18 26.92 8.00
N MET B 337 4.29 27.16 7.04
CA MET B 337 3.72 28.48 6.83
C MET B 337 2.87 28.87 8.01
N LEU B 338 1.98 27.97 8.37
CA LEU B 338 1.09 28.11 9.51
C LEU B 338 1.90 28.41 10.77
N ALA B 339 3.02 27.73 10.96
CA ALA B 339 3.89 28.00 12.12
C ALA B 339 4.45 29.42 12.15
N HIS B 340 4.91 29.93 11.00
CA HIS B 340 5.43 31.29 11.00
C HIS B 340 4.33 32.32 11.30
N ILE B 341 3.14 32.10 10.74
CA ILE B 341 2.02 32.98 10.96
C ILE B 341 1.69 33.03 12.44
N VAL B 342 1.42 31.86 13.02
CA VAL B 342 1.01 31.72 14.39
C VAL B 342 2.08 32.25 15.33
N ALA B 343 3.33 31.87 15.08
CA ALA B 343 4.44 32.36 15.88
C ALA B 343 4.56 33.87 15.78
N SER B 344 4.43 34.41 14.56
CA SER B 344 4.63 35.84 14.35
C SER B 344 3.52 36.67 15.03
N GLU B 345 2.36 36.06 15.19
CA GLU B 345 1.24 36.73 15.83
C GLU B 345 1.42 36.67 17.35
N GLU B 346 2.14 35.65 17.79
CA GLU B 346 2.40 35.49 19.20
C GLU B 346 3.38 36.55 19.64
N LEU B 347 4.33 36.87 18.78
CA LEU B 347 5.42 37.75 19.17
C LEU B 347 5.38 39.03 18.35
N GLY B 348 4.17 39.56 18.18
CA GLY B 348 4.00 40.83 17.52
C GLY B 348 4.29 42.01 18.44
N PHE B 349 4.07 43.21 17.92
CA PHE B 349 4.35 44.42 18.67
C PHE B 349 3.31 45.49 18.35
N HIS B 350 3.43 46.67 18.96
CA HIS B 350 2.49 47.77 18.67
C HIS B 350 3.11 48.91 17.88
N THR B 351 2.40 49.34 16.84
CA THR B 351 2.87 50.44 16.00
C THR B 351 2.71 51.78 16.71
N PRO B 352 3.11 52.89 16.07
CA PRO B 352 2.98 54.16 16.79
C PRO B 352 1.51 54.49 17.14
N GLY B 353 0.60 54.17 16.24
CA GLY B 353 -0.81 54.46 16.47
C GLY B 353 -1.51 53.43 17.33
N GLY B 354 -0.80 52.36 17.68
CA GLY B 354 -1.35 51.38 18.61
C GLY B 354 -1.80 50.07 18.01
N ALA B 355 -1.92 50.04 16.69
CA ALA B 355 -2.22 48.78 16.01
C ALA B 355 -1.22 47.69 16.39
N TYR B 356 -1.72 46.46 16.44
CA TYR B 356 -0.89 45.33 16.75
C TYR B 356 -0.48 44.69 15.44
N LYS B 357 0.82 44.50 15.27
CA LYS B 357 1.41 43.97 14.04
C LYS B 357 2.18 42.69 14.36
N PRO B 358 2.05 41.66 13.52
CA PRO B 358 2.81 40.44 13.83
C PRO B 358 4.31 40.66 13.57
N ASN B 359 5.16 39.86 14.20
CA ASN B 359 6.62 39.95 14.00
C ASN B 359 7.03 39.93 12.51
N ILE B 360 7.62 41.03 12.06
CA ILE B 360 7.89 41.19 10.63
C ILE B 360 8.95 40.21 10.16
N LEU B 361 9.97 40.09 11.00
CA LEU B 361 11.08 39.20 10.73
C LEU B 361 10.56 37.78 10.51
N ILE B 362 9.68 37.34 11.40
CA ILE B 362 9.19 35.98 11.32
C ILE B 362 8.27 35.77 10.11
N TYR B 363 7.22 36.56 10.01
CA TYR B 363 6.31 36.36 8.88
C TYR B 363 7.01 36.57 7.53
N ASP B 364 7.99 37.47 7.48
CA ASP B 364 8.78 37.62 6.25
C ASP B 364 9.67 36.39 5.99
N PHE B 365 10.22 35.78 7.03
CA PHE B 365 10.94 34.54 6.83
C PHE B 365 10.03 33.42 6.34
N GLY B 366 8.76 33.46 6.78
CA GLY B 366 7.74 32.53 6.30
C GLY B 366 7.47 32.68 4.80
N ARG B 367 7.49 33.92 4.30
CA ARG B 367 7.36 34.15 2.86
C ARG B 367 8.57 33.64 2.09
N ALA B 368 9.77 33.87 2.64
CA ALA B 368 10.99 33.40 1.99
C ALA B 368 10.97 31.87 1.88
N LEU B 369 10.55 31.21 2.96
CA LEU B 369 10.46 29.75 2.96
C LEU B 369 9.50 29.26 1.90
N TYR B 370 8.49 30.07 1.59
CA TYR B 370 7.50 29.72 0.58
C TYR B 370 8.04 29.98 -0.83
N LEU B 371 8.55 31.19 -1.05
CA LEU B 371 9.11 31.56 -2.34
C LEU B 371 10.28 30.65 -2.73
N GLU B 372 10.95 30.11 -1.71
CA GLU B 372 12.10 29.26 -1.98
C GLU B 372 11.70 27.83 -2.40
N ASN B 373 10.48 27.42 -2.07
CA ASN B 373 10.10 26.02 -2.20
C ASN B 373 8.86 25.73 -3.00
N PHE B 374 8.01 26.73 -3.24
CA PHE B 374 6.71 26.46 -3.84
C PHE B 374 6.84 25.84 -5.23
N SER B 375 7.85 26.24 -5.96
CA SER B 375 8.04 25.68 -7.29
C SER B 375 8.31 24.18 -7.26
N GLN B 376 9.12 23.77 -6.30
CA GLN B 376 9.45 22.37 -6.16
C GLN B 376 8.28 21.61 -5.53
N MET B 377 7.61 22.24 -4.58
CA MET B 377 6.41 21.65 -3.98
C MET B 377 5.34 21.44 -5.05
N ILE B 378 5.20 22.41 -5.96
CA ILE B 378 4.21 22.32 -7.02
C ILE B 378 4.53 21.16 -7.93
N TYR B 379 5.80 21.04 -8.28
CA TYR B 379 6.25 19.95 -9.13
C TYR B 379 6.01 18.60 -8.46
N GLU B 380 6.17 18.58 -7.15
CA GLU B 380 5.94 17.37 -6.38
C GLU B 380 4.52 16.88 -6.57
N LEU B 381 3.59 17.82 -6.54
CA LEU B 381 2.18 17.48 -6.66
C LEU B 381 1.87 17.02 -8.09
N VAL B 382 2.45 17.70 -9.06
CA VAL B 382 2.21 17.41 -10.47
C VAL B 382 2.77 16.04 -10.84
N ASP B 383 3.98 15.75 -10.35
CA ASP B 383 4.60 14.46 -10.60
C ASP B 383 3.72 13.39 -9.99
N LEU B 384 3.30 13.62 -8.74
CA LEU B 384 2.46 12.69 -7.99
C LEU B 384 1.17 12.29 -8.73
N SER B 385 0.68 13.16 -9.61
CA SER B 385 -0.58 12.90 -10.28
C SER B 385 -0.42 12.12 -11.60
N GLY B 386 0.83 11.89 -12.00
CA GLY B 386 1.12 11.14 -13.22
C GLY B 386 0.38 11.65 -14.45
N ARG B 387 -0.07 10.71 -15.28
CA ARG B 387 -0.78 11.04 -16.50
C ARG B 387 -2.12 11.70 -16.19
N SER B 388 -2.63 11.46 -14.99
CA SER B 388 -3.94 11.96 -14.59
C SER B 388 -3.91 13.47 -14.61
N ALA B 389 -2.68 14.01 -14.66
CA ALA B 389 -2.44 15.44 -14.83
C ALA B 389 -2.80 15.85 -16.26
N LEU B 390 -2.04 15.25 -17.17
CA LEU B 390 -2.13 15.49 -18.60
C LEU B 390 -3.38 14.90 -19.26
N ILE B 391 -3.30 13.64 -19.62
CA ILE B 391 -4.40 13.03 -20.32
C ILE B 391 -5.56 12.69 -19.38
N PHE B 392 -6.70 13.29 -19.66
CA PHE B 392 -7.95 12.82 -19.07
C PHE B 392 -9.15 13.22 -19.91
N ALA B 393 -10.22 12.44 -19.78
CA ALA B 393 -11.45 12.60 -20.54
C ALA B 393 -11.95 14.02 -20.51
N SER B 394 -12.39 14.51 -21.67
CA SER B 394 -13.23 15.69 -21.68
C SER B 394 -14.64 15.19 -21.31
N GLU B 395 -15.55 16.10 -20.98
CA GLU B 395 -16.85 15.65 -20.46
C GLU B 395 -17.64 14.86 -21.50
N ASP B 396 -17.66 15.37 -22.74
CA ASP B 396 -18.41 14.71 -23.80
C ASP B 396 -17.82 13.36 -24.14
N GLN B 397 -16.51 13.23 -24.03
CA GLN B 397 -15.87 11.93 -24.21
C GLN B 397 -16.33 10.97 -23.12
N TRP B 398 -16.34 11.46 -21.88
CA TRP B 398 -16.73 10.64 -20.73
C TRP B 398 -18.13 10.07 -20.94
N ASN B 399 -19.03 10.92 -21.40
CA ASN B 399 -20.43 10.56 -21.50
C ASN B 399 -20.79 9.74 -22.72
N ASP B 400 -19.86 9.67 -23.66
CA ASP B 400 -20.10 8.95 -24.90
C ASP B 400 -20.23 7.45 -24.65
N GLU B 401 -21.28 6.87 -25.23
CA GLU B 401 -21.70 5.51 -24.94
C GLU B 401 -20.59 4.48 -25.18
N ALA B 402 -19.90 4.63 -26.30
CA ALA B 402 -18.79 3.75 -26.64
C ALA B 402 -17.57 3.95 -25.73
N LEU B 403 -17.28 5.21 -25.41
CA LEU B 403 -16.09 5.55 -24.62
C LEU B 403 -16.30 5.29 -23.14
N ASN B 404 -17.44 5.77 -22.64
CA ASN B 404 -17.72 5.80 -21.22
C ASN B 404 -17.28 4.58 -20.41
N GLY B 405 -17.59 3.37 -20.90
CA GLY B 405 -17.26 2.16 -20.19
C GLY B 405 -15.75 1.97 -20.06
N TRP B 406 -15.02 2.42 -21.07
CA TRP B 406 -13.57 2.36 -21.08
C TRP B 406 -12.99 3.32 -20.05
N PHE B 407 -13.49 4.55 -20.06
CA PHE B 407 -13.04 5.59 -19.15
C PHE B 407 -13.25 5.20 -17.70
N GLU B 408 -14.41 4.60 -17.42
CA GLU B 408 -14.76 4.20 -16.06
C GLU B 408 -13.88 3.06 -15.56
N ARG B 409 -13.63 2.08 -16.42
CA ARG B 409 -12.74 0.97 -16.09
C ARG B 409 -11.33 1.50 -15.77
N MET B 410 -10.89 2.49 -16.53
CA MET B 410 -9.54 3.06 -16.40
C MET B 410 -9.36 4.00 -15.20
N ASN B 411 -10.47 4.53 -14.67
CA ASN B 411 -10.39 5.45 -13.55
C ASN B 411 -10.93 4.88 -12.23
N ASN B 412 -11.03 3.57 -12.16
CA ASN B 412 -11.53 2.95 -10.94
C ASN B 412 -10.43 2.87 -9.91
N GLY B 413 -10.80 3.11 -8.66
CA GLY B 413 -9.84 3.00 -7.59
C GLY B 413 -10.48 2.56 -6.31
N PRO B 414 -9.72 2.63 -5.21
CA PRO B 414 -10.14 2.28 -3.84
C PRO B 414 -11.01 3.35 -3.19
N VAL B 415 -11.20 4.47 -3.86
CA VAL B 415 -11.86 5.61 -3.25
C VAL B 415 -12.72 6.40 -4.24
N GLY B 416 -13.93 6.75 -3.82
CA GLY B 416 -14.86 7.55 -4.61
C GLY B 416 -15.36 6.95 -5.92
N GLN B 417 -15.91 7.82 -6.78
CA GLN B 417 -16.35 7.42 -8.12
C GLN B 417 -15.24 7.68 -9.13
N PRO B 418 -15.17 6.87 -10.20
CA PRO B 418 -14.07 6.96 -11.17
C PRO B 418 -13.96 8.36 -11.79
N HIS B 419 -15.08 9.06 -11.88
CA HIS B 419 -15.11 10.39 -12.48
C HIS B 419 -14.50 11.47 -11.59
N ASP B 420 -14.45 11.21 -10.28
CA ASP B 420 -13.83 12.13 -9.34
C ASP B 420 -12.36 12.40 -9.73
N ARG B 421 -11.73 11.41 -10.36
CA ARG B 421 -10.38 11.55 -10.90
C ARG B 421 -10.30 12.67 -11.92
N VAL B 422 -11.32 12.76 -12.76
CA VAL B 422 -11.39 13.81 -13.75
C VAL B 422 -11.56 15.15 -13.01
N LYS B 423 -12.48 15.19 -12.05
CA LYS B 423 -12.67 16.38 -11.24
C LYS B 423 -11.37 16.87 -10.63
N ILE B 424 -10.59 15.95 -10.08
CA ILE B 424 -9.34 16.31 -9.43
C ILE B 424 -8.34 16.84 -10.46
N GLY B 425 -8.20 16.09 -11.55
CA GLY B 425 -7.31 16.47 -12.62
C GLY B 425 -7.62 17.84 -13.18
N ARG B 426 -8.91 18.14 -13.32
CA ARG B 426 -9.27 19.43 -13.90
C ARG B 426 -8.77 20.60 -13.02
N VAL B 427 -8.77 20.41 -11.70
CA VAL B 427 -8.39 21.46 -10.78
C VAL B 427 -6.87 21.65 -10.78
N ILE B 428 -6.16 20.52 -10.75
CA ILE B 428 -4.71 20.51 -10.81
C ILE B 428 -4.22 21.08 -12.13
N ARG B 429 -4.94 20.77 -13.20
CA ARG B 429 -4.61 21.37 -14.49
C ARG B 429 -4.72 22.88 -14.45
N ASP B 430 -5.88 23.40 -14.07
CA ASP B 430 -6.13 24.85 -14.08
C ASP B 430 -5.11 25.57 -13.23
N LEU B 431 -4.92 25.02 -12.03
CA LEU B 431 -4.01 25.57 -11.03
C LEU B 431 -2.56 25.67 -11.51
N PHE B 432 -2.05 24.63 -12.17
CA PHE B 432 -0.61 24.60 -12.39
C PHE B 432 -0.17 24.39 -13.84
N LEU B 433 -1.12 24.11 -14.72
CA LEU B 433 -0.73 23.75 -16.08
C LEU B 433 -1.38 24.58 -17.19
N THR B 434 -1.94 25.73 -16.84
CA THR B 434 -2.55 26.63 -17.81
C THR B 434 -1.96 28.04 -17.65
N ASP B 435 -2.06 28.85 -18.71
CA ASP B 435 -1.69 30.26 -18.65
C ASP B 435 -2.25 30.88 -17.36
N TRP B 436 -3.52 30.61 -17.13
CA TRP B 436 -4.22 31.09 -15.94
C TRP B 436 -3.46 30.75 -14.65
N GLY B 437 -3.17 29.45 -14.46
CA GLY B 437 -2.49 28.98 -13.28
C GLY B 437 -1.07 29.53 -13.20
N ASN B 438 -0.43 29.64 -14.35
CA ASN B 438 0.96 30.07 -14.34
C ASN B 438 1.14 31.56 -14.03
N ARG B 439 0.13 32.40 -14.27
CA ARG B 439 0.31 33.81 -13.90
C ARG B 439 0.36 33.95 -12.38
N LEU B 440 -0.36 33.09 -11.68
CA LEU B 440 -0.31 33.05 -10.22
C LEU B 440 1.08 32.60 -9.76
N PHE B 441 1.63 31.58 -10.42
CA PHE B 441 3.03 31.16 -10.27
C PHE B 441 3.96 32.36 -10.30
N VAL B 442 4.06 33.02 -11.45
CA VAL B 442 4.95 34.17 -11.62
C VAL B 442 4.60 35.33 -10.70
N PHE B 443 3.30 35.52 -10.43
CA PHE B 443 2.89 36.61 -9.57
C PHE B 443 3.40 36.48 -8.12
N GLU B 444 3.51 35.26 -7.59
CA GLU B 444 3.97 35.05 -6.20
C GLU B 444 5.22 35.87 -5.91
N ASN B 445 6.12 35.94 -6.89
CA ASN B 445 7.37 36.67 -6.72
C ASN B 445 7.18 38.18 -6.76
N PHE B 446 5.95 38.60 -6.96
CA PHE B 446 5.62 40.03 -6.97
C PHE B 446 4.58 40.44 -5.92
N ASN B 447 4.06 39.48 -5.17
CA ASN B 447 3.16 39.80 -4.07
C ASN B 447 3.97 40.24 -2.84
N GLY B 448 4.80 41.25 -3.02
CA GLY B 448 5.70 41.70 -1.98
C GLY B 448 7.14 41.55 -2.40
N THR B 449 8.04 42.09 -1.58
CA THR B 449 9.46 41.99 -1.85
C THR B 449 9.84 40.54 -2.16
N PRO B 450 10.70 40.34 -3.16
CA PRO B 450 11.04 38.96 -3.52
C PRO B 450 12.07 38.37 -2.54
N LEU B 451 12.32 37.07 -2.67
CA LEU B 451 13.16 36.34 -1.74
C LEU B 451 14.50 36.99 -1.45
N GLN B 452 15.11 37.59 -2.48
CA GLN B 452 16.43 38.18 -2.32
C GLN B 452 16.36 39.43 -1.45
N ALA B 453 15.30 40.21 -1.66
CA ALA B 453 15.05 41.43 -0.90
C ALA B 453 14.86 41.15 0.59
N ILE B 454 13.95 40.24 0.90
CA ILE B 454 13.78 39.75 2.26
C ILE B 454 15.14 39.45 2.91
N ARG B 455 15.99 38.70 2.20
CA ARG B 455 17.29 38.31 2.73
C ARG B 455 18.25 39.49 2.93
N MET B 456 18.35 40.35 1.93
CA MET B 456 19.16 41.57 2.00
C MET B 456 18.70 42.44 3.16
N LEU B 457 17.40 42.55 3.32
CA LEU B 457 16.82 43.44 4.32
C LEU B 457 17.11 43.01 5.76
N THR B 458 17.06 41.71 6.03
CA THR B 458 17.28 41.29 7.40
C THR B 458 18.73 41.55 7.82
N MET B 459 19.66 41.49 6.87
CA MET B 459 21.07 41.73 7.19
C MET B 459 21.37 43.22 7.32
N GLN B 460 20.33 44.04 7.32
CA GLN B 460 20.51 45.46 7.57
C GLN B 460 20.09 45.82 8.98
N ARG B 461 19.20 45.01 9.54
CA ARG B 461 18.84 45.12 10.93
C ARG B 461 20.09 45.10 11.80
N ALA B 462 20.18 46.05 12.72
CA ALA B 462 21.38 46.26 13.51
C ALA B 462 21.64 45.12 14.50
N GLU B 463 20.58 44.40 14.87
CA GLU B 463 20.71 43.32 15.85
C GLU B 463 21.51 42.12 15.34
N PHE B 464 21.74 42.07 14.02
CA PHE B 464 22.49 40.97 13.41
C PHE B 464 23.95 41.32 13.18
N SER B 465 24.40 42.40 13.79
CA SER B 465 25.79 42.82 13.68
C SER B 465 26.61 41.96 14.63
N ALA B 466 27.91 41.88 14.37
CA ALA B 466 28.82 41.11 15.21
C ALA B 466 28.59 41.40 16.70
N ALA B 467 28.37 42.66 17.05
CA ALA B 467 28.18 43.03 18.47
C ALA B 467 26.69 43.07 18.89
N GLY B 468 25.79 42.92 17.92
CA GLY B 468 24.38 42.84 18.21
C GLY B 468 24.00 41.78 19.25
N PRO B 469 22.79 41.91 19.80
CA PRO B 469 22.26 40.98 20.81
C PRO B 469 22.10 39.58 20.25
N TYR B 470 21.88 39.46 18.94
CA TYR B 470 21.64 38.15 18.35
C TYR B 470 22.82 37.20 18.48
N GLY B 471 24.04 37.70 18.29
CA GLY B 471 25.23 36.86 18.33
C GLY B 471 25.81 36.61 19.72
N THR B 472 25.05 36.89 20.78
CA THR B 472 25.58 36.78 22.15
C THR B 472 25.96 35.36 22.51
N LEU B 473 25.07 34.42 22.21
CA LEU B 473 25.34 33.01 22.44
C LEU B 473 26.69 32.62 21.83
N ALA B 474 26.88 32.94 20.55
CA ALA B 474 28.10 32.59 19.85
C ALA B 474 29.35 33.31 20.42
N ARG B 475 29.24 34.60 20.72
CA ARG B 475 30.35 35.33 21.36
C ARG B 475 30.73 34.65 22.65
N LYS B 476 29.75 34.19 23.39
CA LYS B 476 30.03 33.53 24.66
C LYS B 476 30.70 32.17 24.48
N VAL B 477 30.21 31.39 23.52
CA VAL B 477 30.81 30.08 23.25
C VAL B 477 32.24 30.25 22.76
N CYS B 478 32.51 31.32 22.01
CA CYS B 478 33.86 31.61 21.54
C CYS B 478 34.78 32.32 22.55
N GLY B 479 34.25 32.71 23.71
CA GLY B 479 35.02 33.49 24.68
C GLY B 479 35.44 34.85 24.12
N ILE B 480 34.51 35.56 23.48
CA ILE B 480 34.81 36.81 22.81
C ILE B 480 33.94 37.96 23.30
N GLU B 481 34.57 39.09 23.65
CA GLU B 481 33.82 40.29 24.07
C GLU B 481 33.80 41.42 23.02
N LEU B 482 32.70 42.16 22.99
CA LEU B 482 32.41 43.12 21.93
C LEU B 482 32.68 44.58 22.33
N THR B 483 32.18 45.52 21.52
CA THR B 483 32.37 46.94 21.79
N ILE C 2 -59.49 0.27 9.51
CA ILE C 2 -59.89 1.23 8.48
C ILE C 2 -60.05 0.59 7.08
N ARG C 3 -59.00 0.55 6.28
CA ARG C 3 -59.16 0.12 4.87
C ARG C 3 -60.01 -1.16 4.62
N THR C 4 -60.86 -1.14 3.61
CA THR C 4 -61.66 -2.32 3.30
C THR C 4 -61.12 -3.05 2.06
N GLY C 5 -61.48 -4.33 1.94
CA GLY C 5 -61.04 -5.13 0.80
C GLY C 5 -61.64 -4.61 -0.49
N LYS C 6 -62.87 -4.14 -0.39
CA LYS C 6 -63.59 -3.63 -1.53
C LYS C 6 -62.83 -2.43 -2.13
N GLN C 7 -62.44 -1.48 -1.28
CA GLN C 7 -61.67 -0.31 -1.72
C GLN C 7 -60.34 -0.73 -2.34
N TYR C 8 -59.68 -1.69 -1.71
CA TYR C 8 -58.43 -2.20 -2.26
C TYR C 8 -58.59 -2.73 -3.72
N LEU C 9 -59.57 -3.61 -3.95
CA LEU C 9 -59.76 -4.21 -5.27
C LEU C 9 -60.05 -3.14 -6.32
N GLU C 10 -60.81 -2.14 -5.93
CA GLU C 10 -61.09 -1.04 -6.85
C GLU C 10 -59.82 -0.24 -7.16
N SER C 11 -58.98 0.01 -6.17
CA SER C 11 -57.74 0.76 -6.42
C SER C 11 -56.78 0.03 -7.36
N LEU C 12 -56.94 -1.28 -7.50
CA LEU C 12 -56.03 -2.07 -8.36
C LEU C 12 -56.14 -1.66 -9.84
N ASN C 13 -57.32 -1.17 -10.22
CA ASN C 13 -57.60 -0.82 -11.60
C ASN C 13 -57.15 0.58 -11.93
N ASP C 14 -55.87 0.85 -11.72
CA ASP C 14 -55.34 2.19 -11.72
C ASP C 14 -54.39 2.43 -12.90
N GLY C 15 -54.46 1.56 -13.89
CA GLY C 15 -53.63 1.67 -15.08
C GLY C 15 -52.21 1.11 -15.04
N ARG C 16 -51.88 0.37 -13.99
CA ARG C 16 -50.52 -0.14 -13.81
C ARG C 16 -50.12 -1.06 -14.96
N ASN C 17 -48.86 -0.97 -15.36
CA ASN C 17 -48.34 -1.76 -16.47
C ASN C 17 -47.73 -3.09 -15.99
N VAL C 18 -48.39 -4.19 -16.32
CA VAL C 18 -48.06 -5.49 -15.72
C VAL C 18 -48.07 -6.68 -16.70
N TRP C 19 -46.98 -7.45 -16.70
CA TRP C 19 -46.92 -8.70 -17.45
C TRP C 19 -47.04 -9.85 -16.48
N VAL C 20 -47.84 -10.85 -16.83
CA VAL C 20 -47.82 -12.14 -16.15
C VAL C 20 -47.68 -13.24 -17.19
N GLY C 21 -46.51 -13.86 -17.20
CA GLY C 21 -46.09 -14.68 -18.32
C GLY C 21 -46.14 -13.85 -19.60
N ASN C 22 -46.66 -14.44 -20.66
CA ASN C 22 -46.84 -13.73 -21.91
C ASN C 22 -48.03 -12.75 -21.93
N GLU C 23 -48.87 -12.72 -20.89
CA GLU C 23 -50.03 -11.82 -20.94
C GLU C 23 -49.73 -10.47 -20.32
N LYS C 24 -50.28 -9.42 -20.90
CA LYS C 24 -50.40 -8.15 -20.19
C LYS C 24 -51.74 -8.11 -19.44
N ILE C 25 -51.73 -7.55 -18.24
CA ILE C 25 -52.90 -7.57 -17.37
C ILE C 25 -53.60 -6.22 -17.33
N ASP C 26 -54.84 -6.21 -17.78
CA ASP C 26 -55.65 -4.99 -17.81
C ASP C 26 -56.09 -4.56 -16.41
N ASN C 27 -56.59 -5.50 -15.64
CA ASN C 27 -57.05 -5.22 -14.30
C ASN C 27 -56.67 -6.36 -13.40
N VAL C 28 -55.62 -6.14 -12.62
CA VAL C 28 -55.12 -7.12 -11.65
C VAL C 28 -56.23 -7.71 -10.77
N ALA C 29 -57.23 -6.90 -10.43
CA ALA C 29 -58.30 -7.36 -9.54
C ALA C 29 -59.20 -8.40 -10.19
N THR C 30 -59.25 -8.45 -11.53
CA THR C 30 -60.21 -9.28 -12.25
C THR C 30 -59.61 -10.34 -13.19
N HIS C 31 -58.40 -10.10 -13.67
CA HIS C 31 -57.77 -11.04 -14.59
C HIS C 31 -57.63 -12.42 -13.93
N PRO C 32 -58.00 -13.49 -14.67
CA PRO C 32 -58.10 -14.86 -14.13
C PRO C 32 -56.80 -15.31 -13.52
N LYS C 33 -55.70 -14.74 -13.98
CA LYS C 33 -54.39 -15.20 -13.54
C LYS C 33 -53.97 -14.56 -12.21
N THR C 34 -54.66 -13.50 -11.82
CA THR C 34 -54.26 -12.68 -10.69
C THR C 34 -55.35 -12.51 -9.65
N ARG C 35 -56.61 -12.69 -10.08
CA ARG C 35 -57.74 -12.27 -9.25
C ARG C 35 -57.83 -13.01 -7.92
N ASP C 36 -57.34 -14.25 -7.88
CA ASP C 36 -57.39 -15.00 -6.62
C ASP C 36 -56.44 -14.41 -5.59
N TYR C 37 -55.18 -14.23 -5.96
CA TYR C 37 -54.24 -13.64 -5.05
C TYR C 37 -54.64 -12.19 -4.69
N ALA C 38 -55.27 -11.48 -5.63
CA ALA C 38 -55.79 -10.16 -5.33
C ALA C 38 -56.83 -10.23 -4.18
N GLN C 39 -57.78 -11.16 -4.33
CA GLN C 39 -58.83 -11.43 -3.35
C GLN C 39 -58.28 -11.77 -1.98
N ARG C 40 -57.15 -12.48 -1.93
CA ARG C 40 -56.45 -12.79 -0.66
C ARG C 40 -55.98 -11.54 0.06
N HIS C 41 -55.51 -10.54 -0.68
CA HIS C 41 -55.17 -9.26 -0.07
C HIS C 41 -56.44 -8.51 0.38
N ALA C 42 -57.51 -8.62 -0.42
CA ALA C 42 -58.83 -8.12 -0.02
C ALA C 42 -59.23 -8.76 1.30
N ASP C 43 -58.98 -10.06 1.43
CA ASP C 43 -59.35 -10.77 2.64
C ASP C 43 -58.49 -10.26 3.81
N PHE C 44 -57.24 -9.96 3.52
CA PHE C 44 -56.32 -9.41 4.52
C PHE C 44 -56.95 -8.15 5.14
N TYR C 45 -57.36 -7.19 4.31
CA TYR C 45 -58.03 -5.98 4.81
C TYR C 45 -59.34 -6.32 5.54
N ASP C 46 -60.24 -7.07 4.90
CA ASP C 46 -61.53 -7.44 5.52
C ASP C 46 -61.35 -8.09 6.90
N LEU C 47 -60.23 -8.75 7.09
CA LEU C 47 -59.98 -9.49 8.32
C LEU C 47 -59.90 -8.56 9.54
N HIS C 48 -59.29 -7.40 9.33
CA HIS C 48 -59.20 -6.40 10.37
C HIS C 48 -60.58 -5.83 10.81
N HIS C 49 -61.66 -6.09 10.07
CA HIS C 49 -63.00 -5.62 10.47
C HIS C 49 -63.78 -6.73 11.20
N ARG C 50 -63.21 -7.92 11.22
CA ARG C 50 -63.82 -9.03 11.94
C ARG C 50 -63.96 -8.67 13.40
N PRO C 51 -65.20 -8.62 13.87
CA PRO C 51 -65.46 -8.09 15.21
C PRO C 51 -64.84 -8.96 16.31
N ASP C 52 -65.00 -10.27 16.21
CA ASP C 52 -64.34 -11.18 17.15
C ASP C 52 -62.81 -11.02 17.13
N LEU C 53 -62.28 -10.28 16.16
CA LEU C 53 -60.83 -10.14 16.00
C LEU C 53 -60.30 -8.74 16.30
N GLN C 54 -61.18 -7.83 16.67
CA GLN C 54 -60.80 -6.41 16.79
C GLN C 54 -59.49 -6.14 17.53
N ASP C 55 -59.29 -6.77 18.68
CA ASP C 55 -58.14 -6.36 19.49
C ASP C 55 -56.78 -7.00 19.14
N VAL C 56 -56.79 -8.05 18.33
CA VAL C 56 -55.53 -8.55 17.79
C VAL C 56 -55.16 -7.86 16.47
N MET C 57 -56.18 -7.47 15.70
CA MET C 57 -55.93 -6.92 14.37
C MET C 57 -55.81 -5.41 14.36
N THR C 58 -56.29 -4.77 15.42
CA THR C 58 -56.29 -3.31 15.49
C THR C 58 -55.91 -2.80 16.87
N PHE C 59 -55.55 -1.53 16.92
CA PHE C 59 -55.26 -0.83 18.16
C PHE C 59 -55.68 0.62 17.99
N VAL C 60 -56.00 1.27 19.10
CA VAL C 60 -56.32 2.68 19.10
C VAL C 60 -55.06 3.42 19.50
N ASP C 61 -54.67 4.44 18.74
CA ASP C 61 -53.40 5.10 19.00
C ASP C 61 -53.53 6.36 19.89
N LYS C 62 -52.41 7.05 20.14
CA LYS C 62 -52.38 8.22 21.02
C LYS C 62 -53.58 9.13 20.82
N ASP C 63 -53.77 9.61 19.61
CA ASP C 63 -54.81 10.59 19.30
C ASP C 63 -56.17 9.97 19.13
N GLY C 64 -56.36 8.77 19.68
CA GLY C 64 -57.63 8.07 19.60
C GLY C 64 -57.96 7.41 18.26
N GLU C 65 -57.02 7.43 17.33
CA GLU C 65 -57.24 6.84 16.01
C GLU C 65 -57.13 5.31 15.99
N ARG C 66 -58.20 4.63 15.56
CA ARG C 66 -58.12 3.19 15.42
C ARG C 66 -57.42 2.80 14.11
N ARG C 67 -56.38 1.97 14.22
CA ARG C 67 -55.54 1.57 13.07
C ARG C 67 -55.15 0.09 13.10
N THR C 68 -54.77 -0.44 11.94
CA THR C 68 -54.39 -1.84 11.85
C THR C 68 -53.05 -2.08 12.51
N MET C 69 -52.91 -3.25 13.12
CA MET C 69 -51.72 -3.57 13.87
C MET C 69 -50.42 -3.56 13.08
N GLN C 70 -50.49 -3.47 11.74
CA GLN C 70 -49.28 -3.49 10.91
C GLN C 70 -48.51 -2.18 11.08
N TRP C 71 -49.15 -1.21 11.72
CA TRP C 71 -48.53 0.10 12.00
C TRP C 71 -48.16 0.24 13.48
N PHE C 72 -48.39 -0.83 14.24
CA PHE C 72 -48.12 -0.84 15.67
C PHE C 72 -46.61 -0.80 16.01
N GLY C 73 -46.20 0.18 16.80
CA GLY C 73 -44.87 0.18 17.37
C GLY C 73 -44.84 -0.59 18.69
N HIS C 74 -43.76 -1.36 18.89
CA HIS C 74 -43.60 -2.13 20.13
C HIS C 74 -42.35 -1.68 20.89
N TYR C 75 -42.52 -1.28 22.15
CA TYR C 75 -41.44 -0.68 22.95
C TYR C 75 -41.03 -1.53 24.14
N ASP C 76 -41.60 -2.72 24.25
CA ASP C 76 -41.09 -3.70 25.20
C ASP C 76 -41.42 -5.12 24.72
N LYS C 77 -41.16 -6.11 25.56
CA LYS C 77 -41.35 -7.51 25.21
C LYS C 77 -42.83 -7.90 25.02
N GLU C 78 -43.71 -7.47 25.91
CA GLU C 78 -45.17 -7.73 25.79
C GLU C 78 -45.82 -7.16 24.54
N GLN C 79 -45.45 -5.94 24.18
CA GLN C 79 -45.97 -5.33 22.97
C GLN C 79 -45.40 -6.07 21.76
N LEU C 80 -44.17 -6.52 21.87
CA LEU C 80 -43.56 -7.26 20.79
C LEU C 80 -44.37 -8.54 20.56
N ARG C 81 -44.81 -9.16 21.67
CA ARG C 81 -45.54 -10.42 21.57
C ARG C 81 -46.91 -10.18 20.95
N ARG C 82 -47.49 -9.05 21.34
CA ARG C 82 -48.74 -8.56 20.74
C ARG C 82 -48.60 -8.48 19.20
N LYS C 83 -47.50 -7.89 18.74
CA LYS C 83 -47.25 -7.80 17.31
C LYS C 83 -47.15 -9.20 16.69
N ARG C 84 -46.55 -10.14 17.41
CA ARG C 84 -46.36 -11.48 16.84
C ARG C 84 -47.71 -12.18 16.71
N LYS C 85 -48.52 -12.06 17.75
CA LYS C 85 -49.89 -12.57 17.71
C LYS C 85 -50.62 -12.06 16.46
N TYR C 86 -50.39 -10.80 16.11
CA TYR C 86 -51.06 -10.22 14.95
C TYR C 86 -50.61 -10.89 13.64
N HIS C 87 -49.31 -10.97 13.42
CA HIS C 87 -48.76 -11.63 12.24
C HIS C 87 -49.18 -13.10 12.17
N GLU C 88 -49.12 -13.80 13.29
CA GLU C 88 -49.49 -15.21 13.33
C GLU C 88 -50.94 -15.41 12.93
N THR C 89 -51.81 -14.57 13.49
CA THR C 89 -53.24 -14.70 13.23
C THR C 89 -53.51 -14.60 11.75
N ILE C 90 -52.80 -13.70 11.10
CA ILE C 90 -52.94 -13.48 9.68
C ILE C 90 -52.50 -14.72 8.93
N MET C 91 -51.33 -15.22 9.30
CA MET C 91 -50.75 -16.38 8.65
C MET C 91 -51.66 -17.59 8.83
N ARG C 92 -52.13 -17.80 10.06
CA ARG C 92 -52.97 -18.97 10.35
C ARG C 92 -54.31 -18.95 9.62
N GLU C 93 -54.82 -17.77 9.31
CA GLU C 93 -56.09 -17.65 8.60
C GLU C 93 -55.93 -17.75 7.09
N MET C 94 -54.71 -17.63 6.59
CA MET C 94 -54.52 -17.59 5.13
C MET C 94 -53.66 -18.71 4.57
N ALA C 95 -54.29 -19.85 4.32
CA ALA C 95 -53.66 -20.94 3.57
C ALA C 95 -52.37 -21.43 4.19
N GLY C 96 -52.41 -21.67 5.50
CA GLY C 96 -51.26 -22.15 6.24
C GLY C 96 -49.94 -21.43 5.98
N ALA C 97 -49.93 -20.11 6.15
CA ALA C 97 -48.71 -19.32 5.93
C ALA C 97 -48.14 -19.50 4.52
N SER C 98 -49.03 -19.67 3.55
CA SER C 98 -48.59 -19.88 2.19
C SER C 98 -48.27 -18.59 1.46
N PHE C 99 -48.59 -17.45 2.07
CA PHE C 99 -48.42 -16.15 1.43
C PHE C 99 -47.50 -15.27 2.26
N PRO C 100 -46.19 -15.40 2.02
CA PRO C 100 -45.21 -14.73 2.87
C PRO C 100 -45.19 -13.21 2.76
N ARG C 101 -45.66 -12.63 1.65
CA ARG C 101 -45.57 -11.19 1.51
C ARG C 101 -46.89 -10.44 1.56
N THR C 102 -47.68 -10.69 2.60
CA THR C 102 -48.89 -9.90 2.85
C THR C 102 -48.47 -8.47 3.20
N PRO C 103 -49.38 -7.49 3.08
CA PRO C 103 -48.91 -6.12 3.41
C PRO C 103 -48.28 -5.97 4.80
N ASP C 104 -48.76 -6.72 5.79
CA ASP C 104 -48.19 -6.58 7.14
C ASP C 104 -46.70 -6.83 7.18
N VAL C 105 -46.22 -7.71 6.31
CA VAL C 105 -44.81 -7.99 6.21
C VAL C 105 -44.11 -6.86 5.43
N ASN C 106 -44.60 -6.58 4.23
CA ASN C 106 -44.06 -5.48 3.43
C ASN C 106 -43.83 -4.19 4.22
N ASN C 107 -44.83 -3.77 4.99
CA ASN C 107 -44.82 -2.49 5.68
C ASN C 107 -44.10 -2.46 7.02
N TYR C 108 -43.82 -3.65 7.58
CA TYR C 108 -43.15 -3.77 8.87
C TYR C 108 -41.80 -3.07 8.80
N VAL C 109 -41.22 -3.16 7.62
CA VAL C 109 -39.90 -2.69 7.35
C VAL C 109 -39.78 -1.16 7.51
N LEU C 110 -40.87 -0.44 7.32
CA LEU C 110 -40.84 1.01 7.45
C LEU C 110 -40.67 1.48 8.90
N GLN C 111 -40.84 0.57 9.85
CA GLN C 111 -40.62 0.91 11.26
C GLN C 111 -39.25 1.50 11.51
N THR C 112 -38.26 1.09 10.72
CA THR C 112 -36.88 1.55 10.95
C THR C 112 -36.69 3.02 10.62
N TYR C 113 -37.32 3.46 9.51
CA TYR C 113 -37.30 4.87 9.15
C TYR C 113 -37.89 5.71 10.27
N ILE C 114 -39.09 5.30 10.72
CA ILE C 114 -39.78 5.98 11.81
C ILE C 114 -38.93 6.15 13.05
N ASP C 115 -38.48 5.03 13.59
CA ASP C 115 -37.64 4.98 14.77
C ASP C 115 -36.52 6.03 14.77
N ASP C 116 -35.89 6.22 13.62
CA ASP C 116 -34.68 7.01 13.58
C ASP C 116 -34.45 7.55 12.17
N PRO C 117 -35.21 8.58 11.81
CA PRO C 117 -35.20 9.10 10.43
C PRO C 117 -33.97 9.94 10.02
N SER C 118 -33.40 10.72 10.94
CA SER C 118 -32.42 11.74 10.53
C SER C 118 -31.11 11.23 9.93
N PRO C 119 -30.64 10.06 10.37
CA PRO C 119 -29.41 9.58 9.72
C PRO C 119 -29.55 9.45 8.20
N TRP C 120 -30.78 9.35 7.73
CA TRP C 120 -31.02 9.23 6.30
C TRP C 120 -30.83 10.57 5.58
N GLU C 121 -31.39 11.63 6.16
CA GLU C 121 -31.16 13.00 5.65
C GLU C 121 -29.69 13.39 5.83
N THR C 122 -29.22 13.38 7.07
CA THR C 122 -27.88 13.85 7.41
C THR C 122 -26.78 13.18 6.59
N GLN C 123 -26.88 11.87 6.42
CA GLN C 123 -25.86 11.14 5.66
C GLN C 123 -26.02 11.25 4.16
N THR C 124 -27.06 11.94 3.69
CA THR C 124 -27.29 12.00 2.24
C THR C 124 -26.26 12.88 1.55
N ILE C 125 -25.72 12.38 0.45
CA ILE C 125 -24.65 13.06 -0.26
C ILE C 125 -25.11 13.59 -1.59
N GLY C 126 -24.82 14.86 -1.83
CA GLY C 126 -24.97 15.43 -3.16
C GLY C 126 -26.40 15.60 -3.63
N ALA C 127 -27.26 16.04 -2.71
CA ALA C 127 -28.66 16.32 -3.00
C ALA C 127 -29.02 17.73 -2.52
N GLU C 128 -28.02 18.45 -2.02
CA GLU C 128 -28.15 19.85 -1.62
C GLU C 128 -29.39 20.15 -0.77
N GLY C 129 -29.60 19.32 0.26
CA GLY C 129 -30.66 19.55 1.22
C GLY C 129 -32.06 19.36 0.67
N LYS C 130 -32.18 18.62 -0.43
CA LYS C 130 -33.48 18.31 -0.99
C LYS C 130 -34.07 17.06 -0.33
N VAL C 131 -33.22 16.28 0.33
CA VAL C 131 -33.66 15.14 1.11
C VAL C 131 -33.89 15.59 2.54
N LYS C 132 -35.10 15.35 3.03
CA LYS C 132 -35.52 15.79 4.34
C LYS C 132 -36.10 14.63 5.14
N ALA C 133 -35.63 14.47 6.37
CA ALA C 133 -36.19 13.48 7.28
C ALA C 133 -37.70 13.62 7.42
N LYS C 134 -38.18 14.87 7.47
CA LYS C 134 -39.61 15.11 7.63
C LYS C 134 -40.41 14.38 6.53
N ASN C 135 -39.88 14.40 5.31
CA ASN C 135 -40.53 13.73 4.17
C ASN C 135 -40.70 12.23 4.37
N ILE C 136 -39.62 11.57 4.76
CA ILE C 136 -39.67 10.18 5.12
C ILE C 136 -40.82 9.91 6.09
N VAL C 137 -40.82 10.63 7.21
CA VAL C 137 -41.88 10.45 8.21
C VAL C 137 -43.25 10.74 7.62
N ASP C 138 -43.32 11.79 6.81
CA ASP C 138 -44.59 12.18 6.22
C ASP C 138 -45.13 11.07 5.33
N PHE C 139 -44.24 10.43 4.57
CA PHE C 139 -44.69 9.40 3.66
C PHE C 139 -45.27 8.24 4.48
N VAL C 140 -44.52 7.83 5.50
CA VAL C 140 -44.92 6.69 6.31
C VAL C 140 -46.26 6.95 7.02
N ASN C 141 -46.43 8.15 7.54
CA ASN C 141 -47.71 8.51 8.16
C ASN C 141 -48.81 8.43 7.12
N PHE C 142 -48.50 8.90 5.92
CA PHE C 142 -49.39 8.80 4.77
C PHE C 142 -49.78 7.33 4.44
N ALA C 143 -48.78 6.46 4.37
CA ALA C 143 -49.05 5.04 4.15
C ALA C 143 -49.86 4.44 5.31
N LYS C 144 -49.55 4.84 6.53
CA LYS C 144 -50.31 4.39 7.69
C LYS C 144 -51.78 4.84 7.65
N LYS C 145 -51.99 6.09 7.23
CA LYS C 145 -53.34 6.64 7.11
C LYS C 145 -54.27 5.80 6.20
N HIS C 146 -53.72 5.30 5.11
CA HIS C 146 -54.52 4.66 4.08
C HIS C 146 -54.28 3.15 4.00
N ASP C 147 -53.48 2.63 4.92
CA ASP C 147 -53.13 1.20 4.90
C ASP C 147 -52.61 0.82 3.52
N LEU C 148 -51.75 1.67 2.98
CA LEU C 148 -51.15 1.41 1.69
C LEU C 148 -50.13 0.31 1.83
N ASN C 149 -50.14 -0.58 0.86
CA ASN C 149 -49.17 -1.66 0.78
C ASN C 149 -47.98 -1.19 -0.05
N CYS C 150 -46.84 -1.02 0.60
CA CYS C 150 -45.63 -0.62 -0.11
C CYS C 150 -44.70 -1.82 -0.20
N ALA C 151 -44.59 -2.40 -1.39
CA ALA C 151 -43.73 -3.56 -1.61
C ALA C 151 -42.25 -3.15 -1.67
N PRO C 152 -41.39 -3.80 -0.87
CA PRO C 152 -39.98 -3.39 -0.85
C PRO C 152 -39.17 -4.03 -1.97
N GLN C 153 -38.32 -3.25 -2.62
CA GLN C 153 -37.44 -3.79 -3.64
C GLN C 153 -36.03 -3.26 -3.50
N PHE C 154 -35.18 -4.03 -2.83
CA PHE C 154 -33.81 -3.62 -2.52
C PHE C 154 -32.76 -4.40 -3.30
N VAL C 155 -33.09 -5.63 -3.70
CA VAL C 155 -32.13 -6.49 -4.41
C VAL C 155 -31.97 -6.17 -5.91
N ASP C 156 -30.71 -6.19 -6.36
CA ASP C 156 -30.37 -5.82 -7.73
C ASP C 156 -30.03 -7.05 -8.58
N PRO C 157 -29.88 -6.85 -9.90
CA PRO C 157 -29.35 -7.95 -10.73
C PRO C 157 -27.95 -8.40 -10.28
N GLN C 158 -27.61 -9.65 -10.58
CA GLN C 158 -26.25 -10.15 -10.39
C GLN C 158 -25.30 -9.42 -11.32
N MET C 159 -24.00 -9.57 -11.08
CA MET C 159 -22.96 -8.90 -11.87
C MET C 159 -22.38 -9.79 -12.98
N PRO C 171 -27.45 -2.87 -15.49
CA PRO C 171 -28.93 -2.78 -15.44
C PRO C 171 -29.45 -2.27 -14.09
N GLY C 172 -28.63 -2.25 -13.05
CA GLY C 172 -29.04 -1.75 -11.76
C GLY C 172 -29.60 -0.34 -11.82
N LEU C 173 -30.55 -0.04 -10.94
CA LEU C 173 -31.23 1.26 -10.91
C LEU C 173 -30.26 2.38 -10.56
N ARG C 174 -30.14 3.37 -11.43
CA ARG C 174 -29.23 4.51 -11.19
C ARG C 174 -29.92 5.84 -11.42
N VAL C 175 -29.45 6.87 -10.71
CA VAL C 175 -29.92 8.23 -10.92
C VAL C 175 -29.34 8.77 -12.21
N ILE C 176 -30.24 9.22 -13.08
CA ILE C 176 -29.89 9.63 -14.42
C ILE C 176 -29.84 11.14 -14.46
N GLU C 177 -30.37 11.75 -13.41
CA GLU C 177 -30.59 13.17 -13.39
C GLU C 177 -31.26 13.66 -12.12
N LYS C 178 -30.77 14.76 -11.59
CA LYS C 178 -31.39 15.46 -10.47
C LYS C 178 -31.68 16.88 -10.91
N ASN C 179 -32.82 17.42 -10.50
CA ASN C 179 -33.14 18.83 -10.71
C ASN C 179 -33.82 19.40 -9.48
N ASP C 180 -34.36 20.60 -9.59
CA ASP C 180 -34.97 21.21 -8.42
C ASP C 180 -36.26 20.52 -8.02
N LYS C 181 -36.86 19.77 -8.95
CA LYS C 181 -38.16 19.14 -8.71
C LYS C 181 -37.98 17.77 -8.06
N GLY C 182 -36.91 17.07 -8.43
CA GLY C 182 -36.66 15.74 -7.95
C GLY C 182 -35.62 15.01 -8.78
N ILE C 183 -35.77 13.69 -8.92
CA ILE C 183 -34.82 12.89 -9.69
C ILE C 183 -35.50 12.02 -10.74
N VAL C 184 -34.69 11.57 -11.70
CA VAL C 184 -35.12 10.58 -12.68
C VAL C 184 -34.24 9.36 -12.51
N VAL C 185 -34.84 8.18 -12.51
CA VAL C 185 -34.06 6.94 -12.41
C VAL C 185 -34.36 6.00 -13.58
N SER C 186 -33.40 5.16 -13.92
CA SER C 186 -33.65 4.12 -14.90
C SER C 186 -32.83 2.90 -14.55
N GLY C 187 -33.39 1.72 -14.82
CA GLY C 187 -32.74 0.48 -14.45
C GLY C 187 -33.76 -0.54 -13.97
N VAL C 188 -33.27 -1.60 -13.35
CA VAL C 188 -34.13 -2.68 -12.87
C VAL C 188 -33.87 -2.98 -11.38
N LYS C 189 -34.95 -3.24 -10.65
CA LYS C 189 -34.86 -3.95 -9.37
C LYS C 189 -35.20 -5.41 -9.67
N ALA C 190 -34.22 -6.30 -9.52
CA ALA C 190 -34.33 -7.65 -10.06
C ALA C 190 -35.41 -8.51 -9.40
N ILE C 191 -35.67 -8.27 -8.13
CA ILE C 191 -36.60 -9.15 -7.42
C ILE C 191 -37.60 -8.40 -6.56
N GLY C 192 -38.84 -8.78 -6.77
CA GLY C 192 -39.95 -8.15 -6.10
C GLY C 192 -41.02 -9.20 -5.99
N THR C 193 -41.69 -9.21 -4.84
CA THR C 193 -42.75 -10.17 -4.60
C THR C 193 -44.07 -9.46 -4.35
N GLY C 194 -45.04 -9.72 -5.22
CA GLY C 194 -46.38 -9.18 -5.09
C GLY C 194 -46.50 -7.72 -5.50
N VAL C 195 -45.50 -7.22 -6.20
CA VAL C 195 -45.46 -5.80 -6.50
C VAL C 195 -46.68 -5.36 -7.32
N ALA C 196 -47.17 -6.25 -8.16
CA ALA C 196 -48.34 -5.96 -8.97
C ALA C 196 -49.61 -5.82 -8.12
N PHE C 197 -49.52 -6.18 -6.85
CA PHE C 197 -50.67 -6.23 -5.95
C PHE C 197 -50.59 -5.14 -4.91
N ALA C 198 -49.51 -4.37 -4.96
CA ALA C 198 -49.20 -3.33 -3.98
C ALA C 198 -49.71 -1.95 -4.43
N ASP C 199 -49.61 -0.99 -3.51
CA ASP C 199 -49.89 0.41 -3.83
C ASP C 199 -48.66 1.18 -4.25
N TRP C 200 -47.60 1.08 -3.45
CA TRP C 200 -46.35 1.80 -3.71
C TRP C 200 -45.15 0.87 -3.77
N ILE C 201 -44.15 1.28 -4.52
CA ILE C 201 -42.88 0.54 -4.56
C ILE C 201 -41.89 1.23 -3.63
N HIS C 202 -41.44 0.49 -2.62
CA HIS C 202 -40.45 0.97 -1.68
C HIS C 202 -39.07 0.49 -2.19
N ILE C 203 -38.27 1.45 -2.65
CA ILE C 203 -37.00 1.18 -3.33
C ILE C 203 -35.80 1.33 -2.39
N GLY C 204 -34.87 0.38 -2.46
CA GLY C 204 -33.65 0.44 -1.68
C GLY C 204 -32.53 -0.31 -2.38
N VAL C 205 -31.33 -0.29 -1.80
CA VAL C 205 -30.22 -1.16 -2.17
C VAL C 205 -29.51 -1.65 -0.91
N PHE C 206 -28.73 -2.72 -1.06
CA PHE C 206 -27.82 -3.15 -0.03
C PHE C 206 -26.43 -2.91 -0.55
N PHE C 207 -25.51 -2.56 0.35
CA PHE C 207 -24.16 -2.32 -0.07
C PHE C 207 -23.57 -3.56 -0.76
N ARG C 208 -22.84 -3.33 -1.85
CA ARG C 208 -21.94 -4.32 -2.42
C ARG C 208 -20.61 -3.58 -2.62
N PRO C 209 -19.50 -4.33 -2.63
CA PRO C 209 -18.20 -3.72 -2.91
C PRO C 209 -18.20 -3.06 -4.28
N GLY C 210 -17.78 -1.79 -4.37
CA GLY C 210 -17.72 -1.11 -5.64
C GLY C 210 -19.07 -0.65 -6.18
N ILE C 211 -19.93 -0.23 -5.26
CA ILE C 211 -21.26 0.23 -5.62
C ILE C 211 -21.22 1.75 -5.83
N PRO C 212 -21.55 2.19 -7.05
CA PRO C 212 -21.57 3.63 -7.35
C PRO C 212 -22.68 4.39 -6.61
N GLY C 213 -22.35 5.56 -6.05
CA GLY C 213 -23.30 6.38 -5.30
C GLY C 213 -24.50 6.74 -6.16
N ASP C 214 -24.25 6.65 -7.46
CA ASP C 214 -25.25 6.73 -8.50
C ASP C 214 -26.45 5.85 -8.18
N GLN C 215 -26.16 4.67 -7.67
CA GLN C 215 -27.16 3.63 -7.54
C GLN C 215 -27.57 3.44 -6.08
N ILE C 216 -27.06 4.30 -5.21
CA ILE C 216 -27.50 4.26 -3.82
C ILE C 216 -28.75 5.11 -3.67
N ILE C 217 -29.89 4.43 -3.69
CA ILE C 217 -31.19 5.07 -3.81
C ILE C 217 -32.25 4.48 -2.88
N PHE C 218 -32.82 5.31 -2.03
CA PHE C 218 -33.92 4.91 -1.18
C PHE C 218 -35.07 5.89 -1.38
N ALA C 219 -36.18 5.37 -1.87
CA ALA C 219 -37.33 6.20 -2.19
C ALA C 219 -38.59 5.36 -2.41
N ALA C 220 -39.70 6.04 -2.66
CA ALA C 220 -40.99 5.39 -2.88
C ALA C 220 -41.71 6.01 -4.06
N THR C 221 -42.31 5.15 -4.86
CA THR C 221 -43.06 5.59 -6.02
C THR C 221 -44.28 4.66 -6.23
N PRO C 222 -45.38 5.21 -6.78
CA PRO C 222 -46.59 4.40 -7.04
C PRO C 222 -46.33 3.29 -8.05
N VAL C 223 -47.05 2.18 -7.90
CA VAL C 223 -46.96 1.03 -8.79
C VAL C 223 -47.35 1.43 -10.23
N ASN C 224 -48.30 2.34 -10.34
CA ASN C 224 -48.70 2.81 -11.65
C ASN C 224 -47.91 4.04 -12.12
N THR C 225 -46.77 4.30 -11.50
CA THR C 225 -45.92 5.41 -11.94
C THR C 225 -45.50 5.24 -13.40
N PRO C 226 -45.75 6.26 -14.22
CA PRO C 226 -45.37 6.19 -15.64
C PRO C 226 -43.87 5.97 -15.78
N GLY C 227 -43.48 5.03 -16.62
CA GLY C 227 -42.10 4.58 -16.70
C GLY C 227 -41.89 3.24 -16.02
N VAL C 228 -42.78 2.89 -15.10
CA VAL C 228 -42.70 1.62 -14.37
C VAL C 228 -43.46 0.46 -15.03
N THR C 229 -42.76 -0.66 -15.22
CA THR C 229 -43.38 -1.88 -15.72
C THR C 229 -43.05 -3.01 -14.77
N ILE C 230 -44.08 -3.76 -14.38
CA ILE C 230 -43.89 -4.93 -13.53
C ILE C 230 -43.87 -6.17 -14.42
N VAL C 231 -42.83 -6.98 -14.28
CA VAL C 231 -42.68 -8.15 -15.15
C VAL C 231 -42.57 -9.47 -14.39
N CYS C 232 -43.65 -10.23 -14.39
CA CYS C 232 -43.81 -11.36 -13.48
C CYS C 232 -43.77 -12.69 -14.19
N ARG C 233 -43.28 -13.71 -13.49
CA ARG C 233 -43.33 -15.09 -13.98
C ARG C 233 -44.78 -15.48 -14.20
N GLU C 234 -45.01 -16.51 -15.01
CA GLU C 234 -46.35 -17.01 -15.21
C GLU C 234 -47.00 -17.39 -13.89
N SER C 235 -48.31 -17.21 -13.81
CA SER C 235 -49.08 -17.57 -12.63
C SER C 235 -49.48 -19.05 -12.62
N VAL C 236 -49.32 -19.70 -11.47
CA VAL C 236 -49.59 -21.13 -11.40
C VAL C 236 -50.72 -21.47 -10.42
N VAL C 237 -51.64 -20.52 -10.25
CA VAL C 237 -52.88 -20.78 -9.53
C VAL C 237 -53.57 -21.96 -10.23
N LYS C 238 -54.32 -22.76 -9.48
CA LYS C 238 -55.11 -23.87 -10.02
C LYS C 238 -56.60 -23.52 -10.18
N GLU C 239 -57.28 -24.18 -11.11
CA GLU C 239 -58.69 -23.89 -11.35
C GLU C 239 -59.61 -24.65 -10.42
N ASP C 240 -59.29 -25.91 -10.15
CA ASP C 240 -60.17 -26.75 -9.35
C ASP C 240 -59.84 -26.68 -7.85
N PRO C 241 -60.68 -25.94 -7.11
CA PRO C 241 -60.50 -25.68 -5.67
C PRO C 241 -60.82 -26.90 -4.82
N ILE C 242 -61.50 -27.89 -5.38
CA ILE C 242 -61.71 -29.15 -4.66
C ILE C 242 -60.44 -30.06 -4.70
N GLU C 243 -59.86 -30.22 -5.89
CA GLU C 243 -58.64 -31.02 -6.01
C GLU C 243 -57.50 -30.22 -5.43
N HIS C 244 -57.56 -28.90 -5.61
CA HIS C 244 -56.47 -28.04 -5.18
C HIS C 244 -56.94 -26.94 -4.23
N PRO C 245 -57.17 -27.30 -2.96
CA PRO C 245 -57.75 -26.41 -1.93
C PRO C 245 -56.87 -25.23 -1.58
N LEU C 246 -55.54 -25.38 -1.66
CA LEU C 246 -54.62 -24.27 -1.42
C LEU C 246 -54.14 -23.59 -2.69
N ALA C 247 -53.74 -24.39 -3.67
CA ALA C 247 -53.11 -23.82 -4.88
C ALA C 247 -54.12 -23.05 -5.71
N SER C 248 -55.39 -23.25 -5.41
CA SER C 248 -56.43 -22.52 -6.14
C SER C 248 -56.71 -21.13 -5.52
N GLN C 249 -56.09 -20.85 -4.37
CA GLN C 249 -56.37 -19.59 -3.67
C GLN C 249 -55.52 -18.41 -4.17
N GLY C 250 -54.60 -18.66 -5.11
CA GLY C 250 -53.86 -17.60 -5.75
C GLY C 250 -52.35 -17.74 -5.69
N ASP C 251 -51.68 -17.09 -6.61
CA ASP C 251 -50.23 -17.21 -6.71
C ASP C 251 -49.53 -15.88 -6.41
N GLU C 252 -48.73 -15.86 -5.36
CA GLU C 252 -48.01 -14.65 -5.00
C GLU C 252 -46.85 -14.45 -5.96
N LEU C 253 -47.09 -13.67 -7.01
CA LEU C 253 -46.15 -13.56 -8.12
C LEU C 253 -44.81 -12.94 -7.74
N ASP C 254 -43.78 -13.41 -8.43
CA ASP C 254 -42.44 -12.85 -8.32
C ASP C 254 -42.04 -12.28 -9.68
N GLY C 255 -41.22 -11.23 -9.64
CA GLY C 255 -40.88 -10.54 -10.87
C GLY C 255 -39.82 -9.48 -10.69
N MET C 256 -39.58 -8.72 -11.75
CA MET C 256 -38.66 -7.61 -11.67
C MET C 256 -39.42 -6.35 -12.00
N THR C 257 -38.83 -5.21 -11.68
CA THR C 257 -39.46 -3.96 -12.08
C THR C 257 -38.49 -3.19 -12.94
N VAL C 258 -39.02 -2.71 -14.05
CA VAL C 258 -38.27 -1.89 -14.98
C VAL C 258 -38.65 -0.41 -14.79
N PHE C 259 -37.64 0.44 -14.74
CA PHE C 259 -37.84 1.87 -14.63
C PHE C 259 -37.28 2.57 -15.86
N ASP C 260 -38.14 3.13 -16.67
CA ASP C 260 -37.68 3.86 -17.84
C ASP C 260 -37.90 5.36 -17.66
N ASN C 261 -36.80 6.09 -17.48
CA ASN C 261 -36.84 7.53 -17.21
C ASN C 261 -38.00 7.87 -16.27
N VAL C 262 -37.96 7.29 -15.08
CA VAL C 262 -39.02 7.44 -14.09
C VAL C 262 -38.69 8.60 -13.15
N PHE C 263 -39.65 9.50 -12.96
CA PHE C 263 -39.41 10.67 -12.11
C PHE C 263 -39.88 10.46 -10.67
N ILE C 264 -39.03 10.85 -9.71
CA ILE C 264 -39.43 10.80 -8.32
C ILE C 264 -39.24 12.15 -7.63
N PRO C 265 -40.33 12.74 -7.13
CA PRO C 265 -40.34 13.97 -6.33
C PRO C 265 -39.32 13.91 -5.19
N TRP C 266 -38.57 14.99 -4.95
CA TRP C 266 -37.73 15.07 -3.76
C TRP C 266 -38.49 14.65 -2.48
N SER C 267 -39.77 14.99 -2.39
CA SER C 267 -40.62 14.62 -1.25
C SER C 267 -40.67 13.11 -1.01
N HIS C 268 -40.31 12.33 -2.03
CA HIS C 268 -40.35 10.88 -1.92
C HIS C 268 -38.97 10.23 -2.07
N VAL C 269 -37.93 11.03 -1.82
CA VAL C 269 -36.58 10.51 -1.70
C VAL C 269 -36.21 10.44 -0.23
N PHE C 270 -35.69 9.29 0.19
CA PHE C 270 -35.32 9.11 1.59
C PHE C 270 -33.82 9.30 1.76
N HIS C 271 -33.05 8.84 0.78
CA HIS C 271 -31.60 8.94 0.87
C HIS C 271 -30.95 8.81 -0.49
N LEU C 272 -29.87 9.56 -0.72
CA LEU C 272 -29.09 9.40 -1.95
C LEU C 272 -27.60 9.29 -1.74
N GLY C 273 -26.96 8.40 -2.49
CA GLY C 273 -25.53 8.46 -2.75
C GLY C 273 -24.46 7.99 -1.77
N ASN C 274 -24.84 7.63 -0.54
CA ASN C 274 -23.84 7.31 0.48
C ASN C 274 -23.57 5.82 0.69
N PRO C 275 -22.49 5.32 0.07
CA PRO C 275 -22.18 3.88 0.12
C PRO C 275 -21.95 3.38 1.55
N GLU C 276 -21.28 4.17 2.37
CA GLU C 276 -21.10 3.80 3.76
C GLU C 276 -22.45 3.61 4.47
N HIS C 277 -23.38 4.52 4.22
CA HIS C 277 -24.72 4.45 4.82
C HIS C 277 -25.42 3.14 4.41
N ALA C 278 -25.23 2.75 3.15
CA ALA C 278 -25.88 1.59 2.58
C ALA C 278 -25.42 0.25 3.15
N LYS C 279 -24.47 0.28 4.08
CA LYS C 279 -23.99 -0.97 4.69
C LYS C 279 -24.93 -1.44 5.79
N LEU C 280 -24.93 -0.71 6.90
CA LEU C 280 -25.71 -1.07 8.08
C LEU C 280 -27.20 -0.75 7.95
N TYR C 281 -27.50 0.43 7.42
CA TYR C 281 -28.86 0.93 7.47
C TYR C 281 -29.91 0.12 6.70
N PRO C 282 -29.61 -0.31 5.46
CA PRO C 282 -30.55 -1.20 4.78
C PRO C 282 -30.83 -2.46 5.60
N GLN C 283 -29.81 -2.93 6.31
CA GLN C 283 -29.97 -4.13 7.13
C GLN C 283 -30.82 -3.89 8.37
N ARG C 284 -30.75 -2.69 8.93
CA ARG C 284 -31.62 -2.38 10.05
C ARG C 284 -33.07 -2.24 9.56
N VAL C 285 -33.23 -1.87 8.29
CA VAL C 285 -34.56 -1.85 7.68
C VAL C 285 -35.15 -3.26 7.55
N PHE C 286 -34.36 -4.22 7.04
CA PHE C 286 -34.82 -5.59 6.85
C PHE C 286 -34.80 -6.51 8.07
N ASP C 287 -34.15 -6.08 9.15
CA ASP C 287 -34.23 -6.82 10.41
C ASP C 287 -35.68 -7.28 10.69
N TRP C 288 -36.66 -6.42 10.44
CA TRP C 288 -38.03 -6.78 10.79
C TRP C 288 -38.57 -7.88 9.90
N LEU C 289 -38.24 -7.79 8.61
CA LEU C 289 -38.61 -8.80 7.65
C LEU C 289 -38.02 -10.17 8.07
N HIS C 290 -36.78 -10.15 8.51
CA HIS C 290 -36.10 -11.35 8.99
C HIS C 290 -36.82 -11.96 10.17
N TYR C 291 -37.25 -11.11 11.10
CA TYR C 291 -37.93 -11.57 12.28
C TYR C 291 -39.27 -12.18 11.88
N HIS C 292 -39.97 -11.50 10.99
CA HIS C 292 -41.23 -12.06 10.51
C HIS C 292 -41.01 -13.40 9.84
N ALA C 293 -39.94 -13.51 9.07
CA ALA C 293 -39.66 -14.72 8.33
C ALA C 293 -39.52 -15.90 9.29
N LEU C 294 -38.85 -15.65 10.42
CA LEU C 294 -38.73 -16.66 11.45
C LEU C 294 -40.09 -17.01 12.07
N ILE C 295 -40.94 -16.01 12.26
CA ILE C 295 -42.25 -16.30 12.81
C ILE C 295 -42.98 -17.21 11.83
N ARG C 296 -42.96 -16.83 10.57
CA ARG C 296 -43.58 -17.62 9.53
C ARG C 296 -43.05 -19.06 9.48
N GLN C 297 -41.73 -19.21 9.42
CA GLN C 297 -41.09 -20.53 9.38
C GLN C 297 -41.55 -21.45 10.53
N SER C 298 -41.79 -20.84 11.69
CA SER C 298 -42.24 -21.61 12.85
C SER C 298 -43.61 -22.22 12.59
N VAL C 299 -44.50 -21.41 12.01
CA VAL C 299 -45.83 -21.84 11.65
C VAL C 299 -45.80 -22.86 10.52
N ARG C 300 -44.87 -22.69 9.57
CA ARG C 300 -44.69 -23.69 8.51
C ARG C 300 -44.25 -25.04 9.08
N ALA C 301 -43.39 -24.98 10.11
CA ALA C 301 -42.94 -26.19 10.79
C ALA C 301 -44.10 -26.84 11.58
N GLU C 302 -44.89 -26.05 12.29
CA GLU C 302 -46.04 -26.57 13.02
C GLU C 302 -47.02 -27.25 12.06
N LEU C 303 -47.23 -26.64 10.90
CA LEU C 303 -48.05 -27.25 9.85
C LEU C 303 -47.52 -28.62 9.43
N MET C 304 -46.22 -28.69 9.13
CA MET C 304 -45.65 -29.95 8.64
C MET C 304 -45.78 -31.04 9.69
N ALA C 305 -45.48 -30.67 10.93
CA ALA C 305 -45.53 -31.62 12.03
C ALA C 305 -46.93 -32.23 12.18
N GLY C 306 -47.96 -31.38 12.16
CA GLY C 306 -49.32 -31.86 12.24
C GLY C 306 -49.74 -32.72 11.07
N LEU C 307 -49.39 -32.32 9.85
CA LEU C 307 -49.65 -33.20 8.70
C LEU C 307 -49.01 -34.58 8.90
N ALA C 308 -47.75 -34.61 9.34
CA ALA C 308 -47.07 -35.88 9.60
C ALA C 308 -47.92 -36.71 10.54
N ILE C 309 -48.34 -36.08 11.64
CA ILE C 309 -49.23 -36.71 12.62
C ILE C 309 -50.56 -37.22 12.03
N LEU C 310 -51.26 -36.37 11.29
CA LEU C 310 -52.53 -36.77 10.69
C LEU C 310 -52.40 -37.92 9.69
N ILE C 311 -51.41 -37.85 8.81
CA ILE C 311 -51.26 -38.90 7.79
C ILE C 311 -50.79 -40.25 8.35
N THR C 312 -49.75 -40.28 9.18
CA THR C 312 -49.31 -41.53 9.82
C THR C 312 -50.42 -42.11 10.66
N GLU C 313 -51.19 -41.24 11.30
CA GLU C 313 -52.25 -41.71 12.18
C GLU C 313 -53.34 -42.38 11.34
N HIS C 314 -53.86 -41.63 10.37
CA HIS C 314 -54.99 -42.09 9.54
C HIS C 314 -54.67 -43.38 8.78
N ILE C 315 -53.41 -43.54 8.40
CA ILE C 315 -52.92 -44.74 7.73
C ILE C 315 -52.68 -45.88 8.73
N GLY C 316 -52.31 -45.52 9.96
CA GLY C 316 -52.08 -46.48 11.01
C GLY C 316 -50.62 -46.78 11.32
N THR C 317 -49.70 -46.09 10.67
CA THR C 317 -48.28 -46.34 10.91
C THR C 317 -47.69 -45.57 12.10
N ASN C 318 -48.53 -44.87 12.84
CA ASN C 318 -48.02 -43.90 13.80
C ASN C 318 -47.35 -44.50 15.04
N LYS C 319 -47.67 -45.74 15.38
CA LYS C 319 -47.03 -46.37 16.55
C LYS C 319 -45.80 -47.19 16.22
N ILE C 320 -45.55 -47.42 14.93
CA ILE C 320 -44.28 -47.98 14.48
C ILE C 320 -43.11 -47.11 14.98
N PRO C 321 -42.22 -47.69 15.80
CA PRO C 321 -41.11 -46.94 16.39
C PRO C 321 -40.35 -46.08 15.39
N ALA C 322 -39.98 -46.64 14.23
CA ALA C 322 -39.19 -45.90 13.27
C ALA C 322 -39.96 -44.71 12.67
N VAL C 323 -41.27 -44.82 12.68
CA VAL C 323 -42.14 -43.75 12.25
C VAL C 323 -42.22 -42.69 13.35
N GLN C 324 -42.34 -43.14 14.60
CA GLN C 324 -42.45 -42.23 15.72
C GLN C 324 -41.27 -41.28 15.80
N THR C 325 -40.05 -41.82 15.65
CA THR C 325 -38.85 -41.00 15.78
C THR C 325 -38.84 -39.95 14.67
N ARG C 326 -39.38 -40.33 13.51
CA ARG C 326 -39.41 -39.41 12.39
C ARG C 326 -40.44 -38.31 12.59
N VAL C 327 -41.61 -38.65 13.11
CA VAL C 327 -42.60 -37.63 13.39
C VAL C 327 -42.06 -36.69 14.46
N ALA C 328 -41.44 -37.26 15.48
CA ALA C 328 -40.90 -36.46 16.58
C ALA C 328 -39.79 -35.51 16.13
N LYS C 329 -39.01 -35.95 15.15
CA LYS C 329 -37.96 -35.10 14.61
C LYS C 329 -38.58 -33.86 13.97
N LEU C 330 -39.67 -34.07 13.23
CA LEU C 330 -40.45 -32.98 12.64
C LEU C 330 -41.01 -32.03 13.70
N ILE C 331 -41.39 -32.57 14.86
CA ILE C 331 -41.89 -31.78 15.98
C ILE C 331 -40.75 -31.00 16.65
N GLY C 332 -39.60 -31.65 16.82
CA GLY C 332 -38.42 -30.96 17.30
C GLY C 332 -38.05 -29.82 16.37
N PHE C 333 -38.26 -30.00 15.06
CA PHE C 333 -37.99 -28.94 14.08
C PHE C 333 -38.77 -27.66 14.43
N HIS C 334 -40.09 -27.80 14.56
CA HIS C 334 -40.96 -26.75 15.05
C HIS C 334 -40.50 -26.13 16.38
N GLN C 335 -40.20 -26.99 17.35
CA GLN C 335 -39.75 -26.49 18.64
C GLN C 335 -38.44 -25.70 18.55
N ALA C 336 -37.57 -26.02 17.59
CA ALA C 336 -36.33 -25.26 17.47
C ALA C 336 -36.59 -23.84 17.00
N MET C 337 -37.55 -23.66 16.09
CA MET C 337 -37.89 -22.33 15.63
C MET C 337 -38.50 -21.54 16.77
N LEU C 338 -39.41 -22.20 17.45
CA LEU C 338 -40.18 -21.59 18.52
C LEU C 338 -39.20 -21.12 19.58
N ALA C 339 -38.17 -21.92 19.81
CA ALA C 339 -37.20 -21.62 20.85
C ALA C 339 -36.30 -20.44 20.47
N HIS C 340 -35.99 -20.30 19.19
CA HIS C 340 -35.23 -19.13 18.76
C HIS C 340 -36.08 -17.86 18.80
N ILE C 341 -37.37 -18.00 18.51
CA ILE C 341 -38.29 -16.88 18.63
C ILE C 341 -38.42 -16.40 20.06
N VAL C 342 -38.85 -17.31 20.93
CA VAL C 342 -39.04 -16.97 22.33
C VAL C 342 -37.75 -16.43 22.94
N ALA C 343 -36.62 -17.09 22.69
CA ALA C 343 -35.35 -16.63 23.25
C ALA C 343 -34.99 -15.27 22.70
N SER C 344 -35.17 -15.07 21.40
CA SER C 344 -34.74 -13.80 20.80
C SER C 344 -35.57 -12.69 21.41
N GLU C 345 -36.81 -13.02 21.77
CA GLU C 345 -37.74 -12.05 22.30
C GLU C 345 -37.39 -11.68 23.75
N GLU C 346 -36.95 -12.66 24.53
CA GLU C 346 -36.55 -12.41 25.91
C GLU C 346 -35.25 -11.62 25.95
N LEU C 347 -34.38 -11.82 24.97
CA LEU C 347 -33.03 -11.24 25.01
C LEU C 347 -32.81 -10.12 24.02
N GLY C 348 -33.83 -9.30 23.81
CA GLY C 348 -33.74 -8.25 22.80
C GLY C 348 -33.21 -6.97 23.41
N PHE C 349 -33.40 -5.86 22.70
CA PHE C 349 -32.80 -4.59 23.09
C PHE C 349 -33.55 -3.44 22.46
N HIS C 350 -33.16 -2.21 22.79
CA HIS C 350 -33.85 -1.04 22.31
C HIS C 350 -33.09 -0.31 21.21
N THR C 351 -33.78 0.01 20.12
CA THR C 351 -33.21 0.77 19.01
C THR C 351 -33.03 2.24 19.39
N PRO C 352 -32.32 3.02 18.56
CA PRO C 352 -32.11 4.44 18.87
C PRO C 352 -33.40 5.21 19.20
N GLY C 353 -34.49 4.90 18.50
CA GLY C 353 -35.76 5.57 18.77
C GLY C 353 -36.59 4.92 19.87
N GLY C 354 -36.01 3.96 20.59
CA GLY C 354 -36.65 3.37 21.76
C GLY C 354 -37.55 2.17 21.51
N ALA C 355 -37.70 1.79 20.25
CA ALA C 355 -38.46 0.59 19.95
C ALA C 355 -37.76 -0.64 20.54
N TYR C 356 -38.54 -1.65 20.91
CA TYR C 356 -37.96 -2.90 21.39
C TYR C 356 -37.78 -3.90 20.25
N LYS C 357 -36.56 -4.38 20.03
CA LYS C 357 -36.27 -5.32 18.96
C LYS C 357 -35.71 -6.65 19.50
N PRO C 358 -36.17 -7.79 18.92
CA PRO C 358 -35.66 -9.08 19.40
C PRO C 358 -34.20 -9.31 18.99
N ASN C 359 -33.53 -10.23 19.68
CA ASN C 359 -32.09 -10.46 19.50
C ASN C 359 -31.77 -10.95 18.08
N ILE C 360 -31.13 -10.06 17.32
CA ILE C 360 -30.85 -10.26 15.89
C ILE C 360 -30.08 -11.53 15.65
N LEU C 361 -29.07 -11.73 16.47
CA LEU C 361 -28.16 -12.85 16.36
C LEU C 361 -28.96 -14.15 16.48
N ILE C 362 -29.87 -14.17 17.43
CA ILE C 362 -30.60 -15.38 17.73
C ILE C 362 -31.66 -15.65 16.68
N TYR C 363 -32.39 -14.63 16.27
CA TYR C 363 -33.44 -14.93 15.31
C TYR C 363 -32.86 -15.27 13.92
N ASP C 364 -31.74 -14.67 13.56
CA ASP C 364 -31.10 -15.00 12.29
C ASP C 364 -30.58 -16.44 12.29
N PHE C 365 -30.09 -16.88 13.45
CA PHE C 365 -29.72 -18.28 13.63
C PHE C 365 -30.94 -19.22 13.61
N GLY C 366 -32.05 -18.73 14.14
CA GLY C 366 -33.32 -19.39 13.92
C GLY C 366 -33.59 -19.65 12.44
N ARG C 367 -33.46 -18.62 11.60
CA ARG C 367 -33.72 -18.73 10.17
C ARG C 367 -32.70 -19.64 9.48
N ALA C 368 -31.44 -19.50 9.90
CA ALA C 368 -30.36 -20.36 9.40
C ALA C 368 -30.70 -21.82 9.65
N LEU C 369 -31.04 -22.16 10.89
CA LEU C 369 -31.46 -23.52 11.27
C LEU C 369 -32.54 -24.04 10.32
N TYR C 370 -33.60 -23.25 10.16
CA TYR C 370 -34.64 -23.55 9.18
C TYR C 370 -34.12 -23.73 7.75
N LEU C 371 -33.27 -22.81 7.29
CA LEU C 371 -32.91 -22.84 5.87
C LEU C 371 -32.02 -24.02 5.58
N GLU C 372 -31.29 -24.46 6.60
CA GLU C 372 -30.40 -25.60 6.49
C GLU C 372 -31.14 -26.92 6.50
N ASN C 373 -32.33 -26.96 7.09
CA ASN C 373 -33.01 -28.23 7.27
C ASN C 373 -34.37 -28.46 6.61
N PHE C 374 -35.01 -27.41 6.11
CA PHE C 374 -36.41 -27.59 5.71
C PHE C 374 -36.57 -28.54 4.51
N SER C 375 -35.66 -28.43 3.56
CA SER C 375 -35.62 -29.34 2.42
C SER C 375 -35.75 -30.78 2.90
N GLN C 376 -34.91 -31.14 3.87
CA GLN C 376 -34.90 -32.50 4.38
C GLN C 376 -36.15 -32.80 5.21
N MET C 377 -36.61 -31.83 5.98
CA MET C 377 -37.85 -31.98 6.74
C MET C 377 -39.07 -32.23 5.83
N ILE C 378 -39.15 -31.50 4.73
CA ILE C 378 -40.25 -31.67 3.80
C ILE C 378 -40.21 -33.08 3.20
N TYR C 379 -39.01 -33.56 2.94
CA TYR C 379 -38.84 -34.88 2.36
C TYR C 379 -39.33 -35.93 3.33
N GLU C 380 -39.07 -35.66 4.60
CA GLU C 380 -39.45 -36.57 5.66
C GLU C 380 -40.98 -36.72 5.69
N LEU C 381 -41.70 -35.61 5.63
CA LEU C 381 -43.15 -35.64 5.59
C LEU C 381 -43.69 -36.38 4.36
N VAL C 382 -43.18 -36.00 3.20
CA VAL C 382 -43.57 -36.61 1.93
C VAL C 382 -43.32 -38.09 1.96
N ASP C 383 -42.13 -38.48 2.39
CA ASP C 383 -41.82 -39.90 2.49
C ASP C 383 -42.74 -40.61 3.46
N LEU C 384 -43.03 -39.98 4.60
CA LEU C 384 -43.97 -40.55 5.57
C LEU C 384 -45.37 -40.77 4.99
N SER C 385 -45.77 -39.92 4.05
CA SER C 385 -47.12 -40.00 3.51
C SER C 385 -47.26 -41.10 2.46
N GLY C 386 -46.12 -41.59 1.96
CA GLY C 386 -46.12 -42.74 1.08
C GLY C 386 -46.85 -42.53 -0.24
N ARG C 387 -47.80 -43.41 -0.54
CA ARG C 387 -48.50 -43.33 -1.82
C ARG C 387 -49.58 -42.24 -1.85
N SER C 388 -49.97 -41.77 -0.66
CA SER C 388 -50.99 -40.72 -0.51
C SER C 388 -50.43 -39.42 -1.03
N ALA C 389 -49.13 -39.43 -1.28
CA ALA C 389 -48.47 -38.31 -1.95
C ALA C 389 -49.06 -38.12 -3.36
N LEU C 390 -48.72 -39.05 -4.26
CA LEU C 390 -49.19 -38.98 -5.65
C LEU C 390 -50.59 -39.56 -5.89
N ILE C 391 -50.77 -40.85 -5.61
CA ILE C 391 -51.99 -41.53 -6.05
C ILE C 391 -53.13 -41.56 -5.05
N PHE C 392 -54.08 -40.65 -5.25
CA PHE C 392 -55.34 -40.69 -4.51
C PHE C 392 -56.50 -40.29 -5.41
N ALA C 393 -57.69 -40.75 -5.05
CA ALA C 393 -58.90 -40.41 -5.78
C ALA C 393 -59.04 -38.91 -6.03
N SER C 394 -59.49 -38.56 -7.24
CA SER C 394 -60.02 -37.23 -7.50
C SER C 394 -61.48 -37.32 -7.06
N GLU C 395 -62.10 -36.18 -6.74
CA GLU C 395 -63.47 -36.19 -6.18
C GLU C 395 -64.46 -37.10 -6.95
N ASP C 396 -64.52 -36.96 -8.27
CA ASP C 396 -65.50 -37.69 -9.08
C ASP C 396 -65.31 -39.20 -9.08
N GLN C 397 -64.06 -39.64 -9.03
CA GLN C 397 -63.75 -41.06 -8.95
C GLN C 397 -64.26 -41.60 -7.62
N TRP C 398 -63.99 -40.86 -6.54
CA TRP C 398 -64.35 -41.28 -5.19
C TRP C 398 -65.85 -41.52 -5.10
N ASN C 399 -66.62 -40.61 -5.70
CA ASN C 399 -68.07 -40.66 -5.62
C ASN C 399 -68.73 -41.57 -6.65
N ASP C 400 -67.95 -42.07 -7.60
CA ASP C 400 -68.49 -42.94 -8.63
C ASP C 400 -69.07 -44.20 -8.02
N GLU C 401 -70.29 -44.55 -8.44
CA GLU C 401 -70.98 -45.72 -7.91
C GLU C 401 -70.11 -46.97 -7.89
N ALA C 402 -69.43 -47.23 -9.01
CA ALA C 402 -68.64 -48.44 -9.12
C ALA C 402 -67.35 -48.39 -8.28
N LEU C 403 -66.82 -47.19 -8.05
CA LEU C 403 -65.49 -47.04 -7.45
C LEU C 403 -65.52 -46.80 -5.93
N ASN C 404 -66.50 -46.03 -5.48
CA ASN C 404 -66.60 -45.67 -4.08
C ASN C 404 -66.34 -46.79 -3.07
N GLY C 405 -66.99 -47.95 -3.28
CA GLY C 405 -66.80 -49.08 -2.39
C GLY C 405 -65.33 -49.48 -2.23
N TRP C 406 -64.65 -49.60 -3.36
CA TRP C 406 -63.22 -49.91 -3.38
C TRP C 406 -62.38 -48.83 -2.68
N PHE C 407 -62.65 -47.56 -3.00
CA PHE C 407 -61.95 -46.47 -2.36
C PHE C 407 -62.14 -46.44 -0.84
N GLU C 408 -63.37 -46.61 -0.36
CA GLU C 408 -63.62 -46.61 1.08
C GLU C 408 -62.86 -47.76 1.77
N ARG C 409 -62.82 -48.93 1.14
CA ARG C 409 -62.09 -50.04 1.75
C ARG C 409 -60.58 -49.80 1.80
N MET C 410 -60.04 -49.16 0.76
CA MET C 410 -58.60 -48.93 0.67
C MET C 410 -58.08 -47.81 1.57
N ASN C 411 -58.98 -46.94 2.00
CA ASN C 411 -58.60 -45.82 2.84
C ASN C 411 -59.21 -45.94 4.21
N ASN C 412 -59.60 -47.15 4.55
CA ASN C 412 -60.14 -47.41 5.88
C ASN C 412 -59.01 -47.37 6.90
N GLY C 413 -59.25 -46.71 8.02
CA GLY C 413 -58.21 -46.61 9.04
C GLY C 413 -58.75 -46.41 10.44
N PRO C 414 -57.83 -46.32 11.40
CA PRO C 414 -58.15 -46.22 12.83
C PRO C 414 -58.87 -44.94 13.20
N VAL C 415 -58.75 -43.88 12.39
CA VAL C 415 -59.28 -42.58 12.80
C VAL C 415 -60.04 -41.86 11.69
N GLY C 416 -61.10 -41.15 12.05
CA GLY C 416 -61.87 -40.36 11.11
C GLY C 416 -62.48 -41.20 10.01
N GLN C 417 -62.79 -40.55 8.88
CA GLN C 417 -63.31 -41.27 7.72
C GLN C 417 -62.28 -41.49 6.63
N PRO C 418 -62.49 -42.51 5.79
CA PRO C 418 -61.61 -42.81 4.66
C PRO C 418 -61.32 -41.60 3.78
N HIS C 419 -62.36 -40.84 3.43
CA HIS C 419 -62.18 -39.61 2.63
C HIS C 419 -61.21 -38.62 3.25
N ASP C 420 -61.04 -38.67 4.57
CA ASP C 420 -60.11 -37.76 5.24
C ASP C 420 -58.69 -37.93 4.68
N ARG C 421 -58.34 -39.17 4.37
CA ARG C 421 -57.07 -39.46 3.71
C ARG C 421 -56.86 -38.60 2.46
N VAL C 422 -57.91 -38.40 1.69
CA VAL C 422 -57.78 -37.62 0.46
C VAL C 422 -57.56 -36.16 0.82
N LYS C 423 -58.30 -35.71 1.83
CA LYS C 423 -58.19 -34.32 2.28
C LYS C 423 -56.77 -33.96 2.67
N ILE C 424 -56.14 -34.86 3.39
CA ILE C 424 -54.74 -34.68 3.81
C ILE C 424 -53.81 -34.71 2.61
N GLY C 425 -54.03 -35.69 1.72
CA GLY C 425 -53.22 -35.83 0.53
C GLY C 425 -53.26 -34.59 -0.31
N ARG C 426 -54.44 -33.98 -0.44
CA ARG C 426 -54.55 -32.76 -1.23
C ARG C 426 -53.67 -31.64 -0.67
N VAL C 427 -53.64 -31.50 0.64
CA VAL C 427 -52.91 -30.39 1.23
C VAL C 427 -51.43 -30.64 1.07
N ILE C 428 -51.02 -31.88 1.29
CA ILE C 428 -49.61 -32.25 1.14
C ILE C 428 -49.15 -32.10 -0.32
N ARG C 429 -49.98 -32.57 -1.23
CA ARG C 429 -49.73 -32.41 -2.67
C ARG C 429 -49.61 -30.94 -3.04
N ASP C 430 -50.57 -30.13 -2.60
CA ASP C 430 -50.52 -28.70 -2.92
C ASP C 430 -49.24 -28.07 -2.37
N LEU C 431 -49.01 -28.28 -1.09
CA LEU C 431 -47.91 -27.65 -0.39
C LEU C 431 -46.51 -28.01 -0.93
N PHE C 432 -46.34 -29.23 -1.41
CA PHE C 432 -44.97 -29.67 -1.69
C PHE C 432 -44.75 -30.33 -3.05
N LEU C 433 -45.83 -30.66 -3.74
CA LEU C 433 -45.71 -31.38 -4.99
C LEU C 433 -46.33 -30.65 -6.18
N THR C 434 -46.47 -29.33 -6.09
CA THR C 434 -47.01 -28.58 -7.21
C THR C 434 -46.13 -27.38 -7.48
N ASP C 435 -46.23 -26.82 -8.68
CA ASP C 435 -45.55 -25.58 -9.05
C ASP C 435 -45.79 -24.57 -7.94
N TRP C 436 -47.06 -24.41 -7.57
CA TRP C 436 -47.47 -23.44 -6.59
C TRP C 436 -46.71 -23.59 -5.26
N GLY C 437 -46.70 -24.79 -4.69
CA GLY C 437 -45.95 -25.06 -3.48
C GLY C 437 -44.44 -24.95 -3.66
N ASN C 438 -43.94 -25.37 -4.81
CA ASN C 438 -42.52 -25.33 -5.08
C ASN C 438 -41.95 -23.93 -5.20
N ARG C 439 -42.78 -22.97 -5.61
CA ARG C 439 -42.36 -21.57 -5.61
C ARG C 439 -42.03 -21.19 -4.18
N LEU C 440 -42.95 -21.46 -3.26
CA LEU C 440 -42.73 -21.23 -1.83
C LEU C 440 -41.37 -21.82 -1.38
N PHE C 441 -41.07 -23.02 -1.84
CA PHE C 441 -39.84 -23.72 -1.51
C PHE C 441 -38.63 -22.86 -1.85
N VAL C 442 -38.55 -22.47 -3.11
CA VAL C 442 -37.45 -21.66 -3.61
C VAL C 442 -37.45 -20.28 -2.97
N PHE C 443 -38.63 -19.75 -2.69
CA PHE C 443 -38.73 -18.40 -2.15
C PHE C 443 -38.11 -18.31 -0.75
N GLU C 444 -38.11 -19.43 -0.01
CA GLU C 444 -37.59 -19.42 1.36
C GLU C 444 -36.23 -18.80 1.40
N ASN C 445 -35.42 -19.11 0.39
CA ASN C 445 -34.06 -18.63 0.32
C ASN C 445 -33.96 -17.17 -0.12
N PHE C 446 -35.09 -16.61 -0.51
CA PHE C 446 -35.15 -15.21 -0.94
C PHE C 446 -35.93 -14.33 0.03
N ASN C 447 -36.57 -14.96 1.01
CA ASN C 447 -37.33 -14.21 2.00
C ASN C 447 -36.38 -13.68 3.07
N GLY C 448 -35.48 -12.79 2.66
CA GLY C 448 -34.40 -12.32 3.53
C GLY C 448 -33.06 -12.85 3.04
N THR C 449 -31.99 -12.38 3.68
CA THR C 449 -30.65 -12.90 3.41
C THR C 449 -30.67 -14.42 3.45
N PRO C 450 -29.86 -15.06 2.60
CA PRO C 450 -29.82 -16.54 2.59
C PRO C 450 -28.83 -17.16 3.59
N LEU C 451 -28.93 -18.47 3.77
CA LEU C 451 -28.10 -19.21 4.70
C LEU C 451 -26.66 -18.72 4.77
N GLN C 452 -25.98 -18.73 3.63
CA GLN C 452 -24.53 -18.46 3.61
C GLN C 452 -24.21 -17.00 3.95
N ALA C 453 -25.16 -16.11 3.65
CA ALA C 453 -24.96 -14.71 3.96
C ALA C 453 -25.21 -14.44 5.44
N ILE C 454 -26.11 -15.21 6.05
CA ILE C 454 -26.34 -15.06 7.49
C ILE C 454 -25.03 -15.37 8.19
N ARG C 455 -24.36 -16.42 7.72
CA ARG C 455 -23.15 -16.91 8.33
C ARG C 455 -21.92 -16.03 8.11
N MET C 456 -21.81 -15.43 6.93
CA MET C 456 -20.72 -14.51 6.64
C MET C 456 -20.84 -13.21 7.43
N LEU C 457 -22.07 -12.71 7.52
CA LEU C 457 -22.34 -11.43 8.16
C LEU C 457 -22.12 -11.59 9.64
N THR C 458 -22.53 -12.74 10.13
CA THR C 458 -22.34 -13.06 11.53
C THR C 458 -20.84 -13.04 11.85
N MET C 459 -20.04 -13.52 10.91
CA MET C 459 -18.62 -13.70 11.13
C MET C 459 -17.86 -12.39 11.03
N GLN C 460 -18.56 -11.31 10.70
CA GLN C 460 -17.94 -9.99 10.64
C GLN C 460 -18.01 -9.27 12.00
N ARG C 461 -18.96 -9.66 12.84
CA ARG C 461 -19.06 -9.06 14.17
C ARG C 461 -17.72 -9.23 14.86
N ALA C 462 -17.14 -8.11 15.25
CA ALA C 462 -15.87 -8.09 15.95
C ALA C 462 -15.89 -8.95 17.23
N GLU C 463 -17.07 -9.09 17.84
CA GLU C 463 -17.18 -9.86 19.07
C GLU C 463 -16.93 -11.34 18.86
N PHE C 464 -16.71 -11.74 17.61
CA PHE C 464 -16.43 -13.14 17.33
C PHE C 464 -14.96 -13.37 16.99
N SER C 465 -14.13 -12.37 17.30
CA SER C 465 -12.68 -12.46 17.10
C SER C 465 -12.03 -13.19 18.28
N ALA C 466 -10.75 -13.49 18.15
CA ALA C 466 -10.00 -14.17 19.20
C ALA C 466 -10.18 -13.51 20.55
N ALA C 467 -9.81 -12.23 20.65
CA ALA C 467 -9.87 -11.54 21.94
C ALA C 467 -11.27 -11.00 22.18
N GLY C 468 -12.16 -11.23 21.23
CA GLY C 468 -13.56 -10.89 21.39
C GLY C 468 -14.13 -11.54 22.64
N PRO C 469 -15.24 -11.00 23.15
CA PRO C 469 -15.85 -11.48 24.39
C PRO C 469 -16.40 -12.91 24.29
N TYR C 470 -16.91 -13.29 23.12
CA TYR C 470 -17.33 -14.67 22.93
C TYR C 470 -16.22 -15.64 23.35
N GLY C 471 -15.11 -15.69 22.60
CA GLY C 471 -14.01 -16.62 22.82
C GLY C 471 -13.28 -16.57 24.15
N THR C 472 -13.77 -15.77 25.10
CA THR C 472 -13.17 -15.66 26.43
C THR C 472 -12.85 -17.00 27.08
N LEU C 473 -13.88 -17.83 27.24
CA LEU C 473 -13.74 -19.13 27.88
C LEU C 473 -12.60 -19.98 27.30
N ALA C 474 -12.49 -20.02 25.98
CA ALA C 474 -11.45 -20.80 25.32
C ALA C 474 -10.02 -20.31 25.67
N ARG C 475 -9.82 -19.00 25.73
CA ARG C 475 -8.53 -18.45 26.15
C ARG C 475 -8.23 -18.90 27.58
N LYS C 476 -9.26 -18.87 28.42
CA LYS C 476 -9.07 -19.23 29.81
C LYS C 476 -8.69 -20.71 29.93
N VAL C 477 -9.42 -21.57 29.22
CA VAL C 477 -9.12 -23.01 29.22
C VAL C 477 -7.74 -23.36 28.65
N CYS C 478 -7.33 -22.66 27.60
CA CYS C 478 -6.00 -22.86 27.00
C CYS C 478 -4.87 -22.22 27.80
N GLY C 479 -5.25 -21.43 28.82
CA GLY C 479 -4.29 -20.64 29.56
C GLY C 479 -3.62 -19.60 28.65
N ILE C 480 -4.41 -18.97 27.80
CA ILE C 480 -3.87 -18.00 26.87
C ILE C 480 -4.13 -16.55 27.28
N GLU C 481 -3.01 -15.83 27.45
CA GLU C 481 -2.93 -14.35 27.56
C GLU C 481 -3.74 -13.63 28.65
N LEU C 482 -4.50 -12.61 28.22
CA LEU C 482 -5.41 -11.81 29.06
C LEU C 482 -4.75 -10.82 30.04
N THR C 483 -5.35 -9.64 30.14
CA THR C 483 -4.86 -8.56 30.99
C THR C 483 -5.63 -8.49 32.30
N ILE D 2 13.85 -61.52 0.78
CA ILE D 2 14.84 -62.13 1.66
C ILE D 2 14.86 -61.54 3.08
N ARG D 3 14.96 -60.22 3.21
CA ARG D 3 15.06 -59.54 4.52
C ARG D 3 14.19 -60.16 5.63
N THR D 4 14.68 -60.11 6.86
CA THR D 4 13.91 -60.60 8.00
C THR D 4 13.72 -59.50 9.06
N GLY D 5 12.79 -59.72 9.97
CA GLY D 5 12.59 -58.78 11.06
C GLY D 5 13.87 -58.66 11.89
N LYS D 6 14.50 -59.81 12.15
CA LYS D 6 15.75 -59.85 12.90
C LYS D 6 16.75 -58.84 12.31
N GLN D 7 16.91 -58.92 10.99
CA GLN D 7 17.81 -58.01 10.27
C GLN D 7 17.36 -56.57 10.37
N TYR D 8 16.04 -56.37 10.26
CA TYR D 8 15.46 -55.04 10.29
C TYR D 8 15.70 -54.37 11.64
N LEU D 9 15.47 -55.13 12.70
CA LEU D 9 15.66 -54.64 14.06
C LEU D 9 17.10 -54.21 14.28
N GLU D 10 18.02 -55.09 13.89
CA GLU D 10 19.44 -54.80 14.00
C GLU D 10 19.82 -53.52 13.25
N SER D 11 19.29 -53.34 12.05
CA SER D 11 19.62 -52.17 11.24
C SER D 11 19.19 -50.87 11.92
N LEU D 12 18.18 -50.93 12.77
CA LEU D 12 17.66 -49.71 13.38
C LEU D 12 18.72 -49.05 14.27
N ASN D 13 19.57 -49.87 14.88
CA ASN D 13 20.57 -49.35 15.81
C ASN D 13 21.75 -48.70 15.09
N ASP D 14 21.47 -47.62 14.35
CA ASP D 14 22.47 -47.00 13.51
C ASP D 14 22.80 -45.56 13.92
N GLY D 15 22.43 -45.21 15.14
CA GLY D 15 22.71 -43.89 15.68
C GLY D 15 21.85 -42.77 15.10
N ARG D 16 20.65 -43.10 14.65
CA ARG D 16 19.74 -42.09 14.14
C ARG D 16 19.31 -41.15 15.27
N ASN D 17 19.24 -39.86 14.96
CA ASN D 17 18.89 -38.87 15.95
C ASN D 17 17.37 -38.60 16.01
N VAL D 18 16.74 -39.07 17.08
CA VAL D 18 15.28 -39.13 17.15
C VAL D 18 14.68 -38.66 18.48
N TRP D 19 13.83 -37.64 18.40
CA TRP D 19 13.00 -37.27 19.53
C TRP D 19 11.69 -38.01 19.47
N VAL D 20 11.26 -38.56 20.59
CA VAL D 20 9.87 -39.00 20.75
C VAL D 20 9.32 -38.32 21.98
N GLY D 21 8.51 -37.29 21.78
CA GLY D 21 8.07 -36.46 22.89
C GLY D 21 9.28 -35.82 23.53
N ASN D 22 9.32 -35.78 24.85
CA ASN D 22 10.45 -35.21 25.56
C ASN D 22 11.72 -36.07 25.50
N GLU D 23 11.61 -37.28 24.96
CA GLU D 23 12.71 -38.23 25.01
C GLU D 23 13.58 -38.31 23.76
N LYS D 24 14.88 -38.55 23.96
CA LYS D 24 15.78 -38.90 22.86
C LYS D 24 15.91 -40.41 22.85
N ILE D 25 15.92 -41.01 21.66
CA ILE D 25 15.86 -42.47 21.56
C ILE D 25 17.20 -43.12 21.22
N ASP D 26 17.74 -43.87 22.18
CA ASP D 26 18.99 -44.58 21.99
C ASP D 26 18.89 -45.53 20.81
N ASN D 27 18.12 -46.60 21.02
CA ASN D 27 17.86 -47.59 20.01
C ASN D 27 16.34 -47.75 19.86
N VAL D 28 15.83 -47.33 18.71
CA VAL D 28 14.43 -47.43 18.38
C VAL D 28 13.88 -48.86 18.50
N ALA D 29 14.74 -49.84 18.25
CA ALA D 29 14.31 -51.23 18.25
C ALA D 29 14.13 -51.80 19.67
N THR D 30 14.55 -51.05 20.68
CA THR D 30 14.47 -51.55 22.05
C THR D 30 13.82 -50.56 23.02
N HIS D 31 13.78 -49.29 22.65
CA HIS D 31 13.22 -48.29 23.53
C HIS D 31 11.78 -48.71 23.85
N PRO D 32 11.38 -48.60 25.12
CA PRO D 32 10.01 -49.00 25.47
C PRO D 32 8.94 -48.20 24.72
N LYS D 33 9.28 -46.98 24.32
CA LYS D 33 8.31 -46.10 23.65
C LYS D 33 8.12 -46.39 22.16
N THR D 34 9.07 -47.13 21.58
CA THR D 34 9.12 -47.36 20.15
C THR D 34 9.18 -48.84 19.75
N ARG D 35 9.61 -49.70 20.68
CA ARG D 35 9.93 -51.07 20.33
C ARG D 35 8.78 -51.90 19.75
N ASP D 36 7.55 -51.69 20.20
CA ASP D 36 6.43 -52.53 19.75
C ASP D 36 6.10 -52.30 18.29
N TYR D 37 6.04 -51.04 17.89
CA TYR D 37 5.80 -50.71 16.50
C TYR D 37 6.99 -51.13 15.67
N ALA D 38 8.18 -51.09 16.26
CA ALA D 38 9.37 -51.59 15.58
C ALA D 38 9.17 -53.07 15.30
N GLN D 39 8.62 -53.78 16.28
CA GLN D 39 8.36 -55.21 16.10
C GLN D 39 7.32 -55.46 15.03
N ARG D 40 6.39 -54.52 14.86
CA ARG D 40 5.37 -54.68 13.84
C ARG D 40 6.04 -54.67 12.47
N HIS D 41 7.01 -53.79 12.30
CA HIS D 41 7.73 -53.72 11.03
C HIS D 41 8.54 -54.98 10.77
N ALA D 42 9.13 -55.51 11.83
CA ALA D 42 9.81 -56.80 11.78
C ALA D 42 8.84 -57.90 11.31
N ASP D 43 7.68 -57.98 11.97
CA ASP D 43 6.60 -58.87 11.57
C ASP D 43 6.25 -58.74 10.09
N PHE D 44 6.24 -57.50 9.61
CA PHE D 44 5.99 -57.23 8.19
C PHE D 44 6.95 -58.06 7.31
N TYR D 45 8.25 -57.87 7.48
CA TYR D 45 9.24 -58.65 6.74
C TYR D 45 9.04 -60.16 6.90
N ASP D 46 8.94 -60.62 8.15
CA ASP D 46 8.75 -62.04 8.39
C ASP D 46 7.50 -62.62 7.71
N LEU D 47 6.49 -61.77 7.49
CA LEU D 47 5.26 -62.25 6.84
C LEU D 47 5.56 -62.78 5.45
N HIS D 48 6.54 -62.17 4.80
CA HIS D 48 6.96 -62.60 3.47
C HIS D 48 7.70 -63.94 3.49
N HIS D 49 7.91 -64.49 4.67
CA HIS D 49 8.59 -65.78 4.81
C HIS D 49 7.63 -66.90 5.20
N ARG D 50 6.36 -66.56 5.39
CA ARG D 50 5.37 -67.57 5.65
C ARG D 50 5.17 -68.31 4.35
N PRO D 51 5.36 -69.63 4.38
CA PRO D 51 5.24 -70.46 3.17
C PRO D 51 3.79 -70.56 2.72
N ASP D 52 2.87 -70.65 3.68
CA ASP D 52 1.44 -70.68 3.41
C ASP D 52 1.02 -69.43 2.63
N LEU D 53 1.94 -68.48 2.51
CA LEU D 53 1.74 -67.31 1.66
C LEU D 53 2.59 -67.50 0.40
N GLN D 54 3.57 -66.64 0.20
CA GLN D 54 4.51 -66.81 -0.91
C GLN D 54 3.92 -66.33 -2.20
N ASP D 55 2.83 -66.98 -2.62
CA ASP D 55 2.14 -66.65 -3.86
C ASP D 55 1.51 -65.26 -3.73
N VAL D 56 1.11 -64.92 -2.51
CA VAL D 56 0.51 -63.63 -2.24
C VAL D 56 1.58 -62.60 -1.91
N MET D 57 2.58 -63.00 -1.14
CA MET D 57 3.55 -62.04 -0.58
C MET D 57 4.78 -61.79 -1.47
N THR D 58 5.07 -62.71 -2.37
CA THR D 58 6.28 -62.60 -3.17
C THR D 58 6.03 -62.97 -4.63
N PHE D 59 6.92 -62.53 -5.50
CA PHE D 59 6.86 -62.94 -6.89
C PHE D 59 8.24 -63.29 -7.42
N VAL D 60 8.27 -63.95 -8.59
CA VAL D 60 9.53 -64.24 -9.27
C VAL D 60 9.82 -63.16 -10.31
N ASP D 61 10.95 -62.49 -10.12
CA ASP D 61 11.31 -61.32 -10.93
C ASP D 61 11.93 -61.70 -12.29
N LYS D 62 12.27 -60.69 -13.09
CA LYS D 62 12.85 -60.89 -14.42
C LYS D 62 14.15 -61.67 -14.30
N ASP D 63 15.06 -61.12 -13.49
CA ASP D 63 16.36 -61.71 -13.23
C ASP D 63 16.25 -63.01 -12.42
N GLY D 64 15.11 -63.69 -12.52
CA GLY D 64 14.90 -64.96 -11.82
C GLY D 64 14.80 -64.88 -10.31
N GLU D 65 15.34 -63.82 -9.72
CA GLU D 65 15.33 -63.62 -8.26
C GLU D 65 13.92 -63.43 -7.69
N ARG D 66 13.70 -63.98 -6.50
CA ARG D 66 12.40 -63.91 -5.85
C ARG D 66 12.29 -62.66 -4.99
N ARG D 67 11.23 -61.88 -5.21
CA ARG D 67 11.11 -60.59 -4.52
C ARG D 67 9.75 -60.38 -3.85
N THR D 68 9.70 -59.44 -2.90
CA THR D 68 8.46 -59.12 -2.21
C THR D 68 7.49 -58.40 -3.14
N MET D 69 6.21 -58.64 -2.91
CA MET D 69 5.18 -58.03 -3.75
C MET D 69 5.16 -56.49 -3.66
N GLN D 70 5.89 -55.92 -2.70
CA GLN D 70 5.90 -54.47 -2.59
C GLN D 70 6.72 -53.81 -3.69
N TRP D 71 7.41 -54.63 -4.47
CA TRP D 71 8.23 -54.12 -5.56
C TRP D 71 7.64 -54.51 -6.91
N PHE D 72 6.45 -55.09 -6.86
CA PHE D 72 5.77 -55.68 -8.02
C PHE D 72 4.99 -54.69 -8.88
N GLY D 73 5.44 -54.46 -10.10
CA GLY D 73 4.71 -53.64 -11.06
C GLY D 73 3.53 -54.39 -11.68
N HIS D 74 2.38 -53.73 -11.76
CA HIS D 74 1.21 -54.33 -12.41
C HIS D 74 0.97 -53.72 -13.77
N TYR D 75 0.86 -54.58 -14.78
CA TYR D 75 0.72 -54.13 -16.16
C TYR D 75 -0.67 -54.39 -16.75
N ASP D 76 -1.46 -55.21 -16.06
CA ASP D 76 -2.86 -55.37 -16.44
C ASP D 76 -3.79 -55.39 -15.20
N LYS D 77 -5.10 -55.47 -15.44
CA LYS D 77 -6.10 -55.46 -14.37
C LYS D 77 -5.91 -56.56 -13.33
N GLU D 78 -5.78 -57.80 -13.79
CA GLU D 78 -5.53 -58.92 -12.88
C GLU D 78 -4.26 -58.73 -12.05
N GLN D 79 -3.26 -58.06 -12.62
CA GLN D 79 -2.02 -57.84 -11.90
C GLN D 79 -2.25 -56.80 -10.83
N LEU D 80 -2.84 -55.69 -11.26
CA LEU D 80 -3.25 -54.62 -10.36
C LEU D 80 -3.97 -55.22 -9.17
N ARG D 81 -4.89 -56.13 -9.44
CA ARG D 81 -5.66 -56.74 -8.38
C ARG D 81 -4.85 -57.65 -7.46
N ARG D 82 -3.81 -58.29 -7.99
CA ARG D 82 -2.93 -59.13 -7.20
C ARG D 82 -2.15 -58.27 -6.22
N LYS D 83 -1.83 -57.06 -6.65
CA LYS D 83 -1.14 -56.13 -5.78
C LYS D 83 -2.10 -55.75 -4.66
N ARG D 84 -3.36 -55.55 -5.01
CA ARG D 84 -4.34 -55.13 -4.02
C ARG D 84 -4.54 -56.19 -2.96
N LYS D 85 -4.53 -57.46 -3.36
CA LYS D 85 -4.71 -58.55 -2.42
C LYS D 85 -3.51 -58.62 -1.45
N TYR D 86 -2.30 -58.54 -2.00
CA TYR D 86 -1.08 -58.36 -1.22
C TYR D 86 -1.29 -57.35 -0.09
N HIS D 87 -1.63 -56.12 -0.45
CA HIS D 87 -1.82 -55.06 0.53
C HIS D 87 -2.88 -55.41 1.57
N GLU D 88 -3.98 -56.02 1.12
CA GLU D 88 -5.09 -56.36 1.98
C GLU D 88 -4.71 -57.41 3.01
N THR D 89 -3.95 -58.39 2.53
CA THR D 89 -3.50 -59.49 3.37
C THR D 89 -2.65 -58.94 4.50
N ILE D 90 -1.77 -58.00 4.17
CA ILE D 90 -0.90 -57.37 5.13
C ILE D 90 -1.73 -56.66 6.19
N MET D 91 -2.66 -55.83 5.73
CA MET D 91 -3.59 -55.12 6.60
C MET D 91 -4.34 -56.02 7.55
N ARG D 92 -4.93 -57.08 7.00
CA ARG D 92 -5.76 -57.98 7.80
C ARG D 92 -4.95 -58.71 8.85
N GLU D 93 -3.68 -58.93 8.55
CA GLU D 93 -2.76 -59.62 9.44
C GLU D 93 -2.36 -58.76 10.63
N MET D 94 -2.27 -57.45 10.35
CA MET D 94 -1.73 -56.52 11.31
C MET D 94 -2.77 -55.57 11.90
N ALA D 95 -3.55 -56.07 12.84
CA ALA D 95 -4.36 -55.20 13.68
C ALA D 95 -5.50 -54.53 12.91
N GLY D 96 -6.10 -55.27 11.99
CA GLY D 96 -7.14 -54.74 11.14
C GLY D 96 -6.84 -53.36 10.57
N ALA D 97 -5.82 -53.28 9.71
CA ALA D 97 -5.52 -52.04 9.00
C ALA D 97 -5.17 -50.90 9.95
N SER D 98 -4.66 -51.23 11.11
CA SER D 98 -4.33 -50.22 12.10
C SER D 98 -3.03 -49.48 11.79
N PHE D 99 -2.22 -50.03 10.90
CA PHE D 99 -0.91 -49.43 10.60
C PHE D 99 -0.82 -49.02 9.14
N PRO D 100 -1.27 -47.79 8.84
CA PRO D 100 -1.47 -47.26 7.49
C PRO D 100 -0.20 -47.01 6.69
N ARG D 101 0.95 -47.01 7.33
CA ARG D 101 2.18 -46.63 6.66
C ARG D 101 3.28 -47.64 6.89
N THR D 102 2.92 -48.91 6.70
CA THR D 102 3.89 -49.98 6.55
C THR D 102 4.63 -49.81 5.23
N PRO D 103 5.76 -50.50 5.05
CA PRO D 103 6.65 -50.18 3.93
C PRO D 103 6.04 -50.46 2.55
N ASP D 104 5.24 -51.52 2.45
CA ASP D 104 4.55 -51.76 1.19
C ASP D 104 3.92 -50.48 0.70
N VAL D 105 3.39 -49.70 1.65
CA VAL D 105 2.75 -48.44 1.34
C VAL D 105 3.76 -47.33 1.00
N ASN D 106 4.71 -47.07 1.90
CA ASN D 106 5.78 -46.10 1.63
C ASN D 106 6.49 -46.32 0.29
N ASN D 107 6.77 -47.58 -0.02
CA ASN D 107 7.53 -47.92 -1.21
C ASN D 107 6.73 -47.93 -2.51
N TYR D 108 5.40 -48.05 -2.39
CA TYR D 108 4.50 -48.11 -3.53
C TYR D 108 4.75 -46.93 -4.45
N VAL D 109 5.02 -45.81 -3.82
CA VAL D 109 5.11 -44.54 -4.50
C VAL D 109 6.29 -44.48 -5.50
N LEU D 110 7.32 -45.27 -5.21
CA LEU D 110 8.48 -45.37 -6.10
C LEU D 110 8.16 -45.81 -7.54
N GLN D 111 7.18 -46.72 -7.70
CA GLN D 111 6.73 -47.14 -9.01
C GLN D 111 6.70 -46.02 -10.05
N THR D 112 6.16 -44.87 -9.66
CA THR D 112 6.06 -43.72 -10.57
C THR D 112 7.39 -43.35 -11.23
N TYR D 113 8.49 -43.56 -10.51
CA TYR D 113 9.82 -43.29 -11.03
C TYR D 113 10.24 -44.38 -12.02
N ILE D 114 10.14 -45.63 -11.57
CA ILE D 114 10.41 -46.83 -12.37
C ILE D 114 9.70 -46.83 -13.72
N ASP D 115 8.46 -46.35 -13.74
CA ASP D 115 7.64 -46.34 -14.93
C ASP D 115 8.15 -45.35 -15.98
N ASP D 116 8.70 -44.24 -15.51
CA ASP D 116 8.97 -43.12 -16.40
C ASP D 116 9.93 -42.12 -15.75
N PRO D 117 11.21 -42.48 -15.66
CA PRO D 117 12.19 -41.67 -14.92
C PRO D 117 12.77 -40.51 -15.72
N SER D 118 12.72 -40.60 -17.05
CA SER D 118 13.44 -39.65 -17.90
C SER D 118 13.18 -38.18 -17.59
N PRO D 119 11.89 -37.77 -17.55
CA PRO D 119 11.46 -36.39 -17.34
C PRO D 119 12.09 -35.79 -16.07
N TRP D 120 12.15 -36.58 -15.00
CA TRP D 120 12.82 -36.15 -13.78
C TRP D 120 14.23 -35.60 -14.10
N GLU D 121 15.02 -36.39 -14.83
CA GLU D 121 16.33 -35.98 -15.30
C GLU D 121 16.27 -34.80 -16.27
N THR D 122 15.64 -35.02 -17.42
CA THR D 122 15.66 -34.05 -18.51
C THR D 122 15.13 -32.67 -18.13
N GLN D 123 14.54 -32.57 -16.93
CA GLN D 123 13.77 -31.40 -16.57
C GLN D 123 14.33 -30.60 -15.40
N THR D 124 15.42 -31.06 -14.80
CA THR D 124 16.01 -30.31 -13.68
C THR D 124 16.74 -29.05 -14.14
N ILE D 125 16.91 -28.11 -13.21
CA ILE D 125 17.46 -26.79 -13.53
C ILE D 125 18.61 -26.45 -12.58
N GLY D 126 19.77 -26.12 -13.17
CA GLY D 126 20.92 -25.68 -12.41
C GLY D 126 21.89 -26.78 -12.02
N ALA D 127 21.64 -28.01 -12.47
CA ALA D 127 22.53 -29.12 -12.12
C ALA D 127 23.21 -29.70 -13.34
N GLU D 128 22.72 -29.31 -14.52
CA GLU D 128 23.26 -29.72 -15.82
C GLU D 128 24.21 -30.92 -15.80
N GLY D 129 23.65 -32.08 -16.19
CA GLY D 129 24.40 -33.32 -16.21
C GLY D 129 24.33 -34.02 -14.88
N LYS D 130 24.70 -33.32 -13.81
CA LYS D 130 24.85 -33.92 -12.50
C LYS D 130 23.70 -34.85 -12.07
N VAL D 131 22.48 -34.55 -12.52
CA VAL D 131 21.30 -35.37 -12.19
C VAL D 131 20.96 -36.39 -13.28
N LYS D 132 21.19 -37.67 -13.00
CA LYS D 132 20.93 -38.74 -13.97
C LYS D 132 19.83 -39.71 -13.57
N ALA D 133 18.96 -40.00 -14.52
CA ALA D 133 17.82 -40.90 -14.30
C ALA D 133 18.16 -42.35 -13.93
N LYS D 134 19.38 -42.81 -14.28
CA LYS D 134 19.73 -44.19 -13.95
C LYS D 134 19.96 -44.33 -12.47
N ASN D 135 20.47 -43.27 -11.86
CA ASN D 135 20.65 -43.24 -10.42
C ASN D 135 19.34 -43.57 -9.71
N ILE D 136 18.27 -42.92 -10.17
CA ILE D 136 16.93 -43.15 -9.66
C ILE D 136 16.56 -44.62 -9.74
N VAL D 137 16.74 -45.18 -10.92
CA VAL D 137 16.44 -46.58 -11.18
C VAL D 137 17.31 -47.53 -10.35
N ASP D 138 18.61 -47.25 -10.26
CA ASP D 138 19.51 -48.14 -9.54
C ASP D 138 19.17 -48.11 -8.05
N PHE D 139 18.74 -46.94 -7.60
CA PHE D 139 18.36 -46.77 -6.20
C PHE D 139 17.13 -47.60 -5.82
N VAL D 140 16.13 -47.60 -6.69
CA VAL D 140 14.93 -48.39 -6.45
C VAL D 140 15.25 -49.88 -6.52
N ASN D 141 15.94 -50.28 -7.59
CA ASN D 141 16.44 -51.64 -7.73
C ASN D 141 17.16 -52.08 -6.47
N PHE D 142 17.97 -51.18 -5.95
CA PHE D 142 18.70 -51.42 -4.70
C PHE D 142 17.74 -51.66 -3.53
N ALA D 143 16.85 -50.69 -3.31
CA ALA D 143 15.81 -50.81 -2.29
C ALA D 143 15.04 -52.10 -2.48
N LYS D 144 14.79 -52.44 -3.75
CA LYS D 144 14.06 -53.67 -4.06
C LYS D 144 14.82 -54.87 -3.58
N LYS D 145 16.12 -54.86 -3.83
CA LYS D 145 16.93 -56.04 -3.56
C LYS D 145 16.99 -56.29 -2.06
N HIS D 146 17.17 -55.21 -1.31
CA HIS D 146 17.31 -55.33 0.14
C HIS D 146 16.05 -54.96 0.92
N ASP D 147 14.94 -54.76 0.21
CA ASP D 147 13.67 -54.37 0.85
C ASP D 147 13.86 -53.20 1.79
N LEU D 148 14.37 -52.10 1.25
CA LEU D 148 14.60 -50.91 2.04
C LEU D 148 13.29 -50.16 2.27
N ASN D 149 13.10 -49.66 3.48
CA ASN D 149 11.91 -48.91 3.80
C ASN D 149 12.17 -47.42 3.62
N CYS D 150 11.57 -46.86 2.56
CA CYS D 150 11.82 -45.47 2.19
C CYS D 150 10.61 -44.60 2.49
N ALA D 151 10.67 -43.87 3.60
CA ALA D 151 9.58 -43.00 4.05
C ALA D 151 9.46 -41.71 3.24
N PRO D 152 8.34 -41.51 2.56
CA PRO D 152 8.16 -40.30 1.74
C PRO D 152 7.85 -39.06 2.57
N GLN D 153 8.46 -37.93 2.21
CA GLN D 153 8.22 -36.64 2.85
C GLN D 153 8.22 -35.54 1.80
N PHE D 154 7.02 -35.04 1.46
CA PHE D 154 6.87 -34.03 0.41
C PHE D 154 6.18 -32.80 0.94
N VAL D 155 5.46 -33.01 2.04
CA VAL D 155 4.62 -31.96 2.62
C VAL D 155 5.43 -30.90 3.35
N ASP D 156 5.12 -29.64 3.07
CA ASP D 156 5.75 -28.50 3.74
C ASP D 156 4.77 -27.79 4.67
N PRO D 157 5.27 -26.79 5.42
CA PRO D 157 4.37 -25.92 6.20
C PRO D 157 3.35 -25.19 5.30
N GLN D 158 2.78 -24.10 5.79
CA GLN D 158 1.71 -23.40 5.06
C GLN D 158 1.88 -21.88 5.06
N MET D 159 2.99 -21.40 5.61
CA MET D 159 3.30 -19.97 5.56
C MET D 159 2.25 -19.12 6.28
N PRO D 171 8.92 -22.36 5.98
CA PRO D 171 10.39 -22.46 5.99
C PRO D 171 10.83 -23.87 5.59
N GLY D 172 10.36 -24.34 4.43
CA GLY D 172 10.63 -25.69 3.96
C GLY D 172 12.11 -26.02 3.75
N LEU D 173 12.36 -27.10 3.03
CA LEU D 173 13.73 -27.52 2.74
C LEU D 173 14.28 -26.75 1.55
N ARG D 174 15.52 -26.27 1.67
CA ARG D 174 16.16 -25.53 0.59
C ARG D 174 17.61 -25.94 0.37
N VAL D 175 18.01 -25.98 -0.90
CA VAL D 175 19.40 -26.20 -1.28
C VAL D 175 20.23 -24.97 -0.98
N ILE D 176 21.07 -25.07 0.05
CA ILE D 176 21.95 -23.97 0.43
C ILE D 176 23.25 -23.95 -0.40
N GLU D 177 23.69 -25.14 -0.81
CA GLU D 177 24.90 -25.25 -1.62
C GLU D 177 24.87 -26.46 -2.55
N LYS D 178 25.54 -26.31 -3.71
CA LYS D 178 25.76 -27.44 -4.61
C LYS D 178 27.15 -27.38 -5.24
N ASN D 179 27.69 -28.54 -5.57
CA ASN D 179 29.02 -28.63 -6.15
C ASN D 179 29.13 -29.78 -7.13
N ASP D 180 30.26 -30.49 -7.06
CA ASP D 180 30.51 -31.61 -7.95
C ASP D 180 30.37 -32.93 -7.24
N LYS D 181 30.25 -32.89 -5.92
CA LYS D 181 30.04 -34.10 -5.15
C LYS D 181 28.57 -34.32 -4.84
N GLY D 182 27.88 -33.25 -4.47
CA GLY D 182 26.47 -33.33 -4.16
C GLY D 182 25.88 -31.98 -3.85
N ILE D 183 24.88 -31.98 -2.96
CA ILE D 183 24.18 -30.75 -2.57
C ILE D 183 24.03 -30.69 -1.07
N VAL D 184 23.89 -29.47 -0.55
CA VAL D 184 23.70 -29.28 0.88
C VAL D 184 22.34 -28.64 1.09
N VAL D 185 21.55 -29.22 1.97
CA VAL D 185 20.18 -28.76 2.20
C VAL D 185 19.92 -28.43 3.67
N SER D 186 19.19 -27.36 3.89
CA SER D 186 18.77 -26.95 5.22
C SER D 186 17.28 -26.59 5.22
N GLY D 187 16.57 -27.09 6.23
CA GLY D 187 15.16 -26.78 6.38
C GLY D 187 14.46 -27.91 7.09
N VAL D 188 13.14 -27.93 6.96
CA VAL D 188 12.36 -28.97 7.62
C VAL D 188 11.31 -29.53 6.69
N LYS D 189 11.19 -30.85 6.67
CA LYS D 189 10.03 -31.47 6.06
C LYS D 189 8.99 -31.70 7.15
N ALA D 190 7.93 -30.89 7.10
CA ALA D 190 6.95 -30.75 8.17
C ALA D 190 6.25 -32.04 8.59
N ILE D 191 5.88 -32.87 7.62
CA ILE D 191 5.14 -34.09 7.93
C ILE D 191 5.83 -35.37 7.49
N GLY D 192 5.91 -36.30 8.43
CA GLY D 192 6.42 -37.63 8.17
C GLY D 192 5.78 -38.62 9.12
N THR D 193 5.71 -39.86 8.69
CA THR D 193 5.00 -40.89 9.43
C THR D 193 5.82 -42.17 9.48
N GLY D 194 6.26 -42.53 10.68
CA GLY D 194 7.11 -43.69 10.86
C GLY D 194 8.52 -43.49 10.30
N VAL D 195 8.91 -42.24 10.09
CA VAL D 195 10.26 -41.95 9.61
C VAL D 195 11.35 -42.57 10.48
N ALA D 196 11.20 -42.45 11.79
CA ALA D 196 12.15 -43.06 12.73
C ALA D 196 12.22 -44.60 12.62
N PHE D 197 11.32 -45.19 11.85
CA PHE D 197 11.34 -46.64 11.66
C PHE D 197 11.80 -47.05 10.25
N ALA D 198 12.11 -46.08 9.39
CA ALA D 198 12.54 -46.35 8.02
C ALA D 198 14.07 -46.52 7.84
N ASP D 199 14.49 -46.83 6.61
CA ASP D 199 15.90 -46.93 6.28
C ASP D 199 16.35 -45.64 5.62
N TRP D 200 15.50 -45.14 4.73
CA TRP D 200 15.79 -43.94 3.98
C TRP D 200 14.66 -42.94 4.06
N ILE D 201 15.00 -41.67 4.07
CA ILE D 201 14.02 -40.63 3.85
C ILE D 201 13.89 -40.28 2.35
N HIS D 202 12.67 -40.35 1.84
CA HIS D 202 12.39 -40.02 0.45
C HIS D 202 11.91 -38.58 0.38
N ILE D 203 12.73 -37.70 -0.21
CA ILE D 203 12.43 -36.27 -0.22
C ILE D 203 11.73 -35.81 -1.48
N GLY D 204 10.69 -35.01 -1.32
CA GLY D 204 9.94 -34.49 -2.43
C GLY D 204 9.25 -33.19 -2.05
N VAL D 205 8.59 -32.57 -3.02
CA VAL D 205 7.91 -31.31 -2.77
C VAL D 205 6.76 -31.12 -3.75
N PHE D 206 5.70 -30.47 -3.29
CA PHE D 206 4.60 -30.12 -4.16
C PHE D 206 4.68 -28.64 -4.55
N PHE D 207 4.37 -28.33 -5.80
CA PHE D 207 4.34 -26.96 -6.24
C PHE D 207 3.32 -26.11 -5.47
N ARG D 208 3.71 -24.87 -5.21
CA ARG D 208 2.82 -23.84 -4.66
C ARG D 208 3.22 -22.57 -5.38
N PRO D 209 2.29 -21.62 -5.50
CA PRO D 209 2.60 -20.42 -6.28
C PRO D 209 3.79 -19.64 -5.72
N GLY D 210 4.73 -19.29 -6.61
CA GLY D 210 5.88 -18.48 -6.23
C GLY D 210 7.01 -19.29 -5.64
N ILE D 211 6.85 -20.60 -5.63
CA ILE D 211 7.89 -21.49 -5.12
C ILE D 211 9.18 -21.32 -5.95
N PRO D 212 10.31 -21.07 -5.26
CA PRO D 212 11.59 -20.88 -5.94
C PRO D 212 12.30 -22.22 -6.16
N GLY D 213 13.06 -22.33 -7.26
CA GLY D 213 13.67 -23.59 -7.65
C GLY D 213 14.59 -24.22 -6.62
N ASP D 214 15.22 -23.39 -5.80
CA ASP D 214 16.08 -23.86 -4.73
C ASP D 214 15.34 -24.70 -3.69
N GLN D 215 14.01 -24.77 -3.81
CA GLN D 215 13.19 -25.59 -2.90
C GLN D 215 12.56 -26.76 -3.62
N ILE D 216 12.90 -26.92 -4.89
CA ILE D 216 12.41 -28.02 -5.71
C ILE D 216 13.43 -29.16 -5.66
N ILE D 217 13.21 -30.10 -4.76
CA ILE D 217 14.18 -31.14 -4.46
C ILE D 217 13.54 -32.52 -4.38
N PHE D 218 14.16 -33.50 -5.01
CA PHE D 218 13.68 -34.87 -4.91
C PHE D 218 14.93 -35.69 -4.77
N ALA D 219 15.03 -36.42 -3.66
CA ALA D 219 16.26 -37.14 -3.34
C ALA D 219 16.01 -38.14 -2.23
N ALA D 220 17.08 -38.82 -1.80
CA ALA D 220 17.00 -39.73 -0.69
C ALA D 220 18.26 -39.66 0.16
N THR D 221 18.12 -39.89 1.47
CA THR D 221 19.25 -40.03 2.39
C THR D 221 18.87 -41.03 3.46
N PRO D 222 19.87 -41.70 4.06
CA PRO D 222 19.54 -42.59 5.17
C PRO D 222 18.93 -41.83 6.33
N VAL D 223 18.29 -42.56 7.24
CA VAL D 223 17.59 -41.95 8.37
C VAL D 223 18.57 -41.40 9.41
N ASN D 224 19.80 -41.91 9.38
CA ASN D 224 20.84 -41.49 10.32
C ASN D 224 21.85 -40.52 9.70
N THR D 225 21.56 -40.03 8.51
CA THR D 225 22.42 -39.03 7.87
C THR D 225 22.77 -37.92 8.87
N PRO D 226 24.05 -37.60 8.97
CA PRO D 226 24.50 -36.49 9.81
C PRO D 226 23.75 -35.20 9.47
N GLY D 227 23.26 -34.50 10.48
CA GLY D 227 22.54 -33.26 10.26
C GLY D 227 21.04 -33.49 10.11
N VAL D 228 20.62 -34.73 10.35
CA VAL D 228 19.23 -35.11 10.21
C VAL D 228 18.62 -35.43 11.57
N THR D 229 17.54 -34.72 11.89
CA THR D 229 16.88 -34.90 13.19
C THR D 229 15.38 -35.20 13.04
N ILE D 230 14.98 -36.38 13.48
CA ILE D 230 13.60 -36.79 13.48
C ILE D 230 12.97 -36.42 14.81
N VAL D 231 11.82 -35.75 14.74
CA VAL D 231 11.22 -35.13 15.92
C VAL D 231 9.74 -35.49 16.03
N CYS D 232 9.43 -36.44 16.90
CA CYS D 232 8.12 -37.10 16.89
C CYS D 232 7.25 -36.78 18.09
N ARG D 233 5.93 -36.78 17.86
CA ARG D 233 4.92 -36.69 18.92
C ARG D 233 5.10 -37.84 19.92
N GLU D 234 4.68 -37.62 21.16
CA GLU D 234 4.82 -38.64 22.19
C GLU D 234 4.16 -39.93 21.75
N SER D 235 4.73 -41.06 22.16
CA SER D 235 4.16 -42.35 21.81
C SER D 235 3.02 -42.71 22.74
N VAL D 236 1.91 -43.15 22.16
CA VAL D 236 0.75 -43.48 22.97
C VAL D 236 0.44 -44.98 22.98
N VAL D 237 1.44 -45.81 22.70
CA VAL D 237 1.29 -47.26 22.84
C VAL D 237 0.87 -47.62 24.28
N LYS D 238 0.06 -48.67 24.40
CA LYS D 238 -0.41 -49.11 25.71
C LYS D 238 0.46 -50.23 26.25
N GLU D 239 0.57 -50.30 27.58
CA GLU D 239 1.43 -51.29 28.22
C GLU D 239 0.75 -52.63 28.42
N ASP D 240 -0.53 -52.60 28.78
CA ASP D 240 -1.30 -53.83 29.05
C ASP D 240 -1.96 -54.39 27.79
N PRO D 241 -1.42 -55.51 27.27
CA PRO D 241 -1.92 -56.09 26.02
C PRO D 241 -3.20 -56.87 26.23
N ILE D 242 -3.46 -57.26 27.48
CA ILE D 242 -4.74 -57.89 27.77
C ILE D 242 -5.84 -56.87 27.67
N GLU D 243 -5.66 -55.74 28.34
CA GLU D 243 -6.66 -54.68 28.32
C GLU D 243 -6.70 -53.92 26.98
N HIS D 244 -5.53 -53.83 26.33
CA HIS D 244 -5.39 -53.08 25.09
C HIS D 244 -4.74 -53.91 23.99
N PRO D 245 -5.51 -54.83 23.43
CA PRO D 245 -5.07 -55.85 22.46
C PRO D 245 -4.55 -55.21 21.18
N LEU D 246 -5.09 -54.06 20.81
CA LEU D 246 -4.63 -53.41 19.61
C LEU D 246 -3.67 -52.27 19.94
N ALA D 247 -4.10 -51.41 20.85
CA ALA D 247 -3.35 -50.23 21.24
C ALA D 247 -1.98 -50.56 21.83
N SER D 248 -1.77 -51.82 22.24
CA SER D 248 -0.48 -52.22 22.80
C SER D 248 0.53 -52.70 21.74
N GLN D 249 0.06 -52.92 20.51
CA GLN D 249 0.93 -53.44 19.46
C GLN D 249 1.87 -52.41 18.87
N GLY D 250 1.72 -51.14 19.23
CA GLY D 250 2.67 -50.14 18.77
C GLY D 250 2.02 -48.88 18.20
N ASP D 251 2.72 -47.76 18.35
CA ASP D 251 2.21 -46.48 17.88
C ASP D 251 3.05 -45.96 16.72
N GLU D 252 2.39 -45.78 15.58
CA GLU D 252 3.04 -45.32 14.36
C GLU D 252 3.26 -43.80 14.42
N LEU D 253 4.42 -43.41 14.96
CA LEU D 253 4.69 -42.01 15.28
C LEU D 253 4.63 -41.08 14.06
N ASP D 254 4.14 -39.86 14.29
CA ASP D 254 4.17 -38.79 13.29
C ASP D 254 5.08 -37.68 13.79
N GLY D 255 5.60 -36.87 12.89
CA GLY D 255 6.53 -35.84 13.29
C GLY D 255 7.11 -35.05 12.13
N MET D 256 8.21 -34.36 12.42
CA MET D 256 8.89 -33.55 11.42
C MET D 256 10.34 -34.00 11.32
N THR D 257 10.98 -33.63 10.22
CA THR D 257 12.39 -33.89 10.02
C THR D 257 13.13 -32.60 9.72
N VAL D 258 14.10 -32.31 10.56
CA VAL D 258 14.93 -31.11 10.43
C VAL D 258 16.22 -31.45 9.70
N PHE D 259 16.61 -30.56 8.80
CA PHE D 259 17.82 -30.75 8.03
C PHE D 259 18.77 -29.61 8.32
N ASP D 260 19.87 -29.96 8.99
CA ASP D 260 20.93 -29.01 9.30
C ASP D 260 22.13 -29.31 8.40
N ASN D 261 22.25 -28.54 7.33
CA ASN D 261 23.36 -28.68 6.39
C ASN D 261 23.60 -30.12 5.95
N VAL D 262 22.51 -30.83 5.65
CA VAL D 262 22.62 -32.22 5.25
C VAL D 262 23.16 -32.36 3.84
N PHE D 263 24.18 -33.20 3.69
CA PHE D 263 24.78 -33.44 2.38
C PHE D 263 24.18 -34.65 1.68
N ILE D 264 23.84 -34.47 0.41
CA ILE D 264 23.37 -35.58 -0.42
C ILE D 264 24.19 -35.62 -1.70
N PRO D 265 24.66 -36.81 -2.07
CA PRO D 265 25.38 -37.00 -3.33
C PRO D 265 24.48 -36.90 -4.55
N TRP D 266 25.05 -36.50 -5.69
CA TRP D 266 24.35 -36.48 -6.98
C TRP D 266 23.76 -37.83 -7.34
N SER D 267 24.39 -38.90 -6.85
CA SER D 267 23.91 -40.25 -7.12
C SER D 267 22.57 -40.51 -6.43
N HIS D 268 22.19 -39.61 -5.52
CA HIS D 268 20.94 -39.79 -4.77
C HIS D 268 20.00 -38.59 -4.84
N VAL D 269 20.29 -37.65 -5.74
CA VAL D 269 19.32 -36.62 -6.08
C VAL D 269 18.57 -37.03 -7.36
N PHE D 270 17.28 -36.72 -7.41
CA PHE D 270 16.40 -37.21 -8.47
C PHE D 270 15.96 -36.11 -9.43
N HIS D 271 15.66 -34.93 -8.90
CA HIS D 271 15.31 -33.76 -9.71
C HIS D 271 15.54 -32.47 -8.92
N LEU D 272 15.81 -31.38 -9.63
CA LEU D 272 16.07 -30.09 -8.99
C LEU D 272 15.59 -28.92 -9.81
N GLY D 273 15.22 -27.84 -9.13
CA GLY D 273 15.10 -26.53 -9.72
C GLY D 273 13.88 -26.19 -10.57
N ASN D 274 13.03 -27.17 -10.86
CA ASN D 274 11.95 -26.93 -11.82
C ASN D 274 10.51 -26.89 -11.26
N PRO D 275 10.07 -25.71 -10.81
CA PRO D 275 8.73 -25.48 -10.26
C PRO D 275 7.58 -26.03 -11.11
N GLU D 276 7.71 -25.98 -12.43
CA GLU D 276 6.67 -26.49 -13.31
C GLU D 276 6.54 -27.97 -13.04
N HIS D 277 7.63 -28.68 -13.27
CA HIS D 277 7.74 -30.12 -13.01
C HIS D 277 7.00 -30.51 -11.73
N ALA D 278 7.12 -29.66 -10.72
CA ALA D 278 6.62 -29.94 -9.39
C ALA D 278 5.09 -29.91 -9.28
N LYS D 279 4.38 -29.52 -10.34
CA LYS D 279 2.93 -29.44 -10.22
C LYS D 279 2.16 -30.49 -11.01
N LEU D 280 2.78 -31.65 -11.21
CA LEU D 280 2.15 -32.73 -11.94
C LEU D 280 2.83 -34.05 -11.64
N TYR D 281 4.15 -34.04 -11.61
CA TYR D 281 4.88 -35.25 -11.32
C TYR D 281 4.77 -35.71 -9.88
N PRO D 282 4.77 -34.77 -8.92
CA PRO D 282 4.58 -35.19 -7.52
C PRO D 282 3.19 -35.80 -7.31
N GLN D 283 2.19 -35.30 -8.02
CA GLN D 283 0.87 -35.87 -7.93
C GLN D 283 0.92 -37.33 -8.38
N ARG D 284 1.60 -37.56 -9.49
CA ARG D 284 1.73 -38.89 -10.08
C ARG D 284 2.48 -39.86 -9.14
N VAL D 285 3.39 -39.32 -8.36
CA VAL D 285 4.07 -40.12 -7.35
C VAL D 285 3.08 -40.56 -6.26
N PHE D 286 2.29 -39.61 -5.78
CA PHE D 286 1.37 -39.85 -4.67
C PHE D 286 0.03 -40.50 -5.03
N ASP D 287 -0.24 -40.68 -6.33
CA ASP D 287 -1.47 -41.37 -6.72
C ASP D 287 -1.54 -42.76 -6.08
N TRP D 288 -0.41 -43.45 -6.00
CA TRP D 288 -0.41 -44.83 -5.53
C TRP D 288 -0.78 -44.86 -4.07
N LEU D 289 -0.33 -43.85 -3.36
CA LEU D 289 -0.64 -43.72 -1.96
C LEU D 289 -2.14 -43.47 -1.79
N HIS D 290 -2.72 -42.68 -2.70
CA HIS D 290 -4.14 -42.39 -2.66
C HIS D 290 -4.96 -43.65 -2.94
N TYR D 291 -4.48 -44.47 -3.85
CA TYR D 291 -5.14 -45.70 -4.20
C TYR D 291 -5.04 -46.68 -3.04
N HIS D 292 -3.86 -46.80 -2.46
CA HIS D 292 -3.73 -47.63 -1.29
C HIS D 292 -4.65 -47.18 -0.14
N ALA D 293 -4.76 -45.86 0.04
CA ALA D 293 -5.64 -45.32 1.08
C ALA D 293 -7.08 -45.85 0.95
N LEU D 294 -7.60 -45.89 -0.28
CA LEU D 294 -8.95 -46.39 -0.52
C LEU D 294 -9.05 -47.88 -0.17
N ILE D 295 -8.01 -48.65 -0.51
CA ILE D 295 -8.04 -50.07 -0.21
C ILE D 295 -8.12 -50.22 1.30
N ARG D 296 -7.32 -49.41 2.00
CA ARG D 296 -7.28 -49.49 3.44
C ARG D 296 -8.60 -49.06 4.04
N GLN D 297 -9.06 -47.88 3.64
CA GLN D 297 -10.38 -47.41 4.06
C GLN D 297 -11.49 -48.48 3.95
N SER D 298 -11.52 -49.23 2.86
CA SER D 298 -12.54 -50.27 2.71
C SER D 298 -12.40 -51.44 3.70
N VAL D 299 -11.17 -51.91 3.92
CA VAL D 299 -10.90 -52.91 4.93
C VAL D 299 -11.31 -52.37 6.31
N ARG D 300 -11.09 -51.08 6.50
CA ARG D 300 -11.51 -50.41 7.72
C ARG D 300 -13.04 -50.43 7.88
N ALA D 301 -13.75 -50.12 6.81
CA ALA D 301 -15.20 -50.12 6.85
C ALA D 301 -15.71 -51.54 7.02
N GLU D 302 -14.96 -52.51 6.52
CA GLU D 302 -15.35 -53.91 6.66
C GLU D 302 -15.23 -54.33 8.12
N LEU D 303 -14.18 -53.86 8.77
CA LEU D 303 -13.97 -54.14 10.18
C LEU D 303 -15.09 -53.54 11.03
N MET D 304 -15.41 -52.26 10.80
CA MET D 304 -16.44 -51.55 11.57
C MET D 304 -17.79 -52.24 11.46
N ALA D 305 -18.15 -52.59 10.23
CA ALA D 305 -19.41 -53.25 10.01
C ALA D 305 -19.45 -54.59 10.75
N GLY D 306 -18.38 -55.39 10.63
CA GLY D 306 -18.32 -56.64 11.35
C GLY D 306 -18.51 -56.42 12.84
N LEU D 307 -17.82 -55.42 13.37
CA LEU D 307 -17.93 -55.12 14.79
C LEU D 307 -19.38 -54.81 15.19
N ALA D 308 -20.07 -54.02 14.36
CA ALA D 308 -21.45 -53.67 14.66
C ALA D 308 -22.25 -54.95 14.76
N ILE D 309 -21.96 -55.86 13.84
CA ILE D 309 -22.66 -57.14 13.76
C ILE D 309 -22.37 -58.00 15.00
N LEU D 310 -21.11 -58.13 15.36
CA LEU D 310 -20.75 -58.87 16.58
C LEU D 310 -21.41 -58.33 17.85
N ILE D 311 -21.33 -57.02 18.06
CA ILE D 311 -21.82 -56.43 19.31
C ILE D 311 -23.35 -56.40 19.41
N THR D 312 -24.02 -56.20 18.28
CA THR D 312 -25.49 -56.16 18.32
C THR D 312 -26.02 -57.58 18.50
N GLU D 313 -25.37 -58.54 17.84
CA GLU D 313 -25.75 -59.94 18.02
C GLU D 313 -25.50 -60.43 19.44
N HIS D 314 -24.39 -60.03 20.04
CA HIS D 314 -24.08 -60.50 21.39
C HIS D 314 -25.05 -59.95 22.42
N ILE D 315 -25.42 -58.69 22.25
CA ILE D 315 -26.37 -58.01 23.14
C ILE D 315 -27.82 -58.34 22.80
N GLY D 316 -28.07 -58.85 21.60
CA GLY D 316 -29.42 -59.20 21.18
C GLY D 316 -30.28 -58.06 20.62
N THR D 317 -29.66 -56.96 20.19
CA THR D 317 -30.45 -55.88 19.61
C THR D 317 -30.54 -55.97 18.09
N ASN D 318 -29.80 -56.93 17.53
CA ASN D 318 -29.56 -57.01 16.10
C ASN D 318 -30.82 -57.21 15.25
N LYS D 319 -31.87 -57.74 15.86
CA LYS D 319 -33.08 -58.00 15.11
C LYS D 319 -34.14 -56.90 15.39
N ILE D 320 -33.73 -55.86 16.09
CA ILE D 320 -34.58 -54.68 16.17
C ILE D 320 -34.48 -53.91 14.84
N PRO D 321 -35.63 -53.63 14.23
CA PRO D 321 -35.66 -52.92 12.95
C PRO D 321 -34.76 -51.68 12.93
N ALA D 322 -34.92 -50.82 13.93
CA ALA D 322 -34.13 -49.59 13.99
C ALA D 322 -32.63 -49.88 13.97
N VAL D 323 -32.23 -50.99 14.58
CA VAL D 323 -30.82 -51.42 14.60
C VAL D 323 -30.37 -52.04 13.28
N GLN D 324 -31.17 -52.98 12.75
CA GLN D 324 -30.89 -53.58 11.45
C GLN D 324 -30.53 -52.50 10.47
N THR D 325 -31.40 -51.51 10.39
CA THR D 325 -31.23 -50.38 9.51
C THR D 325 -29.88 -49.69 9.68
N ARG D 326 -29.45 -49.55 10.92
CA ARG D 326 -28.21 -48.88 11.19
C ARG D 326 -27.05 -49.75 10.75
N VAL D 327 -27.15 -51.06 10.99
CA VAL D 327 -26.07 -51.96 10.63
C VAL D 327 -25.97 -52.08 9.11
N ALA D 328 -27.12 -52.16 8.45
CA ALA D 328 -27.15 -52.10 6.99
C ALA D 328 -26.43 -50.85 6.48
N LYS D 329 -26.60 -49.72 7.17
CA LYS D 329 -25.89 -48.50 6.77
C LYS D 329 -24.38 -48.74 6.73
N LEU D 330 -23.88 -49.40 7.77
CA LEU D 330 -22.46 -49.69 7.85
C LEU D 330 -21.99 -50.66 6.75
N ILE D 331 -22.80 -51.67 6.46
CA ILE D 331 -22.47 -52.59 5.39
C ILE D 331 -22.37 -51.78 4.10
N GLY D 332 -23.40 -50.97 3.85
CA GLY D 332 -23.48 -50.19 2.64
C GLY D 332 -22.27 -49.28 2.50
N PHE D 333 -21.84 -48.70 3.62
CA PHE D 333 -20.65 -47.85 3.62
C PHE D 333 -19.43 -48.62 3.09
N HIS D 334 -19.23 -49.82 3.61
CA HIS D 334 -18.24 -50.75 3.11
C HIS D 334 -18.35 -51.06 1.61
N GLN D 335 -19.56 -51.39 1.16
CA GLN D 335 -19.75 -51.74 -0.23
C GLN D 335 -19.47 -50.57 -1.16
N ALA D 336 -19.63 -49.35 -0.67
CA ALA D 336 -19.41 -48.18 -1.50
C ALA D 336 -17.93 -47.99 -1.72
N MET D 337 -17.15 -48.20 -0.67
CA MET D 337 -15.70 -48.23 -0.82
C MET D 337 -15.33 -49.27 -1.87
N LEU D 338 -15.79 -50.49 -1.63
CA LEU D 338 -15.48 -51.60 -2.48
C LEU D 338 -15.89 -51.30 -3.91
N ALA D 339 -17.04 -50.66 -4.11
CA ALA D 339 -17.54 -50.40 -5.45
C ALA D 339 -16.62 -49.44 -6.17
N HIS D 340 -16.14 -48.42 -5.46
CA HIS D 340 -15.24 -47.46 -6.09
C HIS D 340 -13.88 -48.09 -6.44
N ILE D 341 -13.44 -49.04 -5.63
CA ILE D 341 -12.19 -49.71 -5.91
C ILE D 341 -12.34 -50.52 -7.19
N VAL D 342 -13.40 -51.32 -7.22
CA VAL D 342 -13.56 -52.26 -8.30
C VAL D 342 -13.78 -51.52 -9.61
N ALA D 343 -14.62 -50.48 -9.57
CA ALA D 343 -14.92 -49.77 -10.82
C ALA D 343 -13.69 -49.07 -11.31
N SER D 344 -12.94 -48.45 -10.40
CA SER D 344 -11.72 -47.74 -10.81
C SER D 344 -10.68 -48.71 -11.38
N GLU D 345 -10.71 -49.95 -10.93
CA GLU D 345 -9.83 -50.95 -11.52
C GLU D 345 -10.32 -51.36 -12.90
N GLU D 346 -11.64 -51.41 -13.08
CA GLU D 346 -12.25 -51.76 -14.35
C GLU D 346 -11.95 -50.71 -15.40
N LEU D 347 -12.00 -49.45 -15.00
CA LEU D 347 -11.86 -48.33 -15.93
C LEU D 347 -10.50 -47.66 -15.79
N GLY D 348 -9.49 -48.49 -15.56
CA GLY D 348 -8.13 -47.99 -15.42
C GLY D 348 -7.55 -47.59 -16.76
N PHE D 349 -6.29 -47.18 -16.74
CA PHE D 349 -5.60 -46.71 -17.92
C PHE D 349 -4.10 -47.07 -17.82
N HIS D 350 -3.37 -46.85 -18.91
CA HIS D 350 -1.93 -47.16 -18.91
C HIS D 350 -1.04 -45.92 -18.81
N THR D 351 0.01 -46.06 -18.03
CA THR D 351 0.92 -44.97 -17.72
C THR D 351 1.91 -44.81 -18.87
N PRO D 352 2.77 -43.79 -18.80
CA PRO D 352 3.78 -43.65 -19.87
C PRO D 352 4.67 -44.89 -20.00
N GLY D 353 4.89 -45.60 -18.90
CA GLY D 353 5.72 -46.80 -18.93
C GLY D 353 4.96 -48.06 -19.29
N GLY D 354 3.66 -47.94 -19.55
CA GLY D 354 2.86 -49.07 -19.99
C GLY D 354 2.17 -49.85 -18.87
N ALA D 355 2.46 -49.48 -17.63
CA ALA D 355 1.85 -50.17 -16.49
C ALA D 355 0.40 -49.71 -16.29
N TYR D 356 -0.36 -50.50 -15.53
CA TYR D 356 -1.79 -50.27 -15.42
C TYR D 356 -2.16 -49.56 -14.13
N LYS D 357 -2.96 -48.51 -14.25
CA LYS D 357 -3.34 -47.69 -13.11
C LYS D 357 -4.85 -47.47 -13.05
N PRO D 358 -5.45 -47.59 -11.86
CA PRO D 358 -6.91 -47.46 -11.72
C PRO D 358 -7.36 -46.02 -11.95
N ASN D 359 -8.61 -45.88 -12.37
CA ASN D 359 -9.22 -44.59 -12.62
C ASN D 359 -9.09 -43.61 -11.45
N ILE D 360 -8.31 -42.54 -11.66
CA ILE D 360 -8.01 -41.60 -10.60
C ILE D 360 -9.25 -40.88 -10.08
N LEU D 361 -10.06 -40.40 -11.00
CA LEU D 361 -11.27 -39.71 -10.63
C LEU D 361 -12.09 -40.61 -9.73
N ILE D 362 -12.29 -41.84 -10.17
CA ILE D 362 -13.15 -42.77 -9.42
C ILE D 362 -12.55 -43.15 -8.05
N TYR D 363 -11.26 -43.42 -7.98
CA TYR D 363 -10.76 -43.87 -6.69
C TYR D 363 -10.70 -42.71 -5.71
N ASP D 364 -10.40 -41.52 -6.22
CA ASP D 364 -10.35 -40.35 -5.35
C ASP D 364 -11.73 -39.93 -4.83
N PHE D 365 -12.75 -40.08 -5.67
CA PHE D 365 -14.12 -39.88 -5.25
C PHE D 365 -14.47 -40.91 -4.19
N GLY D 366 -13.91 -42.12 -4.32
CA GLY D 366 -14.07 -43.14 -3.30
C GLY D 366 -13.49 -42.66 -1.98
N ARG D 367 -12.31 -42.03 -2.04
CA ARG D 367 -11.71 -41.45 -0.83
C ARG D 367 -12.55 -40.31 -0.25
N ALA D 368 -13.03 -39.42 -1.11
CA ALA D 368 -13.91 -38.34 -0.67
C ALA D 368 -15.11 -38.89 0.10
N LEU D 369 -15.69 -39.97 -0.43
CA LEU D 369 -16.78 -40.70 0.22
C LEU D 369 -16.42 -41.13 1.66
N TYR D 370 -15.27 -41.76 1.83
CA TYR D 370 -14.86 -42.16 3.16
C TYR D 370 -14.69 -40.97 4.11
N LEU D 371 -14.03 -39.92 3.61
CA LEU D 371 -13.64 -38.80 4.47
C LEU D 371 -14.85 -38.04 4.97
N GLU D 372 -15.85 -37.95 4.12
CA GLU D 372 -17.07 -37.22 4.44
C GLU D 372 -17.91 -37.95 5.48
N ASN D 373 -17.80 -39.27 5.51
CA ASN D 373 -18.73 -40.11 6.25
C ASN D 373 -18.17 -40.91 7.43
N PHE D 374 -16.86 -41.13 7.45
CA PHE D 374 -16.30 -42.09 8.38
C PHE D 374 -16.54 -41.67 9.83
N SER D 375 -16.49 -40.36 10.08
CA SER D 375 -16.79 -39.84 11.40
C SER D 375 -18.18 -40.24 11.91
N GLN D 376 -19.20 -40.04 11.09
CA GLN D 376 -20.56 -40.40 11.50
C GLN D 376 -20.74 -41.90 11.62
N MET D 377 -20.06 -42.66 10.75
CA MET D 377 -20.10 -44.12 10.78
C MET D 377 -19.42 -44.68 12.03
N ILE D 378 -18.31 -44.08 12.42
CA ILE D 378 -17.67 -44.43 13.67
C ILE D 378 -18.65 -44.17 14.81
N TYR D 379 -19.31 -43.02 14.78
CA TYR D 379 -20.27 -42.69 15.84
C TYR D 379 -21.40 -43.71 15.91
N GLU D 380 -21.79 -44.23 14.76
CA GLU D 380 -22.84 -45.23 14.74
C GLU D 380 -22.44 -46.51 15.47
N LEU D 381 -21.25 -46.99 15.19
CA LEU D 381 -20.79 -48.25 15.76
C LEU D 381 -20.62 -48.10 17.28
N VAL D 382 -20.09 -46.95 17.68
CA VAL D 382 -19.93 -46.62 19.09
C VAL D 382 -21.29 -46.53 19.78
N ASP D 383 -22.25 -45.86 19.16
CA ASP D 383 -23.55 -45.68 19.75
C ASP D 383 -24.27 -47.02 19.84
N LEU D 384 -24.09 -47.83 18.79
CA LEU D 384 -24.63 -49.17 18.74
C LEU D 384 -24.13 -50.03 19.90
N SER D 385 -22.86 -49.88 20.25
CA SER D 385 -22.27 -50.70 21.29
C SER D 385 -22.78 -50.35 22.69
N GLY D 386 -23.44 -49.20 22.83
CA GLY D 386 -23.99 -48.77 24.11
C GLY D 386 -23.00 -48.61 25.26
N ARG D 387 -23.31 -49.20 26.41
CA ARG D 387 -22.49 -49.08 27.61
C ARG D 387 -21.21 -49.91 27.53
N SER D 388 -21.23 -50.94 26.70
CA SER D 388 -20.10 -51.87 26.61
C SER D 388 -18.89 -51.30 25.88
N ALA D 389 -19.04 -50.12 25.29
CA ALA D 389 -17.93 -49.38 24.72
C ALA D 389 -17.00 -48.90 25.86
N LEU D 390 -17.63 -48.26 26.84
CA LEU D 390 -16.94 -47.65 27.97
C LEU D 390 -16.65 -48.64 29.10
N ILE D 391 -17.67 -48.93 29.89
CA ILE D 391 -17.52 -49.75 31.08
C ILE D 391 -17.74 -51.24 30.83
N PHE D 392 -16.64 -51.97 30.82
CA PHE D 392 -16.67 -53.42 30.90
C PHE D 392 -15.60 -53.80 31.91
N ALA D 393 -15.67 -55.03 32.41
CA ALA D 393 -14.74 -55.51 33.40
C ALA D 393 -13.30 -55.46 32.92
N SER D 394 -12.37 -55.14 33.82
CA SER D 394 -10.95 -55.41 33.59
C SER D 394 -10.77 -56.92 33.80
N GLU D 395 -9.65 -57.46 33.34
CA GLU D 395 -9.49 -58.91 33.37
C GLU D 395 -9.49 -59.45 34.81
N ASP D 396 -8.72 -58.82 35.70
CA ASP D 396 -8.65 -59.29 37.07
C ASP D 396 -9.99 -59.11 37.79
N GLN D 397 -10.76 -58.09 37.39
CA GLN D 397 -12.11 -57.94 37.91
C GLN D 397 -12.93 -59.13 37.47
N TRP D 398 -12.76 -59.51 36.21
CA TRP D 398 -13.59 -60.58 35.63
C TRP D 398 -13.33 -61.92 36.30
N ASN D 399 -12.06 -62.16 36.63
CA ASN D 399 -11.64 -63.43 37.18
C ASN D 399 -11.76 -63.45 38.69
N ASP D 400 -12.34 -62.39 39.24
CA ASP D 400 -12.48 -62.28 40.68
C ASP D 400 -13.68 -63.09 41.16
N GLU D 401 -13.46 -63.86 42.22
CA GLU D 401 -14.42 -64.84 42.72
C GLU D 401 -15.72 -64.20 43.14
N ALA D 402 -15.63 -63.04 43.78
CA ALA D 402 -16.82 -62.26 44.15
C ALA D 402 -17.53 -61.73 42.90
N LEU D 403 -16.77 -61.23 41.94
CA LEU D 403 -17.35 -60.50 40.81
C LEU D 403 -17.76 -61.40 39.65
N ASN D 404 -16.98 -62.43 39.39
CA ASN D 404 -17.19 -63.22 38.19
C ASN D 404 -18.66 -63.61 37.87
N GLY D 405 -19.42 -63.99 38.89
CA GLY D 405 -20.79 -64.42 38.69
C GLY D 405 -21.70 -63.30 38.24
N TRP D 406 -21.42 -62.11 38.73
CA TRP D 406 -22.14 -60.91 38.35
C TRP D 406 -21.85 -60.52 36.90
N PHE D 407 -20.56 -60.40 36.59
CA PHE D 407 -20.12 -60.05 35.24
C PHE D 407 -20.68 -61.02 34.24
N GLU D 408 -20.59 -62.30 34.58
CA GLU D 408 -21.13 -63.35 33.73
C GLU D 408 -22.63 -63.17 33.52
N ARG D 409 -23.37 -62.97 34.61
CA ARG D 409 -24.81 -62.74 34.52
C ARG D 409 -25.14 -61.49 33.69
N MET D 410 -24.30 -60.47 33.79
CA MET D 410 -24.51 -59.19 33.13
C MET D 410 -24.16 -59.18 31.64
N ASN D 411 -23.32 -60.10 31.22
CA ASN D 411 -22.90 -60.14 29.82
C ASN D 411 -23.49 -61.32 29.08
N ASN D 412 -24.52 -61.89 29.69
CA ASN D 412 -25.22 -63.03 29.12
C ASN D 412 -26.02 -62.64 27.89
N GLY D 413 -25.86 -63.42 26.82
CA GLY D 413 -26.61 -63.18 25.61
C GLY D 413 -26.93 -64.45 24.86
N PRO D 414 -27.57 -64.31 23.68
CA PRO D 414 -28.02 -65.41 22.81
C PRO D 414 -26.91 -65.93 21.90
N VAL D 415 -25.73 -65.35 22.01
CA VAL D 415 -24.65 -65.62 21.06
C VAL D 415 -23.30 -65.58 21.77
N GLY D 416 -22.59 -66.71 21.78
CA GLY D 416 -21.24 -66.78 22.32
C GLY D 416 -21.12 -66.88 23.84
N GLN D 417 -19.91 -66.64 24.33
CA GLN D 417 -19.64 -66.61 25.76
C GLN D 417 -19.65 -65.18 26.29
N PRO D 418 -20.11 -64.99 27.52
CA PRO D 418 -20.30 -63.63 28.07
C PRO D 418 -19.05 -62.75 28.00
N HIS D 419 -17.88 -63.38 28.08
CA HIS D 419 -16.62 -62.67 28.08
C HIS D 419 -16.29 -62.16 26.68
N ASP D 420 -16.94 -62.73 25.67
CA ASP D 420 -16.78 -62.26 24.29
C ASP D 420 -17.18 -60.79 24.15
N ARG D 421 -18.17 -60.37 24.92
CA ARG D 421 -18.61 -58.98 24.88
C ARG D 421 -17.48 -58.07 25.34
N VAL D 422 -16.67 -58.57 26.28
CA VAL D 422 -15.50 -57.81 26.72
C VAL D 422 -14.43 -57.78 25.63
N LYS D 423 -14.26 -58.90 24.92
CA LYS D 423 -13.30 -58.96 23.82
C LYS D 423 -13.65 -57.98 22.73
N ILE D 424 -14.94 -57.88 22.45
CA ILE D 424 -15.46 -56.95 21.46
C ILE D 424 -15.26 -55.50 21.92
N GLY D 425 -15.68 -55.22 23.14
CA GLY D 425 -15.51 -53.89 23.71
C GLY D 425 -14.08 -53.38 23.73
N ARG D 426 -13.15 -54.22 24.13
CA ARG D 426 -11.72 -53.82 24.18
C ARG D 426 -11.25 -53.33 22.81
N VAL D 427 -11.84 -53.89 21.76
CA VAL D 427 -11.42 -53.55 20.42
C VAL D 427 -12.04 -52.23 19.97
N ILE D 428 -13.34 -52.10 20.17
CA ILE D 428 -14.04 -50.87 19.84
C ILE D 428 -13.40 -49.70 20.59
N ARG D 429 -13.02 -49.94 21.84
CA ARG D 429 -12.39 -48.92 22.64
C ARG D 429 -11.01 -48.53 22.09
N ASP D 430 -10.15 -49.51 21.82
CA ASP D 430 -8.80 -49.23 21.33
C ASP D 430 -8.86 -48.43 20.04
N LEU D 431 -9.75 -48.85 19.15
CA LEU D 431 -9.85 -48.30 17.82
C LEU D 431 -10.39 -46.87 17.84
N PHE D 432 -11.36 -46.61 18.70
CA PHE D 432 -12.11 -45.37 18.59
C PHE D 432 -12.09 -44.49 19.83
N LEU D 433 -11.73 -45.07 20.98
CA LEU D 433 -11.82 -44.33 22.23
C LEU D 433 -10.48 -44.05 22.93
N THR D 434 -9.36 -44.35 22.27
CA THR D 434 -8.05 -44.08 22.85
C THR D 434 -7.25 -43.06 22.04
N ASP D 435 -6.21 -42.48 22.65
CA ASP D 435 -5.28 -41.60 21.95
C ASP D 435 -4.81 -42.33 20.69
N TRP D 436 -4.56 -43.63 20.87
CA TRP D 436 -4.03 -44.50 19.82
C TRP D 436 -5.02 -44.56 18.65
N GLY D 437 -6.25 -45.00 18.91
CA GLY D 437 -7.26 -45.07 17.87
C GLY D 437 -7.51 -43.72 17.24
N ASN D 438 -7.51 -42.69 18.05
CA ASN D 438 -7.86 -41.38 17.55
C ASN D 438 -6.76 -40.77 16.71
N ARG D 439 -5.53 -41.22 16.90
CA ARG D 439 -4.47 -40.75 16.01
C ARG D 439 -4.76 -41.17 14.55
N LEU D 440 -5.28 -42.38 14.37
CA LEU D 440 -5.66 -42.83 13.03
C LEU D 440 -6.85 -41.99 12.53
N PHE D 441 -7.72 -41.59 13.44
CA PHE D 441 -8.89 -40.73 13.12
C PHE D 441 -8.44 -39.47 12.39
N VAL D 442 -7.54 -38.71 13.01
CA VAL D 442 -7.10 -37.45 12.44
C VAL D 442 -6.19 -37.69 11.26
N PHE D 443 -5.40 -38.77 11.34
CA PHE D 443 -4.44 -39.06 10.28
C PHE D 443 -5.12 -39.36 8.95
N GLU D 444 -6.34 -39.90 9.00
CA GLU D 444 -7.12 -40.14 7.79
C GLU D 444 -7.13 -38.93 6.86
N ASN D 445 -7.13 -37.73 7.45
CA ASN D 445 -7.16 -36.49 6.66
C ASN D 445 -5.80 -36.09 6.11
N PHE D 446 -4.79 -36.89 6.40
CA PHE D 446 -3.43 -36.60 6.00
C PHE D 446 -2.82 -37.76 5.23
N ASN D 447 -3.57 -38.85 5.16
CA ASN D 447 -3.15 -40.01 4.38
C ASN D 447 -3.49 -39.80 2.90
N GLY D 448 -3.11 -38.63 2.38
CA GLY D 448 -3.48 -38.23 1.05
C GLY D 448 -4.13 -36.86 1.11
N THR D 449 -4.52 -36.34 -0.04
CA THR D 449 -5.14 -35.02 -0.08
C THR D 449 -6.50 -35.00 0.66
N PRO D 450 -6.84 -33.87 1.28
CA PRO D 450 -8.08 -33.78 2.04
C PRO D 450 -9.36 -33.72 1.17
N LEU D 451 -10.50 -33.87 1.82
CA LEU D 451 -11.79 -33.77 1.15
C LEU D 451 -11.95 -32.51 0.30
N GLN D 452 -11.59 -31.36 0.87
CA GLN D 452 -11.69 -30.10 0.13
C GLN D 452 -10.80 -30.12 -1.12
N ALA D 453 -9.60 -30.68 -0.99
CA ALA D 453 -8.63 -30.70 -2.09
C ALA D 453 -9.12 -31.53 -3.28
N ILE D 454 -9.52 -32.78 -2.98
CA ILE D 454 -10.08 -33.69 -3.96
C ILE D 454 -11.13 -33.01 -4.80
N ARG D 455 -12.00 -32.27 -4.14
CA ARG D 455 -13.09 -31.61 -4.85
C ARG D 455 -12.67 -30.40 -5.67
N MET D 456 -11.63 -29.69 -5.22
CA MET D 456 -11.13 -28.54 -5.97
C MET D 456 -10.38 -29.03 -7.19
N LEU D 457 -9.68 -30.14 -7.03
CA LEU D 457 -8.93 -30.70 -8.16
C LEU D 457 -9.83 -31.14 -9.30
N THR D 458 -10.89 -31.87 -8.97
CA THR D 458 -11.78 -32.35 -10.01
C THR D 458 -12.33 -31.19 -10.84
N MET D 459 -12.68 -30.10 -10.19
CA MET D 459 -13.26 -28.95 -10.89
C MET D 459 -12.25 -28.19 -11.73
N GLN D 460 -11.01 -28.64 -11.69
CA GLN D 460 -9.96 -28.04 -12.49
C GLN D 460 -9.82 -28.85 -13.78
N ARG D 461 -10.39 -30.05 -13.79
CA ARG D 461 -10.42 -30.88 -15.00
C ARG D 461 -11.22 -30.21 -16.12
N ALA D 462 -10.68 -30.26 -17.34
CA ALA D 462 -11.30 -29.60 -18.48
C ALA D 462 -12.62 -30.27 -18.90
N GLU D 463 -12.72 -31.57 -18.67
CA GLU D 463 -13.90 -32.32 -19.07
C GLU D 463 -15.16 -31.88 -18.31
N PHE D 464 -14.95 -31.18 -17.20
CA PHE D 464 -16.05 -30.69 -16.37
C PHE D 464 -16.38 -29.22 -16.65
N SER D 465 -15.99 -28.74 -17.83
CA SER D 465 -16.31 -27.38 -18.24
C SER D 465 -17.62 -27.39 -19.04
N ALA D 466 -18.14 -26.18 -19.28
CA ALA D 466 -19.46 -25.97 -19.90
C ALA D 466 -19.59 -26.59 -21.29
N ALA D 467 -18.53 -26.51 -22.08
CA ALA D 467 -18.55 -27.06 -23.43
C ALA D 467 -17.82 -28.43 -23.53
N GLY D 468 -17.29 -28.90 -22.41
CA GLY D 468 -16.66 -30.21 -22.34
C GLY D 468 -17.62 -31.38 -22.44
N PRO D 469 -17.10 -32.59 -22.66
CA PRO D 469 -17.88 -33.80 -22.94
C PRO D 469 -18.85 -34.20 -21.82
N TYR D 470 -18.50 -33.97 -20.56
CA TYR D 470 -19.38 -34.38 -19.47
C TYR D 470 -20.77 -33.76 -19.56
N GLY D 471 -20.85 -32.44 -19.71
CA GLY D 471 -22.13 -31.74 -19.77
C GLY D 471 -22.91 -31.91 -21.07
N THR D 472 -22.59 -32.96 -21.82
CA THR D 472 -23.24 -33.22 -23.09
C THR D 472 -24.74 -33.47 -22.92
N LEU D 473 -25.11 -34.31 -21.96
CA LEU D 473 -26.51 -34.66 -21.77
C LEU D 473 -27.37 -33.43 -21.43
N ALA D 474 -26.85 -32.59 -20.53
CA ALA D 474 -27.51 -31.36 -20.11
C ALA D 474 -27.67 -30.37 -21.26
N ARG D 475 -26.63 -30.20 -22.08
CA ARG D 475 -26.75 -29.31 -23.22
C ARG D 475 -27.81 -29.83 -24.15
N LYS D 476 -27.90 -31.15 -24.28
CA LYS D 476 -28.91 -31.69 -25.20
C LYS D 476 -30.33 -31.48 -24.67
N VAL D 477 -30.55 -31.83 -23.40
CA VAL D 477 -31.83 -31.65 -22.76
C VAL D 477 -32.29 -30.17 -22.78
N CYS D 478 -31.34 -29.25 -22.72
CA CYS D 478 -31.63 -27.81 -22.73
C CYS D 478 -31.83 -27.20 -24.11
N GLY D 479 -31.48 -27.93 -25.17
CA GLY D 479 -31.51 -27.39 -26.52
C GLY D 479 -30.46 -26.31 -26.79
N ILE D 480 -29.27 -26.50 -26.27
CA ILE D 480 -28.19 -25.54 -26.42
C ILE D 480 -27.01 -26.11 -27.20
N GLU D 481 -26.44 -25.29 -28.09
CA GLU D 481 -25.14 -25.61 -28.67
C GLU D 481 -24.04 -24.73 -28.07
N LEU D 482 -22.81 -25.20 -28.22
CA LEU D 482 -21.67 -24.60 -27.54
C LEU D 482 -20.95 -23.55 -28.41
N THR D 483 -20.37 -24.00 -29.52
CA THR D 483 -19.70 -23.11 -30.47
C THR D 483 -19.99 -23.50 -31.92
#